data_8QN5
#
_entry.id   8QN5
#
_cell.length_a   95.635
_cell.length_b   83.064
_cell.length_c   126.258
_cell.angle_alpha   90
_cell.angle_beta   111.66
_cell.angle_gamma   90
#
_symmetry.space_group_name_H-M   'P 1 21 1'
#
loop_
_entity.id
_entity.type
_entity.pdbx_description
1 polymer 'Salicylate synthase'
2 non-polymer '3-{[(1Z)-1-carboxyprop-1-en-1-yl]oxy}-2-hydroxybenzoic acid'
3 non-polymer GLYCEROL
4 non-polymer 'CITRATE ANION'
5 non-polymer 'AMMONIUM ION'
6 water water
#
_entity_poly.entity_id   1
_entity_poly.type   'polypeptide(L)'
_entity_poly.pdbx_seq_one_letter_code
;HMSELSVATGAVSTASSSIPMPAGVNPADLAAELAAVVTESVDEDYLLYECDGQWVLAAGVQAMVELDSDELRVIRDGVT
RRQQWSGRPGAALGEAVDRLLLETDQAFGWVAFEFGVHRYGLQQRLAPHTPLARVFSPRTRIMVSEKEIRLFDAGIRHRE
AIDRLLATGVREVPQSRSVDVSDDPSGFRRRVAVAVDEIAAGRYHKVILSRCVEVPFAIDFPLTYRLGRRHNTPVRSFLL
QLGGIRALGYSPELVTAVRADGVVITEPLAGTRALGRGPAIDRLARDDLESNSKEIVEHAISVRSSLEEITDIAEPGSAA
VIDFMTVRERGSVQHLGSTIRARLDPSSDRMAALEALFPAVTASGIPKAAGVEAIFRLDECPRGLYSGAVVMLSADGGLD
AALTLRAAYQVGGRTWLRAGAGIIEESEPEREFEETCEKLSTLTPYLVARQ
;
_entity_poly.pdbx_strand_id   A,B,C,D
#
loop_
_chem_comp.id
_chem_comp.type
_chem_comp.name
_chem_comp.formula
0GA non-polymer '3-{[(1Z)-1-carboxyprop-1-en-1-yl]oxy}-2-hydroxybenzoic acid' 'C11 H10 O6'
FLC non-polymer 'CITRATE ANION' 'C6 H5 O7 -3'
GOL non-polymer GLYCEROL 'C3 H8 O3'
NH4 non-polymer 'AMMONIUM ION' 'H4 N 1'
#
# COMPACT_ATOMS: atom_id res chain seq x y z
N SER A 17 -27.20 -30.89 -32.43
CA SER A 17 -26.96 -30.96 -33.88
C SER A 17 -25.52 -31.39 -34.18
N SER A 18 -25.27 -31.94 -35.38
CA SER A 18 -23.94 -32.42 -35.73
C SER A 18 -23.56 -32.05 -37.15
N ILE A 19 -22.29 -31.67 -37.36
CA ILE A 19 -21.75 -31.30 -38.68
C ILE A 19 -20.55 -32.18 -38.96
N PRO A 20 -20.52 -32.90 -40.09
CA PRO A 20 -19.34 -33.73 -40.36
C PRO A 20 -18.07 -32.89 -40.46
N MET A 21 -16.98 -33.40 -39.90
CA MET A 21 -15.69 -32.71 -39.97
C MET A 21 -15.13 -32.90 -41.37
N PRO A 22 -14.82 -31.83 -42.08
CA PRO A 22 -14.26 -32.00 -43.43
C PRO A 22 -12.84 -32.60 -43.39
N ALA A 23 -12.45 -33.26 -44.49
CA ALA A 23 -11.12 -33.87 -44.59
C ALA A 23 -10.02 -32.80 -44.53
N GLY A 24 -8.89 -33.15 -43.92
CA GLY A 24 -7.75 -32.24 -43.84
C GLY A 24 -7.88 -31.09 -42.84
N VAL A 25 -8.87 -31.18 -41.95
CA VAL A 25 -9.07 -30.12 -40.94
C VAL A 25 -8.75 -30.69 -39.60
N ASN A 26 -7.76 -30.13 -38.93
CA ASN A 26 -7.33 -30.64 -37.64
C ASN A 26 -8.26 -30.14 -36.53
N PRO A 27 -8.76 -31.05 -35.67
CA PRO A 27 -9.71 -30.59 -34.63
C PRO A 27 -9.12 -29.53 -33.68
N ALA A 28 -7.83 -29.65 -33.28
CA ALA A 28 -7.27 -28.66 -32.34
C ALA A 28 -7.27 -27.26 -32.98
N ASP A 29 -6.92 -27.21 -34.28
CA ASP A 29 -6.87 -25.93 -34.99
C ASP A 29 -8.25 -25.34 -35.13
N LEU A 30 -9.23 -26.15 -35.57
CA LEU A 30 -10.59 -25.65 -35.73
C LEU A 30 -11.18 -25.17 -34.41
N ALA A 31 -11.02 -25.96 -33.34
CA ALA A 31 -11.59 -25.60 -32.04
C ALA A 31 -10.97 -24.31 -31.50
N ALA A 32 -9.62 -24.16 -31.61
CA ALA A 32 -8.97 -22.95 -31.10
C ALA A 32 -9.34 -21.72 -31.95
N GLU A 33 -9.49 -21.92 -33.27
CA GLU A 33 -9.87 -20.80 -34.16
C GLU A 33 -11.34 -20.38 -33.88
N LEU A 34 -12.19 -21.37 -33.62
CA LEU A 34 -13.60 -21.09 -33.31
C LEU A 34 -13.68 -20.33 -31.99
N ALA A 35 -12.91 -20.76 -30.98
CA ALA A 35 -12.85 -20.09 -29.69
C ALA A 35 -12.41 -18.64 -29.86
N ALA A 36 -11.37 -18.41 -30.68
CA ALA A 36 -10.89 -17.06 -30.90
C ALA A 36 -11.94 -16.19 -31.56
N VAL A 37 -12.56 -16.65 -32.67
CA VAL A 37 -13.40 -15.75 -33.44
C VAL A 37 -14.78 -15.56 -32.84
N VAL A 38 -15.44 -16.67 -32.47
CA VAL A 38 -16.83 -16.52 -32.07
C VAL A 38 -16.96 -15.79 -30.75
N THR A 39 -16.07 -16.10 -29.79
CA THR A 39 -16.24 -15.49 -28.47
C THR A 39 -15.93 -14.00 -28.52
N GLU A 40 -14.97 -13.59 -29.39
CA GLU A 40 -14.69 -12.16 -29.50
C GLU A 40 -15.90 -11.46 -30.14
N SER A 41 -16.50 -12.09 -31.17
CA SER A 41 -17.63 -11.49 -31.87
CA SER A 41 -17.65 -11.52 -31.87
C SER A 41 -18.85 -11.30 -30.95
N VAL A 42 -19.17 -12.34 -30.12
CA VAL A 42 -20.35 -12.22 -29.28
C VAL A 42 -20.07 -11.66 -27.87
N ASP A 43 -18.80 -11.40 -27.52
CA ASP A 43 -18.40 -10.81 -26.25
C ASP A 43 -18.63 -11.79 -25.10
N GLU A 44 -17.91 -12.93 -25.15
CA GLU A 44 -18.06 -13.88 -24.04
C GLU A 44 -16.73 -14.55 -23.69
N ASP A 45 -16.66 -14.97 -22.42
CA ASP A 45 -15.54 -15.77 -21.91
C ASP A 45 -15.71 -17.23 -22.41
N TYR A 46 -14.66 -18.04 -22.24
CA TYR A 46 -14.74 -19.44 -22.69
C TYR A 46 -13.65 -20.28 -22.07
N LEU A 47 -13.83 -21.59 -22.17
CA LEU A 47 -12.81 -22.55 -21.76
C LEU A 47 -12.91 -23.68 -22.77
N LEU A 48 -11.78 -24.01 -23.41
CA LEU A 48 -11.67 -25.11 -24.39
C LEU A 48 -10.89 -26.21 -23.72
N TYR A 49 -11.42 -27.42 -23.69
CA TYR A 49 -10.80 -28.53 -22.96
C TYR A 49 -10.69 -29.73 -23.89
N GLU A 50 -9.48 -30.21 -24.07
CA GLU A 50 -9.26 -31.41 -24.91
C GLU A 50 -9.26 -32.62 -24.00
N CYS A 51 -10.13 -33.59 -24.31
CA CYS A 51 -10.27 -34.80 -23.49
C CYS A 51 -10.61 -35.97 -24.39
N ASP A 52 -9.65 -36.90 -24.52
CA ASP A 52 -9.80 -38.17 -25.29
C ASP A 52 -10.36 -37.93 -26.70
N GLY A 53 -9.72 -37.03 -27.46
CA GLY A 53 -10.09 -36.78 -28.85
C GLY A 53 -11.23 -35.81 -29.06
N GLN A 54 -11.81 -35.30 -27.97
CA GLN A 54 -12.88 -34.29 -28.08
C GLN A 54 -12.35 -32.97 -27.59
N TRP A 55 -12.46 -31.93 -28.43
CA TRP A 55 -12.13 -30.57 -28.01
C TRP A 55 -13.45 -29.90 -27.66
N VAL A 56 -13.70 -29.73 -26.38
CA VAL A 56 -14.96 -29.18 -25.91
C VAL A 56 -14.84 -27.70 -25.64
N LEU A 57 -15.50 -26.91 -26.45
CA LEU A 57 -15.51 -25.48 -26.25
C LEU A 57 -16.75 -25.10 -25.43
N ALA A 58 -16.53 -24.62 -24.21
CA ALA A 58 -17.59 -24.15 -23.31
C ALA A 58 -17.59 -22.64 -23.43
N ALA A 59 -18.57 -22.08 -24.12
CA ALA A 59 -18.58 -20.64 -24.39
C ALA A 59 -19.71 -19.93 -23.67
N GLY A 60 -19.42 -18.75 -23.14
CA GLY A 60 -20.39 -17.93 -22.45
C GLY A 60 -20.62 -18.43 -21.04
N VAL A 61 -21.00 -17.53 -20.14
CA VAL A 61 -21.19 -17.89 -18.74
C VAL A 61 -22.66 -17.78 -18.35
N GLN A 62 -23.29 -18.92 -18.09
CA GLN A 62 -24.68 -18.93 -17.62
C GLN A 62 -24.66 -18.57 -16.11
N ALA A 63 -23.70 -19.18 -15.36
CA ALA A 63 -23.50 -18.87 -13.97
C ALA A 63 -22.04 -19.19 -13.62
N MET A 64 -21.47 -18.45 -12.69
CA MET A 64 -20.10 -18.60 -12.26
C MET A 64 -20.03 -18.82 -10.76
N VAL A 65 -19.24 -19.80 -10.35
CA VAL A 65 -18.97 -20.09 -8.95
C VAL A 65 -17.53 -19.66 -8.71
N GLU A 66 -17.29 -18.76 -7.75
CA GLU A 66 -15.96 -18.29 -7.41
C GLU A 66 -15.69 -18.67 -5.98
N LEU A 67 -14.79 -19.62 -5.78
CA LEU A 67 -14.45 -19.99 -4.43
C LEU A 67 -13.12 -19.34 -4.09
N ASP A 68 -13.11 -18.49 -3.06
CA ASP A 68 -11.91 -17.89 -2.51
C ASP A 68 -11.62 -18.46 -1.10
N SER A 69 -10.46 -18.16 -0.57
CA SER A 69 -10.10 -18.66 0.78
C SER A 69 -11.10 -18.17 1.85
N ASP A 70 -11.66 -16.97 1.66
CA ASP A 70 -12.51 -16.33 2.67
C ASP A 70 -13.92 -16.00 2.24
N GLU A 71 -14.35 -16.48 1.07
CA GLU A 71 -15.69 -16.19 0.58
C GLU A 71 -16.00 -17.08 -0.60
N LEU A 72 -17.26 -17.39 -0.77
CA LEU A 72 -17.79 -18.11 -1.93
C LEU A 72 -18.82 -17.22 -2.58
N ARG A 73 -18.69 -17.00 -3.90
CA ARG A 73 -19.65 -16.18 -4.66
C ARG A 73 -20.27 -16.99 -5.77
N VAL A 74 -21.59 -16.76 -6.02
CA VAL A 74 -22.23 -17.37 -7.16
C VAL A 74 -22.83 -16.22 -7.94
N ILE A 75 -22.45 -16.09 -9.22
CA ILE A 75 -22.85 -14.94 -10.02
C ILE A 75 -23.71 -15.42 -11.16
N ARG A 76 -24.92 -14.86 -11.24
CA ARG A 76 -25.86 -15.28 -12.24
C ARG A 76 -26.73 -14.10 -12.63
N ASP A 77 -26.80 -13.83 -13.93
CA ASP A 77 -27.60 -12.75 -14.50
C ASP A 77 -27.19 -11.40 -13.94
N GLY A 78 -25.89 -11.20 -13.79
CA GLY A 78 -25.35 -9.95 -13.26
C GLY A 78 -25.50 -9.76 -11.77
N VAL A 79 -26.03 -10.77 -11.05
CA VAL A 79 -26.25 -10.64 -9.63
C VAL A 79 -25.30 -11.57 -8.89
N THR A 80 -24.57 -11.06 -7.91
CA THR A 80 -23.66 -11.84 -7.08
C THR A 80 -24.26 -12.17 -5.72
N ARG A 81 -24.24 -13.46 -5.37
CA ARG A 81 -24.63 -13.95 -4.04
C ARG A 81 -23.33 -14.32 -3.32
N ARG A 82 -23.03 -13.65 -2.20
CA ARG A 82 -21.81 -13.90 -1.45
C ARG A 82 -22.11 -14.69 -0.18
N GLN A 83 -21.18 -15.54 0.26
CA GLN A 83 -21.36 -16.27 1.49
C GLN A 83 -20.05 -16.62 2.10
N GLN A 84 -20.04 -16.66 3.42
CA GLN A 84 -18.90 -17.18 4.14
C GLN A 84 -19.01 -18.71 4.13
N TRP A 85 -17.89 -19.39 4.18
CA TRP A 85 -17.86 -20.85 4.24
C TRP A 85 -16.75 -21.30 5.19
N SER A 86 -16.92 -22.46 5.77
CA SER A 86 -15.89 -23.06 6.62
C SER A 86 -15.86 -24.58 6.30
N GLY A 87 -14.90 -25.29 6.86
CA GLY A 87 -14.81 -26.72 6.59
C GLY A 87 -14.13 -26.97 5.27
N ARG A 88 -14.41 -28.12 4.63
CA ARG A 88 -13.64 -28.49 3.44
C ARG A 88 -13.98 -27.66 2.22
N PRO A 89 -12.96 -27.18 1.50
CA PRO A 89 -13.25 -26.40 0.27
C PRO A 89 -14.00 -27.23 -0.77
N GLY A 90 -13.70 -28.53 -0.84
CA GLY A 90 -14.40 -29.41 -1.77
C GLY A 90 -15.90 -29.48 -1.50
N ALA A 91 -16.31 -29.49 -0.23
CA ALA A 91 -17.74 -29.50 0.12
C ALA A 91 -18.41 -28.19 -0.32
N ALA A 92 -17.76 -27.06 -0.06
CA ALA A 92 -18.29 -25.74 -0.41
C ALA A 92 -18.44 -25.64 -1.96
N LEU A 93 -17.38 -26.00 -2.68
CA LEU A 93 -17.40 -25.93 -4.14
C LEU A 93 -18.42 -26.91 -4.71
N GLY A 94 -18.41 -28.15 -4.20
CA GLY A 94 -19.30 -29.20 -4.69
C GLY A 94 -20.76 -28.85 -4.55
N GLU A 95 -21.15 -28.28 -3.40
CA GLU A 95 -22.56 -27.91 -3.21
C GLU A 95 -23.00 -26.87 -4.25
N ALA A 96 -22.17 -25.86 -4.47
CA ALA A 96 -22.49 -24.81 -5.44
C ALA A 96 -22.49 -25.35 -6.90
N VAL A 97 -21.52 -26.19 -7.24
CA VAL A 97 -21.42 -26.71 -8.62
C VAL A 97 -22.56 -27.70 -8.89
N ASP A 98 -22.96 -28.51 -7.87
CA ASP A 98 -24.11 -29.41 -8.05
C ASP A 98 -25.38 -28.59 -8.41
N ARG A 99 -25.55 -27.38 -7.82
CA ARG A 99 -26.71 -26.54 -8.17
C ARG A 99 -26.62 -26.07 -9.65
N LEU A 100 -25.41 -25.70 -10.12
CA LEU A 100 -25.24 -25.34 -11.54
C LEU A 100 -25.69 -26.48 -12.47
N LEU A 101 -25.31 -27.72 -12.08
CA LEU A 101 -25.56 -28.92 -12.89
C LEU A 101 -27.00 -29.41 -12.84
N LEU A 102 -27.85 -28.80 -12.01
CA LEU A 102 -29.30 -29.08 -12.09
C LEU A 102 -29.87 -28.41 -13.36
N GLU A 103 -29.22 -27.36 -13.89
CA GLU A 103 -29.74 -26.60 -15.03
C GLU A 103 -29.00 -26.83 -16.34
N THR A 104 -27.74 -27.27 -16.27
CA THR A 104 -26.91 -27.51 -17.45
C THR A 104 -26.21 -28.87 -17.31
N ASP A 105 -25.88 -29.50 -18.42
CA ASP A 105 -25.28 -30.83 -18.41
C ASP A 105 -23.80 -30.88 -18.00
N GLN A 106 -23.06 -29.77 -18.23
CA GLN A 106 -21.65 -29.77 -17.86
C GLN A 106 -21.19 -28.44 -17.29
N ALA A 107 -20.14 -28.46 -16.50
CA ALA A 107 -19.51 -27.25 -15.95
C ALA A 107 -18.02 -27.38 -16.13
N PHE A 108 -17.33 -26.24 -16.23
CA PHE A 108 -15.90 -26.24 -16.51
C PHE A 108 -15.18 -25.21 -15.65
N GLY A 109 -13.88 -25.37 -15.49
CA GLY A 109 -13.14 -24.33 -14.79
C GLY A 109 -11.77 -24.74 -14.36
N TRP A 110 -11.27 -24.02 -13.38
CA TRP A 110 -9.92 -24.30 -12.89
C TRP A 110 -9.92 -24.31 -11.38
N VAL A 111 -9.01 -25.07 -10.83
CA VAL A 111 -8.83 -25.20 -9.40
C VAL A 111 -7.37 -24.85 -9.12
N ALA A 112 -7.11 -23.96 -8.16
CA ALA A 112 -5.77 -23.50 -7.83
C ALA A 112 -5.04 -24.55 -7.03
N PHE A 113 -3.72 -24.49 -7.03
CA PHE A 113 -2.92 -25.28 -6.08
C PHE A 113 -3.42 -25.11 -4.63
N GLU A 114 -3.81 -23.83 -4.26
CA GLU A 114 -4.27 -23.51 -2.91
C GLU A 114 -5.56 -24.23 -2.47
N PHE A 115 -6.33 -24.77 -3.41
CA PHE A 115 -7.48 -25.60 -3.06
C PHE A 115 -7.05 -26.83 -2.21
N GLY A 116 -5.82 -27.31 -2.41
CA GLY A 116 -5.39 -28.54 -1.71
C GLY A 116 -4.74 -28.34 -0.36
N VAL A 117 -4.71 -27.10 0.18
CA VAL A 117 -3.93 -26.89 1.43
C VAL A 117 -4.74 -27.08 2.70
N HIS A 118 -6.07 -26.96 2.63
CA HIS A 118 -6.94 -27.11 3.79
CA HIS A 118 -6.92 -27.11 3.81
C HIS A 118 -6.79 -28.50 4.41
N ARG A 119 -6.66 -29.53 3.55
CA ARG A 119 -6.50 -30.91 3.95
CA ARG A 119 -6.55 -30.89 4.05
C ARG A 119 -5.28 -31.09 4.91
N TYR A 120 -4.26 -30.24 4.74
CA TYR A 120 -3.03 -30.34 5.47
C TYR A 120 -2.93 -29.31 6.62
N GLY A 121 -4.05 -28.66 6.96
CA GLY A 121 -4.10 -27.72 8.07
C GLY A 121 -3.42 -26.41 7.78
N LEU A 122 -3.21 -26.08 6.49
CA LEU A 122 -2.46 -24.85 6.15
C LEU A 122 -3.30 -23.69 5.65
N GLN A 123 -4.64 -23.79 5.74
CA GLN A 123 -5.57 -22.77 5.26
CA GLN A 123 -5.53 -22.75 5.20
C GLN A 123 -5.30 -21.36 5.84
N GLN A 124 -4.95 -21.31 7.10
CA GLN A 124 -4.73 -20.03 7.79
C GLN A 124 -3.52 -19.26 7.19
N ARG A 125 -2.63 -19.94 6.45
CA ARG A 125 -1.50 -19.26 5.82
C ARG A 125 -1.85 -18.58 4.47
N LEU A 126 -3.08 -18.75 3.97
CA LEU A 126 -3.51 -18.09 2.75
C LEU A 126 -3.87 -16.64 3.01
N ALA A 127 -3.44 -15.73 2.14
CA ALA A 127 -3.80 -14.34 2.29
C ALA A 127 -5.28 -14.16 2.04
N PRO A 128 -5.89 -13.08 2.57
CA PRO A 128 -7.29 -12.79 2.20
C PRO A 128 -7.49 -12.75 0.68
N HIS A 129 -8.67 -13.18 0.23
CA HIS A 129 -9.09 -13.17 -1.15
C HIS A 129 -8.21 -14.08 -2.04
N THR A 130 -7.62 -15.14 -1.49
CA THR A 130 -6.85 -16.07 -2.33
C THR A 130 -7.81 -16.93 -3.16
N PRO A 131 -7.71 -16.92 -4.49
CA PRO A 131 -8.60 -17.76 -5.30
C PRO A 131 -8.31 -19.23 -5.10
N LEU A 132 -9.37 -20.00 -4.92
CA LEU A 132 -9.25 -21.45 -4.83
C LEU A 132 -9.79 -22.17 -6.08
N ALA A 133 -10.90 -21.67 -6.64
CA ALA A 133 -11.49 -22.32 -7.83
C ALA A 133 -12.43 -21.35 -8.53
N ARG A 134 -12.56 -21.57 -9.84
CA ARG A 134 -13.53 -20.82 -10.68
C ARG A 134 -14.20 -21.86 -11.55
N VAL A 135 -15.51 -22.05 -11.42
CA VAL A 135 -16.23 -23.07 -12.18
C VAL A 135 -17.49 -22.47 -12.73
N PHE A 136 -17.73 -22.64 -14.02
CA PHE A 136 -18.93 -22.03 -14.62
C PHE A 136 -19.73 -23.02 -15.46
N SER A 137 -21.03 -22.76 -15.58
CA SER A 137 -21.86 -23.46 -16.52
C SER A 137 -21.87 -22.59 -17.80
N PRO A 138 -21.62 -23.18 -18.95
CA PRO A 138 -21.56 -22.40 -20.19
C PRO A 138 -22.94 -22.16 -20.80
N ARG A 139 -23.06 -21.14 -21.65
CA ARG A 139 -24.32 -20.91 -22.38
C ARG A 139 -24.38 -21.79 -23.65
N THR A 140 -23.20 -22.13 -24.22
CA THR A 140 -23.10 -22.92 -25.44
C THR A 140 -21.96 -23.87 -25.34
N ARG A 141 -22.13 -25.09 -25.90
CA ARG A 141 -21.01 -26.01 -25.97
C ARG A 141 -20.85 -26.49 -27.38
N ILE A 142 -19.61 -26.47 -27.89
CA ILE A 142 -19.31 -26.98 -29.23
C ILE A 142 -18.23 -28.04 -29.05
N MET A 143 -18.47 -29.28 -29.51
CA MET A 143 -17.46 -30.34 -29.33
C MET A 143 -16.89 -30.70 -30.67
N VAL A 144 -15.58 -30.57 -30.83
CA VAL A 144 -14.93 -30.81 -32.10
C VAL A 144 -14.04 -32.03 -32.02
N SER A 145 -14.25 -32.99 -32.92
CA SER A 145 -13.41 -34.17 -32.98
C SER A 145 -12.96 -34.43 -34.46
N GLU A 146 -12.11 -35.46 -34.70
CA GLU A 146 -11.73 -35.80 -36.07
C GLU A 146 -12.97 -36.18 -36.92
N LYS A 147 -14.03 -36.71 -36.28
CA LYS A 147 -15.23 -37.16 -36.98
C LYS A 147 -16.26 -36.05 -37.26
N GLU A 148 -16.57 -35.22 -36.23
CA GLU A 148 -17.64 -34.25 -36.37
C GLU A 148 -17.55 -33.10 -35.39
N ILE A 149 -18.40 -32.11 -35.63
CA ILE A 149 -18.62 -30.96 -34.74
C ILE A 149 -20.03 -31.11 -34.15
N ARG A 150 -20.14 -31.26 -32.84
CA ARG A 150 -21.44 -31.37 -32.17
C ARG A 150 -21.80 -30.05 -31.50
N LEU A 151 -23.03 -29.59 -31.69
CA LEU A 151 -23.47 -28.31 -31.16
C LEU A 151 -24.54 -28.48 -30.08
N PHE A 152 -24.34 -27.83 -28.92
CA PHE A 152 -25.30 -27.84 -27.80
C PHE A 152 -25.70 -26.40 -27.45
N ASP A 153 -26.99 -26.06 -27.60
CA ASP A 153 -27.51 -24.71 -27.30
C ASP A 153 -26.74 -23.63 -28.08
N ALA A 154 -26.42 -23.93 -29.34
CA ALA A 154 -25.74 -22.96 -30.19
C ALA A 154 -26.75 -22.14 -30.93
N GLY A 155 -26.74 -20.83 -30.71
CA GLY A 155 -27.66 -19.95 -31.41
C GLY A 155 -27.14 -19.56 -32.78
N ILE A 156 -27.88 -18.64 -33.43
CA ILE A 156 -27.59 -18.22 -34.79
C ILE A 156 -26.13 -17.71 -34.98
N ARG A 157 -25.63 -16.82 -34.10
CA ARG A 157 -24.28 -16.27 -34.28
C ARG A 157 -23.21 -17.31 -34.10
N HIS A 158 -23.41 -18.25 -33.13
CA HIS A 158 -22.41 -19.31 -32.94
C HIS A 158 -22.41 -20.25 -34.17
N ARG A 159 -23.60 -20.62 -34.68
CA ARG A 159 -23.67 -21.48 -35.87
C ARG A 159 -23.05 -20.79 -37.11
N GLU A 160 -23.31 -19.49 -37.27
CA GLU A 160 -22.75 -18.75 -38.41
C GLU A 160 -21.22 -18.71 -38.33
N ALA A 161 -20.64 -18.63 -37.11
CA ALA A 161 -19.18 -18.61 -36.98
C ALA A 161 -18.59 -19.95 -37.40
N ILE A 162 -19.24 -21.06 -37.05
CA ILE A 162 -18.76 -22.38 -37.42
C ILE A 162 -18.82 -22.52 -38.96
N ASP A 163 -19.94 -22.12 -39.56
CA ASP A 163 -20.09 -22.19 -41.01
C ASP A 163 -19.03 -21.35 -41.73
N ARG A 164 -18.78 -20.12 -41.23
CA ARG A 164 -17.78 -19.24 -41.85
C ARG A 164 -16.40 -19.85 -41.76
N LEU A 165 -16.08 -20.46 -40.61
CA LEU A 165 -14.75 -21.03 -40.41
C LEU A 165 -14.53 -22.24 -41.31
N LEU A 166 -15.56 -23.05 -41.54
CA LEU A 166 -15.44 -24.19 -42.44
C LEU A 166 -15.22 -23.67 -43.90
N ALA A 167 -15.77 -22.49 -44.24
CA ALA A 167 -15.59 -21.92 -45.58
C ALA A 167 -14.21 -21.23 -45.75
N THR A 168 -13.78 -20.44 -44.78
CA THR A 168 -12.51 -19.70 -44.87
C THR A 168 -11.29 -20.53 -44.52
N GLY A 169 -11.49 -21.55 -43.69
CA GLY A 169 -10.37 -22.33 -43.20
C GLY A 169 -9.74 -21.61 -42.02
N VAL A 170 -8.83 -22.29 -41.33
CA VAL A 170 -8.17 -21.69 -40.19
C VAL A 170 -7.07 -20.75 -40.68
N ARG A 171 -6.71 -19.78 -39.85
CA ARG A 171 -5.62 -18.86 -40.15
C ARG A 171 -4.29 -19.62 -40.17
N GLU A 172 -3.33 -19.12 -40.96
CA GLU A 172 -1.97 -19.62 -40.90
C GLU A 172 -1.38 -19.16 -39.54
N VAL A 173 -0.63 -20.01 -38.86
CA VAL A 173 0.00 -19.62 -37.61
C VAL A 173 1.24 -18.79 -37.95
N PRO A 174 1.31 -17.55 -37.43
CA PRO A 174 2.51 -16.73 -37.67
C PRO A 174 3.78 -17.31 -37.02
N GLN A 175 4.95 -16.78 -37.42
CA GLN A 175 6.23 -17.14 -36.84
C GLN A 175 6.22 -16.78 -35.33
N SER A 176 6.87 -17.59 -34.51
CA SER A 176 6.92 -17.35 -33.07
C SER A 176 8.03 -16.32 -32.73
N ARG A 177 8.00 -15.80 -31.51
CA ARG A 177 8.96 -14.83 -31.00
C ARG A 177 9.67 -15.41 -29.79
N SER A 178 11.01 -15.35 -29.79
CA SER A 178 11.78 -15.96 -28.72
C SER A 178 11.69 -15.24 -27.36
N VAL A 179 12.00 -15.98 -26.30
CA VAL A 179 12.02 -15.49 -24.92
C VAL A 179 13.25 -16.06 -24.23
N ASP A 180 13.90 -15.25 -23.44
CA ASP A 180 15.09 -15.68 -22.69
C ASP A 180 14.66 -16.22 -21.35
N VAL A 181 15.03 -17.48 -21.05
CA VAL A 181 14.66 -18.08 -19.75
C VAL A 181 15.88 -18.35 -18.87
N SER A 182 17.06 -17.78 -19.23
CA SER A 182 18.32 -18.05 -18.53
C SER A 182 18.50 -17.25 -17.24
N ASP A 183 17.74 -16.16 -17.05
CA ASP A 183 17.92 -15.37 -15.82
C ASP A 183 17.22 -16.06 -14.64
N ASP A 184 17.66 -15.77 -13.41
CA ASP A 184 17.05 -16.38 -12.23
C ASP A 184 16.63 -15.28 -11.21
N PRO A 185 15.71 -14.37 -11.56
CA PRO A 185 15.37 -13.27 -10.64
C PRO A 185 14.70 -13.70 -9.32
N SER A 186 14.03 -14.87 -9.31
CA SER A 186 13.39 -15.35 -8.09
C SER A 186 14.33 -16.25 -7.22
N GLY A 187 15.60 -16.40 -7.60
CA GLY A 187 16.56 -17.17 -6.81
C GLY A 187 16.21 -18.64 -6.66
N PHE A 188 15.74 -19.26 -7.76
CA PHE A 188 15.42 -20.70 -7.79
C PHE A 188 16.60 -21.55 -7.32
N ARG A 189 17.85 -21.23 -7.78
CA ARG A 189 19.00 -22.05 -7.37
C ARG A 189 19.18 -22.00 -5.84
N ARG A 190 19.02 -20.81 -5.22
CA ARG A 190 19.14 -20.66 -3.77
C ARG A 190 18.00 -21.44 -3.04
N ARG A 191 16.79 -21.33 -3.57
CA ARG A 191 15.62 -22.01 -2.99
C ARG A 191 15.77 -23.54 -3.06
N VAL A 192 16.30 -24.08 -4.18
CA VAL A 192 16.60 -25.51 -4.28
C VAL A 192 17.59 -25.93 -3.16
N ALA A 193 18.66 -25.13 -2.96
CA ALA A 193 19.67 -25.45 -1.92
C ALA A 193 19.01 -25.53 -0.52
N VAL A 194 18.06 -24.62 -0.23
CA VAL A 194 17.36 -24.66 1.07
C VAL A 194 16.56 -25.96 1.19
N ALA A 195 15.85 -26.33 0.10
CA ALA A 195 15.07 -27.58 0.12
C ALA A 195 15.98 -28.80 0.31
N VAL A 196 17.13 -28.82 -0.38
CA VAL A 196 18.10 -29.93 -0.25
C VAL A 196 18.58 -30.04 1.22
N ASP A 197 18.79 -28.90 1.88
CA ASP A 197 19.23 -28.87 3.27
C ASP A 197 18.13 -29.42 4.21
N GLU A 198 16.85 -29.06 3.93
CA GLU A 198 15.72 -29.55 4.71
C GLU A 198 15.52 -31.05 4.53
N ILE A 199 15.72 -31.54 3.31
CA ILE A 199 15.60 -32.98 3.01
C ILE A 199 16.70 -33.72 3.74
N ALA A 200 17.93 -33.20 3.71
CA ALA A 200 19.04 -33.82 4.48
C ALA A 200 18.76 -33.86 5.99
N ALA A 201 18.03 -32.88 6.52
CA ALA A 201 17.64 -32.83 7.92
C ALA A 201 16.40 -33.78 8.23
N GLY A 202 15.89 -34.48 7.23
CA GLY A 202 14.79 -35.42 7.36
C GLY A 202 13.41 -34.79 7.43
N ARG A 203 13.27 -33.51 6.98
CA ARG A 203 11.97 -32.86 7.07
C ARG A 203 10.95 -33.48 6.11
N TYR A 204 11.44 -33.95 4.94
CA TYR A 204 10.61 -34.56 3.91
C TYR A 204 11.55 -35.24 2.87
N HIS A 205 10.98 -36.01 1.94
CA HIS A 205 11.75 -36.75 0.97
C HIS A 205 11.95 -35.98 -0.33
N LYS A 206 10.89 -35.29 -0.76
CA LYS A 206 10.92 -34.59 -2.03
C LYS A 206 10.00 -33.41 -2.03
N VAL A 207 10.40 -32.35 -2.74
CA VAL A 207 9.50 -31.19 -2.93
C VAL A 207 9.72 -30.69 -4.36
N ILE A 208 8.65 -30.24 -5.00
CA ILE A 208 8.75 -29.64 -6.30
C ILE A 208 8.75 -28.13 -6.07
N LEU A 209 9.80 -27.47 -6.50
CA LEU A 209 9.89 -26.00 -6.47
C LEU A 209 9.90 -25.51 -7.92
N SER A 210 9.51 -24.27 -8.14
CA SER A 210 9.31 -23.76 -9.50
C SER A 210 9.80 -22.33 -9.61
N ARG A 211 9.79 -21.82 -10.83
CA ARG A 211 10.12 -20.41 -11.06
C ARG A 211 9.24 -19.89 -12.20
N CYS A 212 8.77 -18.66 -12.01
CA CYS A 212 8.06 -17.93 -13.04
C CYS A 212 9.07 -17.33 -13.99
N VAL A 213 8.68 -17.19 -15.24
CA VAL A 213 9.47 -16.53 -16.26
C VAL A 213 8.56 -15.50 -16.90
N GLU A 214 8.86 -14.22 -16.75
CA GLU A 214 8.02 -13.18 -17.38
C GLU A 214 8.23 -13.19 -18.89
N VAL A 215 7.15 -13.13 -19.65
CA VAL A 215 7.22 -12.97 -21.10
C VAL A 215 7.10 -11.47 -21.34
N PRO A 216 8.13 -10.82 -21.90
CA PRO A 216 8.10 -9.34 -21.99
C PRO A 216 7.26 -8.76 -23.13
N PHE A 217 6.43 -9.56 -23.75
CA PHE A 217 5.56 -9.11 -24.83
C PHE A 217 4.22 -9.85 -24.69
N ALA A 218 3.13 -9.25 -25.21
CA ALA A 218 1.84 -9.90 -25.13
C ALA A 218 1.76 -11.03 -26.18
N ILE A 219 1.16 -12.17 -25.82
CA ILE A 219 1.03 -13.25 -26.76
C ILE A 219 -0.46 -13.42 -27.21
N ASP A 220 -0.64 -14.08 -28.35
CA ASP A 220 -1.93 -14.46 -28.86
C ASP A 220 -2.18 -15.86 -28.32
N PHE A 221 -3.08 -16.00 -27.36
CA PHE A 221 -3.28 -17.30 -26.70
C PHE A 221 -3.78 -18.39 -27.68
N PRO A 222 -4.84 -18.17 -28.49
CA PRO A 222 -5.30 -19.26 -29.37
C PRO A 222 -4.23 -19.69 -30.37
N LEU A 223 -3.46 -18.72 -30.97
CA LEU A 223 -2.45 -19.11 -31.95
C LEU A 223 -1.30 -19.84 -31.27
N THR A 224 -0.88 -19.37 -30.08
CA THR A 224 0.19 -20.03 -29.33
C THR A 224 -0.26 -21.45 -28.95
N TYR A 225 -1.54 -21.58 -28.53
CA TYR A 225 -2.09 -22.92 -28.23
C TYR A 225 -1.98 -23.87 -29.44
N ARG A 226 -2.39 -23.40 -30.63
CA ARG A 226 -2.33 -24.23 -31.83
C ARG A 226 -0.90 -24.63 -32.16
N LEU A 227 0.04 -23.66 -32.09
CA LEU A 227 1.43 -23.93 -32.42
C LEU A 227 2.07 -24.92 -31.43
N GLY A 228 1.89 -24.68 -30.14
CA GLY A 228 2.43 -25.59 -29.13
C GLY A 228 1.80 -26.97 -29.21
N ARG A 229 0.50 -27.05 -29.58
CA ARG A 229 -0.20 -28.35 -29.66
C ARG A 229 0.39 -29.26 -30.77
N ARG A 230 0.96 -28.66 -31.83
CA ARG A 230 1.61 -29.47 -32.87
C ARG A 230 2.88 -30.13 -32.38
N HIS A 231 3.50 -29.62 -31.29
CA HIS A 231 4.78 -30.11 -30.81
C HIS A 231 4.75 -30.70 -29.39
N ASN A 232 3.57 -30.97 -28.86
CA ASN A 232 3.37 -31.56 -27.54
C ASN A 232 2.35 -32.70 -27.70
N THR A 233 2.45 -33.75 -26.90
CA THR A 233 1.48 -34.84 -26.95
C THR A 233 0.99 -35.00 -25.52
N PRO A 234 -0.01 -34.16 -25.12
CA PRO A 234 -0.38 -34.16 -23.70
C PRO A 234 -1.50 -35.12 -23.35
N VAL A 235 -1.71 -35.36 -22.05
CA VAL A 235 -2.82 -36.19 -21.60
C VAL A 235 -4.17 -35.44 -21.75
N ARG A 236 -4.13 -34.13 -21.51
CA ARG A 236 -5.26 -33.22 -21.74
C ARG A 236 -4.65 -31.87 -22.18
N SER A 237 -5.48 -30.97 -22.68
CA SER A 237 -4.97 -29.64 -22.94
C SER A 237 -6.10 -28.65 -22.78
N PHE A 238 -5.76 -27.36 -22.72
CA PHE A 238 -6.80 -26.37 -22.55
C PHE A 238 -6.35 -25.02 -23.08
N LEU A 239 -7.34 -24.16 -23.25
CA LEU A 239 -7.17 -22.78 -23.67
C LEU A 239 -8.37 -22.04 -23.10
N LEU A 240 -8.14 -20.95 -22.36
CA LEU A 240 -9.27 -20.25 -21.75
C LEU A 240 -9.08 -18.75 -21.70
N GLN A 241 -10.20 -18.06 -21.58
CA GLN A 241 -10.29 -16.64 -21.31
C GLN A 241 -11.45 -16.52 -20.34
N LEU A 242 -11.13 -16.40 -19.05
CA LEU A 242 -12.19 -16.46 -18.03
C LEU A 242 -11.91 -15.46 -16.90
N GLY A 243 -12.84 -14.53 -16.68
CA GLY A 243 -12.73 -13.59 -15.57
C GLY A 243 -11.42 -12.81 -15.56
N GLY A 244 -10.95 -12.40 -16.74
CA GLY A 244 -9.74 -11.58 -16.83
C GLY A 244 -8.44 -12.35 -16.92
N ILE A 245 -8.52 -13.68 -16.87
CA ILE A 245 -7.35 -14.55 -17.02
C ILE A 245 -7.36 -15.17 -18.40
N ARG A 246 -6.23 -15.15 -19.11
CA ARG A 246 -6.03 -16.03 -20.26
C ARG A 246 -5.05 -17.11 -19.84
N ALA A 247 -5.27 -18.33 -20.31
CA ALA A 247 -4.30 -19.40 -20.00
C ALA A 247 -4.40 -20.48 -21.05
N LEU A 248 -3.31 -21.19 -21.23
CA LEU A 248 -3.31 -22.37 -22.10
C LEU A 248 -2.33 -23.38 -21.51
N GLY A 249 -2.48 -24.65 -21.86
CA GLY A 249 -1.55 -25.63 -21.27
C GLY A 249 -1.68 -27.00 -21.87
N TYR A 250 -0.59 -27.77 -21.75
CA TYR A 250 -0.49 -29.13 -22.27
C TYR A 250 -0.25 -30.02 -21.05
N SER A 251 -1.34 -30.41 -20.41
CA SER A 251 -1.26 -31.16 -19.16
CA SER A 251 -1.28 -31.14 -19.16
C SER A 251 -0.63 -32.52 -19.36
N PRO A 252 0.40 -32.82 -18.55
CA PRO A 252 1.07 -34.13 -18.70
C PRO A 252 0.50 -35.24 -17.83
N GLU A 253 -0.51 -34.95 -17.00
CA GLU A 253 -0.99 -35.97 -16.06
C GLU A 253 -2.46 -35.75 -15.68
N LEU A 254 -3.17 -36.85 -15.53
CA LEU A 254 -4.54 -36.83 -15.07
C LEU A 254 -4.53 -36.85 -13.53
N VAL A 255 -5.05 -35.81 -12.87
CA VAL A 255 -5.14 -35.81 -11.39
C VAL A 255 -6.16 -36.87 -11.00
N THR A 256 -7.37 -36.77 -11.60
CA THR A 256 -8.39 -37.79 -11.39
CA THR A 256 -8.50 -37.63 -11.25
C THR A 256 -9.47 -37.71 -12.43
N ALA A 257 -10.08 -38.87 -12.68
CA ALA A 257 -11.23 -38.96 -13.56
C ALA A 257 -12.24 -39.80 -12.78
N VAL A 258 -13.45 -39.30 -12.62
CA VAL A 258 -14.55 -39.99 -11.97
C VAL A 258 -15.59 -40.23 -13.03
N ARG A 259 -16.03 -41.48 -13.21
CA ARG A 259 -17.07 -41.79 -14.20
C ARG A 259 -18.44 -41.76 -13.57
N ALA A 260 -19.50 -41.66 -14.40
CA ALA A 260 -20.88 -41.67 -13.91
C ALA A 260 -21.19 -42.98 -13.16
N ASP A 261 -20.53 -44.09 -13.54
CA ASP A 261 -20.77 -45.37 -12.88
C ASP A 261 -19.99 -45.52 -11.54
N GLY A 262 -19.29 -44.46 -11.12
CA GLY A 262 -18.54 -44.42 -9.88
C GLY A 262 -17.09 -44.88 -9.94
N VAL A 263 -16.62 -45.33 -11.11
CA VAL A 263 -15.22 -45.75 -11.20
C VAL A 263 -14.33 -44.50 -11.13
N VAL A 264 -13.33 -44.51 -10.24
CA VAL A 264 -12.38 -43.41 -10.06
C VAL A 264 -11.00 -43.88 -10.55
N ILE A 265 -10.31 -43.04 -11.32
CA ILE A 265 -8.98 -43.35 -11.83
C ILE A 265 -8.00 -42.23 -11.49
N THR A 266 -6.74 -42.56 -11.20
CA THR A 266 -5.69 -41.55 -11.10
C THR A 266 -4.48 -42.21 -11.78
N GLU A 267 -3.69 -41.43 -12.53
CA GLU A 267 -2.58 -42.01 -13.28
C GLU A 267 -1.30 -41.24 -13.03
N PRO A 268 -0.66 -41.49 -11.88
CA PRO A 268 0.58 -40.79 -11.58
C PRO A 268 1.74 -41.20 -12.49
N LEU A 269 2.56 -40.21 -12.81
CA LEU A 269 3.78 -40.41 -13.57
C LEU A 269 4.97 -39.95 -12.73
N ALA A 270 6.06 -40.70 -12.74
CA ALA A 270 7.26 -40.37 -11.99
C ALA A 270 8.43 -41.07 -12.62
N GLY A 271 9.50 -40.32 -12.90
CA GLY A 271 10.70 -40.84 -13.55
C GLY A 271 10.61 -40.56 -15.03
N THR A 272 11.59 -39.87 -15.61
CA THR A 272 11.54 -39.52 -17.03
C THR A 272 12.87 -39.63 -17.76
N ARG A 273 12.79 -39.90 -19.08
CA ARG A 273 13.90 -39.97 -20.03
C ARG A 273 13.46 -39.32 -21.35
N ALA A 274 14.41 -38.90 -22.21
CA ALA A 274 14.06 -38.30 -23.49
C ALA A 274 13.51 -39.35 -24.47
N ARG A 286 14.60 -46.38 -22.63
CA ARG A 286 13.55 -47.11 -21.92
C ARG A 286 14.17 -48.12 -20.96
N ASP A 287 15.23 -48.82 -21.40
CA ASP A 287 15.89 -49.82 -20.57
C ASP A 287 16.51 -49.20 -19.32
N ASP A 288 17.13 -48.01 -19.48
CA ASP A 288 17.72 -47.31 -18.34
C ASP A 288 16.62 -46.89 -17.36
N LEU A 289 15.54 -46.27 -17.86
CA LEU A 289 14.43 -45.83 -17.01
C LEU A 289 13.80 -46.99 -16.21
N GLU A 290 13.58 -48.15 -16.85
CA GLU A 290 12.98 -49.31 -16.17
C GLU A 290 13.92 -49.98 -15.17
N SER A 291 15.24 -49.76 -15.27
CA SER A 291 16.19 -50.39 -14.35
C SER A 291 16.85 -49.41 -13.36
N ASN A 292 16.56 -48.11 -13.46
CA ASN A 292 17.17 -47.09 -12.62
C ASN A 292 16.51 -47.03 -11.24
N SER A 293 17.29 -47.34 -10.20
CA SER A 293 16.81 -47.37 -8.83
C SER A 293 16.18 -46.06 -8.39
N LYS A 294 16.78 -44.90 -8.75
CA LYS A 294 16.22 -43.61 -8.37
C LYS A 294 14.82 -43.42 -8.95
N GLU A 295 14.60 -43.78 -10.23
CA GLU A 295 13.29 -43.62 -10.83
C GLU A 295 12.27 -44.59 -10.22
N ILE A 296 12.70 -45.82 -9.97
CA ILE A 296 11.81 -46.85 -9.39
C ILE A 296 11.33 -46.43 -7.99
N VAL A 297 12.24 -45.94 -7.13
CA VAL A 297 11.84 -45.57 -5.77
C VAL A 297 10.82 -44.40 -5.80
N GLU A 298 11.09 -43.37 -6.62
CA GLU A 298 10.21 -42.22 -6.70
C GLU A 298 8.84 -42.64 -7.24
N HIS A 299 8.82 -43.57 -8.21
CA HIS A 299 7.55 -44.03 -8.75
C HIS A 299 6.77 -44.82 -7.70
N ALA A 300 7.42 -45.76 -7.05
CA ALA A 300 6.76 -46.62 -6.06
C ALA A 300 6.16 -45.78 -4.91
N ILE A 301 6.90 -44.75 -4.45
CA ILE A 301 6.44 -43.90 -3.37
C ILE A 301 5.19 -43.13 -3.81
N SER A 302 5.18 -42.63 -5.07
CA SER A 302 4.02 -41.91 -5.58
CA SER A 302 4.02 -41.91 -5.59
C SER A 302 2.81 -42.83 -5.67
N VAL A 303 3.00 -44.05 -6.18
CA VAL A 303 1.91 -45.02 -6.30
C VAL A 303 1.33 -45.34 -4.92
N ARG A 304 2.19 -45.54 -3.90
CA ARG A 304 1.69 -45.84 -2.56
C ARG A 304 0.87 -44.65 -2.02
N SER A 305 1.36 -43.43 -2.26
CA SER A 305 0.64 -42.22 -1.78
C SER A 305 -0.76 -42.16 -2.45
N SER A 306 -0.83 -42.36 -3.77
CA SER A 306 -2.11 -42.28 -4.51
C SER A 306 -3.06 -43.36 -4.07
N LEU A 307 -2.54 -44.58 -3.84
CA LEU A 307 -3.37 -45.67 -3.39
C LEU A 307 -3.92 -45.39 -2.00
N GLU A 308 -3.11 -44.82 -1.10
CA GLU A 308 -3.58 -44.49 0.25
C GLU A 308 -4.69 -43.42 0.16
N GLU A 309 -4.48 -42.39 -0.67
CA GLU A 309 -5.48 -41.33 -0.79
C GLU A 309 -6.77 -41.85 -1.39
N ILE A 310 -6.68 -42.66 -2.47
CA ILE A 310 -7.91 -43.14 -3.13
C ILE A 310 -8.66 -44.12 -2.21
N THR A 311 -7.94 -44.88 -1.39
CA THR A 311 -8.58 -45.84 -0.49
C THR A 311 -9.49 -45.10 0.53
N ASP A 312 -9.14 -43.86 0.90
CA ASP A 312 -9.95 -43.07 1.84
C ASP A 312 -11.33 -42.68 1.28
N ILE A 313 -11.48 -42.60 -0.04
CA ILE A 313 -12.78 -42.22 -0.62
C ILE A 313 -13.47 -43.41 -1.37
N ALA A 314 -12.82 -44.57 -1.39
CA ALA A 314 -13.27 -45.70 -2.14
C ALA A 314 -14.11 -46.67 -1.35
N GLU A 315 -14.96 -47.44 -2.06
CA GLU A 315 -15.67 -48.59 -1.51
C GLU A 315 -14.63 -49.59 -0.98
N PRO A 316 -14.77 -50.10 0.25
CA PRO A 316 -13.73 -51.00 0.78
C PRO A 316 -13.40 -52.18 -0.16
N GLY A 317 -12.12 -52.42 -0.37
CA GLY A 317 -11.67 -53.52 -1.23
C GLY A 317 -11.74 -53.25 -2.73
N SER A 318 -12.12 -52.02 -3.14
CA SER A 318 -12.24 -51.73 -4.58
C SER A 318 -10.98 -51.11 -5.16
N ALA A 319 -10.03 -50.61 -4.32
CA ALA A 319 -8.86 -49.93 -4.86
C ALA A 319 -7.82 -50.92 -5.35
N ALA A 320 -7.17 -50.61 -6.47
CA ALA A 320 -6.15 -51.48 -7.03
C ALA A 320 -5.21 -50.68 -7.92
N VAL A 321 -3.98 -51.16 -8.04
CA VAL A 321 -3.02 -50.63 -9.01
C VAL A 321 -3.09 -51.53 -10.23
N ILE A 322 -3.45 -50.97 -11.37
CA ILE A 322 -3.48 -51.70 -12.64
C ILE A 322 -2.27 -51.17 -13.50
N ASP A 323 -1.58 -52.03 -14.26
CA ASP A 323 -0.42 -51.65 -15.10
C ASP A 323 0.72 -50.93 -14.32
N PHE A 324 1.05 -51.44 -13.18
CA PHE A 324 2.06 -50.87 -12.32
C PHE A 324 3.43 -50.68 -13.01
N MET A 325 3.97 -49.46 -12.89
CA MET A 325 5.32 -49.05 -13.30
C MET A 325 5.65 -49.48 -14.73
N THR A 326 4.81 -49.08 -15.68
CA THR A 326 5.04 -49.35 -17.10
C THR A 326 5.46 -48.06 -17.83
N VAL A 327 6.24 -48.18 -18.92
CA VAL A 327 6.69 -46.99 -19.67
C VAL A 327 5.54 -46.38 -20.47
N ARG A 328 5.32 -45.07 -20.29
CA ARG A 328 4.29 -44.31 -20.98
C ARG A 328 4.95 -43.34 -21.97
N SER A 332 9.56 -34.14 -26.01
CA SER A 332 9.46 -35.58 -26.28
C SER A 332 10.07 -36.38 -25.12
N VAL A 333 9.21 -36.85 -24.19
CA VAL A 333 9.69 -37.59 -23.03
C VAL A 333 8.88 -38.87 -22.79
N GLN A 334 9.53 -39.88 -22.19
CA GLN A 334 8.91 -41.13 -21.76
C GLN A 334 8.97 -41.18 -20.23
N HIS A 335 7.91 -41.68 -19.60
CA HIS A 335 7.82 -41.73 -18.15
C HIS A 335 7.47 -43.12 -17.61
N LEU A 336 7.74 -43.36 -16.32
CA LEU A 336 7.17 -44.54 -15.66
C LEU A 336 5.77 -44.11 -15.22
N GLY A 337 4.77 -44.97 -15.45
CA GLY A 337 3.41 -44.67 -15.06
C GLY A 337 2.66 -45.85 -14.47
N SER A 338 1.65 -45.56 -13.67
CA SER A 338 0.77 -46.55 -13.06
C SER A 338 -0.65 -46.06 -13.12
N THR A 339 -1.61 -46.98 -13.08
CA THR A 339 -3.01 -46.59 -13.08
C THR A 339 -3.62 -47.08 -11.80
N ILE A 340 -4.17 -46.18 -11.00
CA ILE A 340 -4.82 -46.56 -9.76
C ILE A 340 -6.33 -46.45 -10.02
N ARG A 341 -7.09 -47.51 -9.72
CA ARG A 341 -8.52 -47.51 -9.99
C ARG A 341 -9.27 -47.92 -8.74
N ALA A 342 -10.46 -47.35 -8.53
CA ALA A 342 -11.28 -47.72 -7.37
C ALA A 342 -12.77 -47.41 -7.72
N ARG A 343 -13.70 -47.71 -6.81
CA ARG A 343 -15.10 -47.34 -6.93
C ARG A 343 -15.36 -46.31 -5.85
N LEU A 344 -15.99 -45.20 -6.20
CA LEU A 344 -16.32 -44.15 -5.25
C LEU A 344 -17.31 -44.67 -4.20
N ASP A 345 -16.98 -44.49 -2.90
CA ASP A 345 -17.88 -44.97 -1.84
C ASP A 345 -19.19 -44.17 -1.88
N PRO A 346 -20.35 -44.80 -1.61
CA PRO A 346 -21.61 -44.03 -1.58
C PRO A 346 -21.60 -42.89 -0.54
N SER A 347 -20.74 -42.97 0.49
CA SER A 347 -20.64 -41.88 1.49
C SER A 347 -19.72 -40.72 1.02
N SER A 348 -19.00 -40.92 -0.09
CA SER A 348 -18.08 -39.93 -0.63
C SER A 348 -18.70 -39.27 -1.89
N ASP A 349 -17.94 -38.44 -2.57
CA ASP A 349 -18.44 -37.73 -3.75
C ASP A 349 -17.23 -37.30 -4.61
N ARG A 350 -17.49 -36.86 -5.86
CA ARG A 350 -16.39 -36.49 -6.76
C ARG A 350 -15.50 -35.38 -6.21
N MET A 351 -16.03 -34.39 -5.44
CA MET A 351 -15.14 -33.34 -4.89
C MET A 351 -14.28 -33.89 -3.79
N ALA A 352 -14.79 -34.82 -2.99
CA ALA A 352 -13.98 -35.43 -1.95
C ALA A 352 -12.86 -36.27 -2.60
N ALA A 353 -13.15 -36.90 -3.77
CA ALA A 353 -12.13 -37.65 -4.49
C ALA A 353 -11.07 -36.66 -5.02
N LEU A 354 -11.50 -35.54 -5.64
CA LEU A 354 -10.53 -34.52 -6.13
C LEU A 354 -9.68 -33.98 -4.96
N GLU A 355 -10.33 -33.62 -3.86
CA GLU A 355 -9.62 -33.16 -2.65
C GLU A 355 -8.64 -34.16 -2.09
N ALA A 356 -9.04 -35.46 -2.03
CA ALA A 356 -8.19 -36.54 -1.52
C ALA A 356 -6.94 -36.69 -2.33
N LEU A 357 -7.01 -36.40 -3.64
CA LEU A 357 -5.86 -36.55 -4.51
C LEU A 357 -5.16 -35.24 -4.80
N PHE A 358 -5.51 -34.15 -4.08
CA PHE A 358 -4.97 -32.81 -4.33
C PHE A 358 -4.08 -32.31 -3.21
N PRO A 359 -3.08 -31.50 -3.54
CA PRO A 359 -2.51 -31.31 -4.89
C PRO A 359 -1.86 -32.62 -5.37
N ALA A 360 -1.61 -32.78 -6.68
CA ALA A 360 -0.96 -33.99 -7.17
C ALA A 360 0.45 -34.13 -6.59
N VAL A 361 0.91 -35.38 -6.25
CA VAL A 361 2.29 -35.58 -5.78
C VAL A 361 3.29 -35.04 -6.77
N THR A 362 3.00 -35.21 -8.07
CA THR A 362 3.89 -34.81 -9.17
C THR A 362 4.37 -33.40 -9.04
N ALA A 363 3.52 -32.50 -8.52
CA ALA A 363 3.93 -31.11 -8.43
C ALA A 363 3.88 -30.57 -6.99
N SER A 364 3.89 -31.46 -5.96
CA SER A 364 3.87 -30.98 -4.57
C SER A 364 5.07 -31.60 -3.84
N GLY A 365 4.95 -32.82 -3.34
CA GLY A 365 6.08 -33.47 -2.68
C GLY A 365 5.67 -34.66 -1.88
N ILE A 366 6.66 -35.23 -1.20
CA ILE A 366 6.51 -36.46 -0.42
C ILE A 366 7.23 -36.29 0.88
N PRO A 367 6.62 -36.59 2.05
CA PRO A 367 5.16 -36.76 2.26
C PRO A 367 4.46 -35.46 1.85
N LYS A 368 3.23 -35.58 1.38
CA LYS A 368 2.50 -34.44 0.84
C LYS A 368 2.37 -33.29 1.78
N ALA A 369 2.02 -33.53 3.05
CA ALA A 369 1.81 -32.48 4.03
C ALA A 369 3.06 -31.59 4.18
N ALA A 370 4.25 -32.22 4.36
CA ALA A 370 5.48 -31.45 4.53
C ALA A 370 5.88 -30.79 3.21
N GLY A 371 5.67 -31.47 2.06
CA GLY A 371 5.98 -30.89 0.76
C GLY A 371 5.15 -29.63 0.46
N VAL A 372 3.84 -29.70 0.71
CA VAL A 372 2.95 -28.55 0.51
C VAL A 372 3.36 -27.40 1.44
N GLU A 373 3.65 -27.74 2.73
CA GLU A 373 4.09 -26.69 3.65
C GLU A 373 5.41 -26.05 3.18
N ALA A 374 6.35 -26.86 2.66
CA ALA A 374 7.63 -26.33 2.16
C ALA A 374 7.39 -25.39 0.99
N ILE A 375 6.41 -25.71 0.10
CA ILE A 375 6.14 -24.84 -1.05
C ILE A 375 5.68 -23.44 -0.59
N PHE A 376 4.93 -23.36 0.52
CA PHE A 376 4.55 -22.03 1.08
C PHE A 376 5.77 -21.17 1.40
N ARG A 377 6.84 -21.82 1.89
CA ARG A 377 8.02 -21.09 2.31
C ARG A 377 9.05 -20.89 1.20
N LEU A 378 9.18 -21.88 0.31
CA LEU A 378 10.29 -21.91 -0.65
C LEU A 378 9.89 -21.66 -2.10
N ASP A 379 8.61 -21.41 -2.39
CA ASP A 379 8.18 -21.07 -3.73
C ASP A 379 7.43 -19.72 -3.73
N GLU A 380 7.27 -19.10 -4.92
CA GLU A 380 6.48 -17.85 -5.01
C GLU A 380 4.99 -18.23 -4.85
N CYS A 381 4.35 -17.77 -3.77
CA CYS A 381 2.95 -18.13 -3.53
C CYS A 381 2.08 -16.86 -3.55
N PRO A 382 0.80 -16.99 -3.92
CA PRO A 382 0.12 -18.24 -4.30
C PRO A 382 0.51 -18.74 -5.70
N ARG A 383 0.51 -20.05 -5.90
CA ARG A 383 0.80 -20.63 -7.20
C ARG A 383 -0.34 -20.39 -8.18
N GLY A 384 -1.57 -20.32 -7.68
CA GLY A 384 -2.74 -20.10 -8.56
C GLY A 384 -2.98 -21.29 -9.47
N LEU A 385 -3.15 -21.04 -10.79
CA LEU A 385 -3.42 -22.17 -11.70
C LEU A 385 -2.27 -23.18 -11.76
N TYR A 386 -1.03 -22.70 -11.67
CA TYR A 386 0.13 -23.61 -11.80
C TYR A 386 0.08 -24.71 -10.71
N SER A 387 0.20 -25.96 -11.15
CA SER A 387 0.17 -27.18 -10.32
C SER A 387 -1.23 -27.44 -9.68
N GLY A 388 -2.24 -26.65 -10.09
CA GLY A 388 -3.64 -26.92 -9.76
C GLY A 388 -4.20 -27.80 -10.87
N ALA A 389 -5.47 -27.60 -11.22
CA ALA A 389 -6.10 -28.45 -12.27
C ALA A 389 -7.08 -27.65 -13.10
N VAL A 390 -7.32 -28.11 -14.31
CA VAL A 390 -8.39 -27.65 -15.18
C VAL A 390 -9.40 -28.79 -15.19
N VAL A 391 -10.70 -28.45 -15.01
CA VAL A 391 -11.69 -29.49 -14.77
C VAL A 391 -12.91 -29.36 -15.70
N MET A 392 -13.52 -30.53 -15.94
CA MET A 392 -14.77 -30.69 -16.68
C MET A 392 -15.64 -31.60 -15.82
N LEU A 393 -16.83 -31.12 -15.44
CA LEU A 393 -17.78 -31.87 -14.60
C LEU A 393 -19.04 -32.12 -15.39
N SER A 394 -19.70 -33.25 -15.12
CA SER A 394 -20.96 -33.53 -15.79
C SER A 394 -22.08 -33.79 -14.77
N ALA A 395 -23.31 -33.51 -15.16
CA ALA A 395 -24.48 -33.65 -14.29
C ALA A 395 -24.65 -35.08 -13.81
N ASP A 396 -24.22 -36.08 -14.63
CA ASP A 396 -24.34 -37.50 -14.25
C ASP A 396 -23.28 -37.97 -13.21
N GLY A 397 -22.47 -37.05 -12.70
CA GLY A 397 -21.47 -37.33 -11.67
C GLY A 397 -20.04 -37.39 -12.17
N GLY A 398 -19.85 -37.21 -13.49
CA GLY A 398 -18.51 -37.26 -14.05
C GLY A 398 -17.61 -36.11 -13.64
N LEU A 399 -16.31 -36.40 -13.61
CA LEU A 399 -15.31 -35.39 -13.34
C LEU A 399 -14.02 -35.76 -14.08
N ASP A 400 -13.42 -34.81 -14.78
CA ASP A 400 -12.16 -35.01 -15.45
C ASP A 400 -11.26 -33.84 -15.03
N ALA A 401 -10.13 -34.14 -14.36
CA ALA A 401 -9.27 -33.07 -13.80
C ALA A 401 -7.85 -33.25 -14.27
N ALA A 402 -7.33 -32.31 -15.05
CA ALA A 402 -5.98 -32.41 -15.61
C ALA A 402 -5.01 -31.57 -14.78
N LEU A 403 -3.81 -32.09 -14.52
CA LEU A 403 -2.80 -31.33 -13.76
C LEU A 403 -2.24 -30.18 -14.61
N THR A 404 -2.30 -28.96 -14.08
CA THR A 404 -1.86 -27.79 -14.84
C THR A 404 -0.36 -27.57 -14.73
N LEU A 405 0.36 -28.04 -15.73
CA LEU A 405 1.80 -27.85 -15.90
C LEU A 405 2.00 -27.58 -17.42
N ARG A 406 3.16 -27.04 -17.81
CA ARG A 406 3.46 -26.76 -19.24
C ARG A 406 2.39 -25.81 -19.79
N ALA A 407 2.22 -24.71 -19.04
CA ALA A 407 1.15 -23.77 -19.29
C ALA A 407 1.66 -22.31 -19.29
N ALA A 408 0.91 -21.44 -19.95
CA ALA A 408 1.19 -20.01 -19.99
C ALA A 408 -0.03 -19.26 -19.44
N TYR A 409 0.21 -18.10 -18.83
CA TYR A 409 -0.87 -17.33 -18.18
C TYR A 409 -0.76 -15.85 -18.49
N GLN A 410 -1.88 -15.19 -18.52
CA GLN A 410 -1.87 -13.73 -18.64
C GLN A 410 -2.92 -13.19 -17.70
N VAL A 411 -2.51 -12.30 -16.78
CA VAL A 411 -3.45 -11.67 -15.84
C VAL A 411 -2.92 -10.29 -15.51
N GLY A 412 -3.79 -9.30 -15.49
CA GLY A 412 -3.39 -7.95 -15.10
C GLY A 412 -2.21 -7.36 -15.84
N GLY A 413 -2.17 -7.53 -17.16
CA GLY A 413 -1.08 -6.96 -17.95
C GLY A 413 0.23 -7.72 -17.87
N ARG A 414 0.25 -8.86 -17.14
CA ARG A 414 1.46 -9.66 -16.96
C ARG A 414 1.28 -11.00 -17.66
N THR A 415 2.28 -11.42 -18.47
CA THR A 415 2.25 -12.70 -19.14
C THR A 415 3.42 -13.55 -18.60
N TRP A 416 3.15 -14.81 -18.22
CA TRP A 416 4.26 -15.59 -17.70
C TRP A 416 4.14 -17.06 -17.94
N LEU A 417 5.29 -17.69 -17.88
CA LEU A 417 5.45 -19.13 -17.93
C LEU A 417 5.86 -19.59 -16.51
N ARG A 418 5.75 -20.88 -16.23
CA ARG A 418 6.16 -21.37 -14.92
C ARG A 418 6.52 -22.82 -15.03
N ALA A 419 7.68 -23.19 -14.50
CA ALA A 419 8.12 -24.59 -14.53
C ALA A 419 8.94 -24.91 -13.30
N GLY A 420 8.85 -26.16 -12.89
CA GLY A 420 9.53 -26.61 -11.70
C GLY A 420 10.20 -27.95 -11.87
N ALA A 421 10.75 -28.43 -10.77
CA ALA A 421 11.49 -29.69 -10.76
C ALA A 421 11.44 -30.33 -9.39
N GLY A 422 11.41 -31.66 -9.39
CA GLY A 422 11.36 -32.42 -8.15
C GLY A 422 12.76 -32.42 -7.56
N ILE A 423 12.85 -32.00 -6.33
CA ILE A 423 14.10 -31.91 -5.58
C ILE A 423 14.17 -32.99 -4.54
N ILE A 424 15.26 -33.79 -4.56
CA ILE A 424 15.48 -34.87 -3.61
C ILE A 424 16.87 -34.62 -2.94
N GLU A 425 17.25 -35.49 -1.99
CA GLU A 425 18.49 -35.27 -1.25
C GLU A 425 19.73 -35.08 -2.16
N GLU A 426 19.77 -35.79 -3.30
CA GLU A 426 20.92 -35.77 -4.21
C GLU A 426 20.88 -34.63 -5.25
N SER A 427 19.82 -33.80 -5.25
CA SER A 427 19.69 -32.76 -6.26
C SER A 427 20.75 -31.67 -6.14
N GLU A 428 21.10 -31.06 -7.28
CA GLU A 428 22.08 -29.97 -7.37
C GLU A 428 21.36 -28.77 -7.99
N PRO A 429 21.47 -27.58 -7.38
CA PRO A 429 20.76 -26.40 -7.91
C PRO A 429 20.98 -26.13 -9.40
N GLU A 430 22.21 -26.31 -9.91
CA GLU A 430 22.46 -26.02 -11.32
C GLU A 430 21.72 -27.01 -12.24
N ARG A 431 21.76 -28.32 -11.92
CA ARG A 431 21.04 -29.32 -12.73
C ARG A 431 19.53 -29.07 -12.64
N GLU A 432 19.04 -28.69 -11.44
CA GLU A 432 17.59 -28.44 -11.31
C GLU A 432 17.17 -27.22 -12.13
N PHE A 433 18.01 -26.18 -12.17
CA PHE A 433 17.70 -24.99 -12.99
C PHE A 433 17.63 -25.41 -14.48
N GLU A 434 18.56 -26.27 -14.92
CA GLU A 434 18.56 -26.78 -16.28
C GLU A 434 17.27 -27.59 -16.57
N GLU A 435 16.79 -28.39 -15.59
CA GLU A 435 15.57 -29.18 -15.79
C GLU A 435 14.37 -28.24 -16.01
N THR A 436 14.34 -27.09 -15.30
CA THR A 436 13.22 -26.15 -15.53
C THR A 436 13.31 -25.59 -16.95
N CYS A 437 14.54 -25.35 -17.47
CA CYS A 437 14.72 -24.88 -18.85
C CYS A 437 14.17 -25.92 -19.85
N GLU A 438 14.44 -27.21 -19.58
CA GLU A 438 13.94 -28.28 -20.44
C GLU A 438 12.40 -28.29 -20.44
N LYS A 439 11.76 -28.14 -19.27
CA LYS A 439 10.29 -28.12 -19.19
C LYS A 439 9.69 -26.88 -19.84
N LEU A 440 10.40 -25.74 -19.71
CA LEU A 440 9.93 -24.50 -20.35
C LEU A 440 9.99 -24.62 -21.89
N SER A 441 10.91 -25.46 -22.42
CA SER A 441 11.10 -25.64 -23.86
C SER A 441 9.87 -26.31 -24.55
N THR A 442 8.88 -26.78 -23.78
CA THR A 442 7.61 -27.23 -24.38
C THR A 442 6.80 -26.05 -24.93
N LEU A 443 7.08 -24.83 -24.43
CA LEU A 443 6.36 -23.63 -24.81
C LEU A 443 7.24 -22.53 -25.40
N THR A 444 8.47 -22.34 -24.86
CA THR A 444 9.29 -21.19 -25.29
C THR A 444 9.53 -21.10 -26.81
N PRO A 445 9.62 -22.19 -27.64
CA PRO A 445 9.82 -21.98 -29.09
C PRO A 445 8.51 -21.66 -29.83
N TYR A 446 7.35 -21.63 -29.12
CA TYR A 446 6.04 -21.56 -29.76
C TYR A 446 5.19 -20.38 -29.35
N LEU A 447 5.79 -19.31 -28.83
CA LEU A 447 5.02 -18.14 -28.38
C LEU A 447 4.70 -17.23 -29.57
N VAL A 448 3.43 -17.08 -29.89
CA VAL A 448 3.04 -16.21 -31.00
C VAL A 448 2.67 -14.85 -30.42
N ALA A 449 3.33 -13.79 -30.87
CA ALA A 449 3.05 -12.45 -30.36
C ALA A 449 1.64 -11.99 -30.74
N ARG A 450 1.05 -11.13 -29.89
CA ARG A 450 -0.27 -10.54 -30.08
CA ARG A 450 -0.27 -10.52 -30.07
C ARG A 450 -0.36 -9.86 -31.46
N GLN A 451 -1.46 -10.11 -32.18
CA GLN A 451 -1.74 -9.61 -33.52
C GLN A 451 -2.23 -8.15 -33.54
N SER B 16 -29.53 2.15 -28.71
CA SER B 16 -28.57 2.13 -27.62
C SER B 16 -29.28 2.17 -26.27
N SER B 17 -28.66 1.55 -25.23
CA SER B 17 -29.22 1.71 -23.88
C SER B 17 -28.45 2.87 -23.20
N SER B 18 -28.99 3.40 -22.12
CA SER B 18 -28.40 4.54 -21.44
C SER B 18 -28.45 4.33 -19.94
N ILE B 19 -27.47 4.88 -19.26
CA ILE B 19 -27.40 4.85 -17.79
C ILE B 19 -27.21 6.28 -17.34
N PRO B 20 -28.04 6.79 -16.45
CA PRO B 20 -27.81 8.17 -15.95
C PRO B 20 -26.43 8.29 -15.29
N MET B 21 -25.71 9.38 -15.56
CA MET B 21 -24.40 9.58 -14.96
C MET B 21 -24.61 9.91 -13.49
N PRO B 22 -23.96 9.15 -12.59
CA PRO B 22 -24.14 9.43 -11.16
C PRO B 22 -23.46 10.74 -10.77
N ALA B 23 -24.01 11.40 -9.74
CA ALA B 23 -23.45 12.65 -9.21
C ALA B 23 -22.06 12.41 -8.64
N GLY B 24 -21.20 13.41 -8.74
CA GLY B 24 -19.86 13.34 -8.17
C GLY B 24 -18.86 12.53 -8.96
N VAL B 25 -19.18 12.24 -10.25
CA VAL B 25 -18.30 11.46 -11.11
C VAL B 25 -17.95 12.32 -12.35
N ASN B 26 -16.68 12.60 -12.55
CA ASN B 26 -16.22 13.36 -13.70
C ASN B 26 -16.20 12.44 -14.96
N PRO B 27 -16.81 12.85 -16.09
CA PRO B 27 -16.82 11.97 -17.28
C PRO B 27 -15.43 11.52 -17.73
N ALA B 28 -14.39 12.42 -17.71
CA ALA B 28 -13.05 11.99 -18.15
C ALA B 28 -12.51 10.84 -17.28
N ASP B 29 -12.74 10.94 -15.95
CA ASP B 29 -12.29 9.88 -15.04
C ASP B 29 -13.06 8.59 -15.29
N LEU B 30 -14.41 8.66 -15.39
CA LEU B 30 -15.19 7.45 -15.62
C LEU B 30 -14.84 6.79 -16.97
N ALA B 31 -14.69 7.61 -18.02
CA ALA B 31 -14.40 7.04 -19.35
C ALA B 31 -13.03 6.34 -19.36
N ALA B 32 -12.01 6.95 -18.75
CA ALA B 32 -10.66 6.36 -18.71
C ALA B 32 -10.67 5.12 -17.81
N GLU B 33 -11.42 5.16 -16.70
CA GLU B 33 -11.55 3.98 -15.80
C GLU B 33 -12.24 2.83 -16.55
N LEU B 34 -13.26 3.15 -17.35
CA LEU B 34 -13.95 2.13 -18.14
C LEU B 34 -12.99 1.49 -19.14
N ALA B 35 -12.13 2.29 -19.81
CA ALA B 35 -11.09 1.73 -20.69
C ALA B 35 -10.19 0.72 -19.91
N ALA B 36 -9.78 1.08 -18.68
CA ALA B 36 -8.97 0.16 -17.88
C ALA B 36 -9.76 -1.10 -17.44
N VAL B 37 -10.99 -0.95 -16.98
CA VAL B 37 -11.83 -2.09 -16.51
C VAL B 37 -12.14 -3.04 -17.66
N VAL B 38 -12.47 -2.52 -18.81
CA VAL B 38 -12.72 -3.32 -19.99
C VAL B 38 -11.43 -4.05 -20.44
N THR B 39 -10.24 -3.40 -20.39
CA THR B 39 -8.93 -4.04 -20.67
C THR B 39 -8.71 -5.27 -19.77
N GLU B 40 -8.99 -5.09 -18.50
CA GLU B 40 -8.74 -6.12 -17.51
C GLU B 40 -9.66 -7.30 -17.73
N SER B 41 -10.91 -7.03 -18.13
CA SER B 41 -11.89 -8.08 -18.32
CA SER B 41 -11.86 -8.11 -18.29
C SER B 41 -11.76 -8.79 -19.66
N VAL B 42 -11.64 -8.03 -20.77
CA VAL B 42 -11.73 -8.67 -22.07
C VAL B 42 -10.47 -8.62 -22.94
N ASP B 43 -9.44 -7.88 -22.50
CA ASP B 43 -8.14 -7.83 -23.13
C ASP B 43 -8.19 -7.34 -24.59
N GLU B 44 -9.00 -6.29 -24.85
CA GLU B 44 -9.18 -5.83 -26.21
C GLU B 44 -8.53 -4.46 -26.44
N ASP B 45 -8.31 -4.14 -27.73
CA ASP B 45 -7.80 -2.83 -28.11
C ASP B 45 -8.95 -1.81 -28.02
N TYR B 46 -8.61 -0.51 -28.01
CA TYR B 46 -9.63 0.51 -27.86
C TYR B 46 -9.07 1.85 -28.19
N LEU B 47 -9.96 2.81 -28.38
CA LEU B 47 -9.57 4.20 -28.56
C LEU B 47 -10.65 5.03 -27.87
N LEU B 48 -10.23 5.88 -26.93
CA LEU B 48 -11.13 6.81 -26.24
C LEU B 48 -10.87 8.20 -26.85
N TYR B 49 -11.94 8.87 -27.30
CA TYR B 49 -11.80 10.17 -27.94
C TYR B 49 -12.76 11.17 -27.30
N GLU B 50 -12.22 12.27 -26.79
CA GLU B 50 -13.02 13.35 -26.21
C GLU B 50 -13.33 14.40 -27.25
N CYS B 51 -14.62 14.68 -27.46
CA CYS B 51 -15.06 15.64 -28.48
C CYS B 51 -16.33 16.35 -27.99
N ASP B 52 -16.20 17.64 -27.67
CA ASP B 52 -17.30 18.50 -27.28
C ASP B 52 -18.17 17.88 -26.16
N GLY B 53 -17.53 17.48 -25.07
CA GLY B 53 -18.21 17.01 -23.88
C GLY B 53 -18.60 15.55 -23.88
N GLN B 54 -18.31 14.83 -25.00
CA GLN B 54 -18.58 13.40 -25.07
C GLN B 54 -17.26 12.66 -25.10
N TRP B 55 -17.07 11.70 -24.20
CA TRP B 55 -15.90 10.83 -24.18
C TRP B 55 -16.37 9.53 -24.82
N VAL B 56 -15.97 9.30 -26.07
CA VAL B 56 -16.42 8.13 -26.82
C VAL B 56 -15.39 7.02 -26.74
N LEU B 57 -15.75 5.93 -26.05
CA LEU B 57 -14.85 4.79 -25.96
C LEU B 57 -15.23 3.80 -27.07
N ALA B 58 -14.37 3.68 -28.06
CA ALA B 58 -14.54 2.74 -29.18
C ALA B 58 -13.79 1.48 -28.76
N ALA B 59 -14.54 0.46 -28.34
CA ALA B 59 -13.97 -0.71 -27.72
C ALA B 59 -14.04 -1.96 -28.61
N GLY B 60 -12.90 -2.62 -28.75
CA GLY B 60 -12.81 -3.84 -29.53
C GLY B 60 -12.69 -3.51 -31.02
N VAL B 61 -11.99 -4.33 -31.76
CA VAL B 61 -11.78 -4.07 -33.17
C VAL B 61 -12.60 -5.02 -33.99
N GLN B 62 -13.62 -4.52 -34.62
CA GLN B 62 -14.47 -5.31 -35.50
C GLN B 62 -13.75 -5.49 -36.83
N ALA B 63 -13.20 -4.41 -37.37
CA ALA B 63 -12.40 -4.46 -38.60
C ALA B 63 -11.37 -3.38 -38.54
N MET B 64 -10.18 -3.65 -39.09
CA MET B 64 -9.09 -2.69 -39.06
C MET B 64 -8.61 -2.37 -40.46
N VAL B 65 -8.46 -1.10 -40.75
CA VAL B 65 -7.85 -0.63 -41.99
C VAL B 65 -6.44 -0.19 -41.66
N GLU B 66 -5.45 -0.78 -42.29
CA GLU B 66 -4.04 -0.40 -42.10
C GLU B 66 -3.53 0.17 -43.41
N LEU B 67 -3.26 1.45 -43.45
CA LEU B 67 -2.69 2.05 -44.65
C LEU B 67 -1.20 2.28 -44.38
N ASP B 68 -0.37 1.58 -45.14
CA ASP B 68 1.08 1.75 -45.12
C ASP B 68 1.53 2.45 -46.42
N SER B 69 2.78 2.87 -46.45
CA SER B 69 3.33 3.54 -47.63
C SER B 69 3.25 2.64 -48.90
N ASP B 70 3.33 1.31 -48.72
CA ASP B 70 3.39 0.37 -49.83
C ASP B 70 2.22 -0.61 -49.96
N GLU B 71 1.25 -0.54 -49.06
CA GLU B 71 0.16 -1.52 -49.06
C GLU B 71 -0.99 -1.02 -48.22
N LEU B 72 -2.18 -1.48 -48.57
CA LEU B 72 -3.39 -1.21 -47.78
C LEU B 72 -3.95 -2.58 -47.37
N ARG B 73 -4.23 -2.75 -46.09
CA ARG B 73 -4.75 -4.01 -45.56
C ARG B 73 -6.06 -3.77 -44.85
N VAL B 74 -7.01 -4.69 -45.00
CA VAL B 74 -8.24 -4.66 -44.23
C VAL B 74 -8.34 -6.01 -43.53
N ILE B 75 -8.38 -5.99 -42.22
CA ILE B 75 -8.33 -7.20 -41.39
C ILE B 75 -9.59 -7.35 -40.59
N ARG B 76 -10.24 -8.51 -40.71
CA ARG B 76 -11.49 -8.74 -40.02
C ARG B 76 -11.55 -10.19 -39.62
N ASP B 77 -11.70 -10.46 -38.31
CA ASP B 77 -11.79 -11.82 -37.77
C ASP B 77 -10.66 -12.73 -38.21
N GLY B 78 -9.45 -12.18 -38.18
CA GLY B 78 -8.26 -12.95 -38.52
C GLY B 78 -8.01 -13.14 -40.02
N VAL B 79 -8.86 -12.53 -40.86
CA VAL B 79 -8.69 -12.65 -42.31
C VAL B 79 -8.23 -11.32 -42.87
N THR B 80 -7.13 -11.33 -43.63
CA THR B 80 -6.58 -10.10 -44.18
C THR B 80 -6.77 -10.00 -45.69
N ARG B 81 -7.23 -8.83 -46.15
CA ARG B 81 -7.24 -8.49 -47.55
C ARG B 81 -6.10 -7.50 -47.77
N ARG B 82 -5.13 -7.83 -48.62
CA ARG B 82 -4.01 -6.92 -48.92
C ARG B 82 -4.16 -6.39 -50.32
N GLN B 83 -3.85 -5.12 -50.52
CA GLN B 83 -3.95 -4.51 -51.82
C GLN B 83 -2.85 -3.50 -52.02
N GLN B 84 -2.43 -3.37 -53.26
CA GLN B 84 -1.55 -2.28 -53.64
C GLN B 84 -2.45 -1.06 -53.84
N TRP B 85 -1.92 0.14 -53.62
CA TRP B 85 -2.69 1.37 -53.87
C TRP B 85 -1.82 2.39 -54.55
N SER B 86 -2.44 3.32 -55.31
CA SER B 86 -1.66 4.39 -55.93
C SER B 86 -2.45 5.69 -55.87
N GLY B 87 -1.80 6.79 -56.20
CA GLY B 87 -2.43 8.09 -56.15
C GLY B 87 -2.43 8.64 -54.73
N ARG B 88 -3.46 9.42 -54.38
CA ARG B 88 -3.50 10.08 -53.09
C ARG B 88 -3.78 9.10 -51.96
N PRO B 89 -3.02 9.15 -50.86
CA PRO B 89 -3.30 8.22 -49.73
C PRO B 89 -4.73 8.41 -49.18
N GLY B 90 -5.20 9.65 -49.19
CA GLY B 90 -6.56 9.99 -48.72
C GLY B 90 -7.64 9.27 -49.52
N ALA B 91 -7.43 9.09 -50.84
CA ALA B 91 -8.44 8.38 -51.66
C ALA B 91 -8.50 6.89 -51.26
N ALA B 92 -7.33 6.25 -51.11
CA ALA B 92 -7.22 4.86 -50.72
C ALA B 92 -7.82 4.66 -49.30
N LEU B 93 -7.43 5.49 -48.33
CA LEU B 93 -7.96 5.41 -46.96
C LEU B 93 -9.48 5.65 -46.97
N GLY B 94 -9.90 6.69 -47.65
CA GLY B 94 -11.31 7.04 -47.70
C GLY B 94 -12.18 5.94 -48.26
N GLU B 95 -11.72 5.25 -49.31
CA GLU B 95 -12.53 4.17 -49.90
C GLU B 95 -12.68 3.02 -48.89
N ALA B 96 -11.58 2.67 -48.21
CA ALA B 96 -11.64 1.57 -47.24
C ALA B 96 -12.49 1.95 -46.00
N VAL B 97 -12.37 3.19 -45.53
CA VAL B 97 -13.13 3.63 -44.36
C VAL B 97 -14.62 3.80 -44.72
N ASP B 98 -14.94 4.29 -45.93
CA ASP B 98 -16.35 4.37 -46.37
C ASP B 98 -16.99 2.97 -46.32
N ARG B 99 -16.22 1.94 -46.71
CA ARG B 99 -16.71 0.55 -46.72
C ARG B 99 -16.97 0.10 -45.29
N LEU B 100 -16.07 0.42 -44.33
CA LEU B 100 -16.30 0.11 -42.89
C LEU B 100 -17.64 0.72 -42.43
N LEU B 101 -17.87 1.98 -42.85
CA LEU B 101 -19.04 2.75 -42.39
C LEU B 101 -20.36 2.34 -43.06
N LEU B 102 -20.33 1.39 -44.02
CA LEU B 102 -21.59 0.79 -44.49
C LEU B 102 -22.17 -0.12 -43.37
N GLU B 103 -21.31 -0.65 -42.48
CA GLU B 103 -21.72 -1.61 -41.47
C GLU B 103 -21.78 -1.05 -40.04
N THR B 104 -21.02 0.02 -39.75
CA THR B 104 -20.98 0.62 -38.43
C THR B 104 -21.22 2.14 -38.56
N ASP B 105 -21.73 2.76 -37.52
CA ASP B 105 -21.98 4.20 -37.59
C ASP B 105 -20.73 5.06 -37.45
N GLN B 106 -19.66 4.57 -36.77
CA GLN B 106 -18.46 5.38 -36.58
C GLN B 106 -17.20 4.54 -36.70
N ALA B 107 -16.10 5.23 -37.04
CA ALA B 107 -14.79 4.58 -37.12
C ALA B 107 -13.77 5.55 -36.47
N PHE B 108 -12.69 5.00 -35.93
CA PHE B 108 -11.73 5.80 -35.17
C PHE B 108 -10.33 5.40 -35.47
N GLY B 109 -9.39 6.28 -35.20
CA GLY B 109 -8.00 5.88 -35.39
C GLY B 109 -7.06 7.02 -35.40
N TRP B 110 -5.90 6.76 -36.03
CA TRP B 110 -4.88 7.80 -36.08
C TRP B 110 -4.26 7.86 -37.46
N VAL B 111 -3.76 9.04 -37.79
CA VAL B 111 -3.11 9.33 -39.04
C VAL B 111 -1.71 9.83 -38.72
N ALA B 112 -0.68 9.21 -39.30
CA ALA B 112 0.69 9.59 -39.00
C ALA B 112 1.03 10.91 -39.66
N PHE B 113 2.06 11.59 -39.15
CA PHE B 113 2.64 12.75 -39.85
C PHE B 113 2.99 12.35 -41.31
N GLU B 114 3.48 11.07 -41.49
CA GLU B 114 3.90 10.61 -42.82
C GLU B 114 2.75 10.52 -43.84
N PHE B 115 1.49 10.51 -43.40
CA PHE B 115 0.36 10.57 -44.33
C PHE B 115 0.42 11.87 -45.19
N GLY B 116 0.97 12.94 -44.61
CA GLY B 116 0.99 14.25 -45.22
C GLY B 116 2.12 14.52 -46.20
N VAL B 117 3.04 13.53 -46.43
CA VAL B 117 4.23 13.83 -47.29
C VAL B 117 3.97 13.58 -48.78
N HIS B 118 2.97 12.73 -49.11
CA HIS B 118 2.62 12.39 -50.49
CA HIS B 118 2.68 12.38 -50.50
C HIS B 118 2.26 13.62 -51.30
N ARG B 119 1.51 14.52 -50.68
CA ARG B 119 1.07 15.74 -51.40
C ARG B 119 2.28 16.63 -51.84
N TYR B 120 3.45 16.44 -51.22
CA TYR B 120 4.66 17.18 -51.55
C TYR B 120 5.67 16.37 -52.36
N GLY B 121 5.29 15.17 -52.80
CA GLY B 121 6.15 14.32 -53.62
C GLY B 121 7.35 13.82 -52.82
N LEU B 122 7.20 13.67 -51.49
CA LEU B 122 8.32 13.24 -50.65
C LEU B 122 8.17 11.80 -50.15
N GLN B 123 7.16 11.06 -50.64
CA GLN B 123 6.90 9.72 -50.16
C GLN B 123 8.05 8.74 -50.48
N GLN B 124 8.93 9.05 -51.48
CA GLN B 124 10.07 8.16 -51.73
C GLN B 124 11.11 8.22 -50.57
N ARG B 125 11.01 9.21 -49.67
CA ARG B 125 11.89 9.26 -48.50
C ARG B 125 11.44 8.30 -47.39
N LEU B 126 10.23 7.72 -47.50
CA LEU B 126 9.73 6.84 -46.45
C LEU B 126 10.35 5.46 -46.54
N ALA B 127 10.58 4.86 -45.38
CA ALA B 127 11.04 3.50 -45.27
C ALA B 127 9.96 2.56 -45.81
N PRO B 128 10.34 1.36 -46.26
CA PRO B 128 9.31 0.38 -46.63
C PRO B 128 8.37 0.08 -45.44
N HIS B 129 7.08 -0.19 -45.70
CA HIS B 129 6.14 -0.53 -44.63
C HIS B 129 5.92 0.62 -43.60
N THR B 130 6.07 1.88 -44.01
CA THR B 130 5.86 3.00 -43.10
C THR B 130 4.37 3.16 -42.84
N PRO B 131 3.92 3.12 -41.58
CA PRO B 131 2.49 3.30 -41.31
C PRO B 131 2.05 4.71 -41.66
N LEU B 132 0.94 4.82 -42.38
CA LEU B 132 0.35 6.12 -42.67
C LEU B 132 -0.93 6.37 -41.85
N ALA B 133 -1.74 5.33 -41.64
CA ALA B 133 -2.99 5.48 -40.87
C ALA B 133 -3.46 4.12 -40.39
N ARG B 134 -4.16 4.16 -39.27
CA ARG B 134 -4.81 2.98 -38.70
C ARG B 134 -6.21 3.43 -38.34
N VAL B 135 -7.24 2.88 -38.96
CA VAL B 135 -8.62 3.29 -38.70
C VAL B 135 -9.46 2.03 -38.54
N PHE B 136 -10.22 1.96 -37.45
CA PHE B 136 -10.99 0.75 -37.21
C PHE B 136 -12.46 1.02 -36.90
N SER B 137 -13.30 0.02 -37.17
N SER B 137 -13.30 0.01 -37.17
CA SER B 137 -14.68 0.03 -36.74
CA SER B 137 -14.70 -0.07 -36.76
C SER B 137 -14.69 -0.74 -35.41
C SER B 137 -14.69 -0.75 -35.41
N PRO B 138 -15.22 -0.13 -34.36
CA PRO B 138 -15.22 -0.80 -33.03
C PRO B 138 -16.35 -1.82 -32.97
N ARG B 139 -16.21 -2.81 -32.08
CA ARG B 139 -17.32 -3.73 -31.85
C ARG B 139 -18.42 -3.04 -31.00
N THR B 140 -18.01 -2.13 -30.10
CA THR B 140 -18.91 -1.47 -29.16
C THR B 140 -18.51 -0.03 -28.95
N ARG B 141 -19.47 0.82 -28.67
CA ARG B 141 -19.12 2.21 -28.32
C ARG B 141 -19.78 2.55 -27.03
N ILE B 142 -19.04 3.15 -26.10
CA ILE B 142 -19.59 3.61 -24.84
C ILE B 142 -19.32 5.09 -24.79
N MET B 143 -20.38 5.91 -24.75
CA MET B 143 -20.21 7.37 -24.73
C MET B 143 -20.50 7.89 -23.36
N VAL B 144 -19.60 8.67 -22.78
CA VAL B 144 -19.75 9.19 -21.44
C VAL B 144 -19.79 10.69 -21.48
N SER B 145 -20.83 11.27 -20.88
CA SER B 145 -20.94 12.73 -20.76
C SER B 145 -21.36 13.08 -19.31
N GLU B 146 -21.45 14.39 -18.96
CA GLU B 146 -21.94 14.77 -17.63
C GLU B 146 -23.38 14.25 -17.39
N LYS B 147 -24.17 14.03 -18.49
CA LYS B 147 -25.57 13.63 -18.36
C LYS B 147 -25.76 12.11 -18.23
N GLU B 148 -25.08 11.34 -19.10
CA GLU B 148 -25.32 9.89 -19.12
C GLU B 148 -24.21 9.12 -19.81
N ILE B 149 -24.32 7.80 -19.67
CA ILE B 149 -23.47 6.81 -20.33
C ILE B 149 -24.35 6.12 -21.36
N ARG B 150 -24.00 6.19 -22.62
CA ARG B 150 -24.77 5.55 -23.68
C ARG B 150 -23.99 4.34 -24.18
N LEU B 151 -24.64 3.20 -24.25
CA LEU B 151 -24.03 1.95 -24.69
C LEU B 151 -24.55 1.58 -26.09
N PHE B 152 -23.64 1.39 -27.04
CA PHE B 152 -23.99 0.94 -28.39
C PHE B 152 -23.36 -0.41 -28.65
N ASP B 153 -24.20 -1.43 -28.92
CA ASP B 153 -23.73 -2.79 -29.25
C ASP B 153 -22.86 -3.34 -28.15
N ALA B 154 -23.26 -3.08 -26.89
CA ALA B 154 -22.48 -3.62 -25.76
C ALA B 154 -22.94 -5.04 -25.42
N GLY B 155 -22.01 -5.98 -25.45
CA GLY B 155 -22.31 -7.37 -25.04
C GLY B 155 -22.29 -7.54 -23.52
N ILE B 156 -22.54 -8.79 -23.07
CA ILE B 156 -22.70 -9.03 -21.63
C ILE B 156 -21.47 -8.64 -20.81
N ARG B 157 -20.23 -8.94 -21.27
CA ARG B 157 -19.04 -8.61 -20.44
C ARG B 157 -18.88 -7.11 -20.32
N HIS B 158 -19.17 -6.37 -21.39
CA HIS B 158 -19.06 -4.93 -21.34
C HIS B 158 -20.15 -4.37 -20.43
N ARG B 159 -21.41 -4.84 -20.53
CA ARG B 159 -22.46 -4.32 -19.65
C ARG B 159 -22.13 -4.59 -18.16
N GLU B 160 -21.66 -5.83 -17.88
CA GLU B 160 -21.34 -6.18 -16.49
C GLU B 160 -20.15 -5.36 -15.99
N ALA B 161 -19.14 -5.08 -16.83
CA ALA B 161 -17.98 -4.28 -16.42
C ALA B 161 -18.38 -2.86 -16.07
N ILE B 162 -19.29 -2.27 -16.86
CA ILE B 162 -19.76 -0.91 -16.58
C ILE B 162 -20.50 -0.91 -15.24
N ASP B 163 -21.39 -1.92 -15.02
CA ASP B 163 -22.14 -1.98 -13.77
C ASP B 163 -21.20 -2.14 -12.57
N ARG B 164 -20.15 -2.99 -12.70
CA ARG B 164 -19.21 -3.15 -11.58
C ARG B 164 -18.49 -1.84 -11.27
N LEU B 165 -18.05 -1.12 -12.33
CA LEU B 165 -17.35 0.15 -12.16
C LEU B 165 -18.24 1.18 -11.48
N LEU B 166 -19.51 1.26 -11.89
CA LEU B 166 -20.43 2.20 -11.25
C LEU B 166 -20.64 1.88 -9.76
N ALA B 167 -20.63 0.59 -9.42
CA ALA B 167 -20.82 0.15 -8.03
C ALA B 167 -19.57 0.40 -7.15
N THR B 168 -18.36 0.22 -7.70
CA THR B 168 -17.14 0.42 -6.91
C THR B 168 -16.65 1.87 -6.92
N GLY B 169 -16.95 2.58 -8.00
CA GLY B 169 -16.47 3.94 -8.20
C GLY B 169 -15.09 3.93 -8.85
N VAL B 170 -14.61 5.10 -9.24
CA VAL B 170 -13.30 5.19 -9.88
C VAL B 170 -12.17 5.03 -8.83
N ARG B 171 -11.03 4.47 -9.29
CA ARG B 171 -9.87 4.33 -8.43
C ARG B 171 -9.28 5.69 -8.13
N GLU B 172 -8.65 5.81 -6.97
CA GLU B 172 -7.89 7.02 -6.64
C GLU B 172 -6.64 7.01 -7.52
N VAL B 173 -6.25 8.16 -8.08
CA VAL B 173 -5.05 8.22 -8.90
C VAL B 173 -3.82 8.21 -8.00
N PRO B 174 -2.89 7.25 -8.20
CA PRO B 174 -1.68 7.20 -7.36
C PRO B 174 -0.75 8.38 -7.60
N GLN B 175 0.26 8.54 -6.71
CA GLN B 175 1.27 9.59 -6.90
C GLN B 175 2.06 9.34 -8.20
N SER B 176 2.47 10.40 -8.86
CA SER B 176 3.23 10.32 -10.10
C SER B 176 4.73 10.12 -9.81
N ARG B 177 5.48 9.73 -10.85
CA ARG B 177 6.92 9.50 -10.77
C ARG B 177 7.62 10.46 -11.73
N SER B 178 8.62 11.19 -11.22
CA SER B 178 9.32 12.21 -11.98
C SER B 178 10.17 11.69 -13.15
N VAL B 179 10.42 12.56 -14.13
CA VAL B 179 11.29 12.31 -15.27
C VAL B 179 12.15 13.54 -15.52
N ASP B 180 13.41 13.33 -15.90
CA ASP B 180 14.29 14.44 -16.24
C ASP B 180 14.20 14.74 -17.74
N VAL B 181 13.89 15.98 -18.11
CA VAL B 181 13.83 16.38 -19.53
C VAL B 181 14.92 17.39 -19.91
N SER B 182 15.90 17.64 -19.03
CA SER B 182 16.92 18.65 -19.26
C SER B 182 18.03 18.20 -20.20
N ASP B 183 18.23 16.89 -20.39
CA ASP B 183 19.30 16.42 -21.29
C ASP B 183 18.88 16.61 -22.76
N ASP B 184 19.87 16.74 -23.66
CA ASP B 184 19.60 16.93 -25.09
C ASP B 184 20.34 15.87 -25.92
N PRO B 185 19.99 14.57 -25.76
CA PRO B 185 20.74 13.53 -26.48
C PRO B 185 20.59 13.58 -28.02
N SER B 186 19.51 14.16 -28.54
CA SER B 186 19.32 14.23 -30.01
C SER B 186 19.86 15.54 -30.64
N GLY B 187 20.54 16.37 -29.87
CA GLY B 187 21.13 17.61 -30.38
C GLY B 187 20.12 18.61 -30.93
N PHE B 188 18.98 18.77 -30.23
CA PHE B 188 17.94 19.72 -30.62
C PHE B 188 18.51 21.14 -30.79
N ARG B 189 19.31 21.61 -29.82
CA ARG B 189 19.91 22.96 -29.93
C ARG B 189 20.71 23.14 -31.22
N ARG B 190 21.49 22.12 -31.61
CA ARG B 190 22.29 22.18 -32.83
C ARG B 190 21.38 22.17 -34.07
N ARG B 191 20.34 21.34 -34.05
CA ARG B 191 19.38 21.22 -35.14
C ARG B 191 18.63 22.54 -35.36
N VAL B 192 18.28 23.25 -34.27
CA VAL B 192 17.66 24.58 -34.37
C VAL B 192 18.60 25.56 -35.12
N ALA B 193 19.87 25.57 -34.73
CA ALA B 193 20.87 26.44 -35.36
C ALA B 193 20.99 26.16 -36.89
N VAL B 194 20.94 24.88 -37.30
CA VAL B 194 21.00 24.51 -38.72
C VAL B 194 19.75 25.06 -39.45
N ALA B 195 18.57 24.89 -38.85
CA ALA B 195 17.33 25.42 -39.45
C ALA B 195 17.40 26.95 -39.57
N VAL B 196 17.90 27.63 -38.54
CA VAL B 196 18.03 29.11 -38.56
C VAL B 196 18.94 29.53 -39.73
N ASP B 197 20.02 28.79 -39.98
CA ASP B 197 20.93 29.06 -41.09
C ASP B 197 20.23 28.87 -42.45
N GLU B 198 19.41 27.79 -42.58
CA GLU B 198 18.67 27.50 -43.80
C GLU B 198 17.63 28.60 -44.08
N ILE B 199 16.95 29.07 -43.03
CA ILE B 199 15.97 30.16 -43.13
C ILE B 199 16.67 31.45 -43.54
N ALA B 200 17.82 31.76 -42.92
CA ALA B 200 18.62 32.96 -43.26
C ALA B 200 19.09 32.92 -44.72
N ALA B 201 19.27 31.71 -45.29
CA ALA B 201 19.68 31.55 -46.68
C ALA B 201 18.47 31.63 -47.66
N GLY B 202 17.24 31.74 -47.12
CA GLY B 202 16.04 31.87 -47.91
C GLY B 202 15.47 30.55 -48.39
N ARG B 203 15.83 29.42 -47.74
CA ARG B 203 15.31 28.11 -48.16
C ARG B 203 13.80 27.98 -47.83
N TYR B 204 13.40 28.55 -46.70
CA TYR B 204 12.02 28.57 -46.23
C TYR B 204 11.87 29.63 -45.12
N HIS B 205 10.64 29.89 -44.67
CA HIS B 205 10.37 30.93 -43.68
C HIS B 205 10.34 30.38 -42.26
N LYS B 206 9.78 29.17 -42.09
CA LYS B 206 9.63 28.59 -40.76
C LYS B 206 9.62 27.06 -40.80
N VAL B 207 10.11 26.41 -39.74
CA VAL B 207 10.03 24.94 -39.62
C VAL B 207 9.84 24.60 -38.15
N ILE B 208 9.07 23.54 -37.87
CA ILE B 208 8.90 23.05 -36.52
C ILE B 208 9.83 21.84 -36.38
N LEU B 209 10.74 21.91 -35.43
CA LEU B 209 11.60 20.78 -35.09
C LEU B 209 11.23 20.30 -33.68
N SER B 210 11.52 19.05 -33.35
CA SER B 210 11.09 18.47 -32.09
C SER B 210 12.19 17.58 -31.48
N ARG B 211 11.95 17.10 -30.26
CA ARG B 211 12.88 16.18 -29.61
C ARG B 211 12.09 15.15 -28.80
N CYS B 212 12.52 13.90 -28.86
CA CYS B 212 11.97 12.81 -28.06
C CYS B 212 12.63 12.85 -26.69
N VAL B 213 11.89 12.43 -25.66
CA VAL B 213 12.41 12.26 -24.30
C VAL B 213 12.03 10.85 -23.88
N GLU B 214 13.01 9.98 -23.66
CA GLU B 214 12.70 8.61 -23.23
C GLU B 214 12.24 8.59 -21.76
N VAL B 215 11.16 7.88 -21.46
CA VAL B 215 10.69 7.67 -20.09
C VAL B 215 11.29 6.35 -19.65
N PRO B 216 12.18 6.36 -18.64
CA PRO B 216 12.87 5.11 -18.28
C PRO B 216 12.05 4.09 -17.47
N PHE B 217 10.75 4.25 -17.39
CA PHE B 217 9.88 3.31 -16.67
C PHE B 217 8.56 3.19 -17.42
N ALA B 218 7.87 2.05 -17.29
CA ALA B 218 6.57 1.86 -17.95
C ALA B 218 5.52 2.63 -17.20
N ILE B 219 4.58 3.28 -17.93
CA ILE B 219 3.54 4.04 -17.28
C ILE B 219 2.17 3.37 -17.46
N ASP B 220 1.23 3.73 -16.57
CA ASP B 220 -0.14 3.29 -16.64
C ASP B 220 -0.85 4.34 -17.48
N PHE B 221 -1.20 3.99 -18.72
CA PHE B 221 -1.78 4.98 -19.62
C PHE B 221 -3.13 5.52 -19.12
N PRO B 222 -4.13 4.72 -18.69
CA PRO B 222 -5.41 5.33 -18.27
C PRO B 222 -5.26 6.24 -17.03
N LEU B 223 -4.42 5.84 -16.06
CA LEU B 223 -4.25 6.66 -14.85
C LEU B 223 -3.50 7.95 -15.19
N THR B 224 -2.44 7.85 -16.03
CA THR B 224 -1.71 9.04 -16.48
C THR B 224 -2.66 9.97 -17.25
N TYR B 225 -3.49 9.39 -18.12
CA TYR B 225 -4.48 10.22 -18.86
C TYR B 225 -5.40 11.01 -17.89
N ARG B 226 -5.96 10.33 -16.86
CA ARG B 226 -6.81 11.00 -15.90
C ARG B 226 -6.07 12.13 -15.16
N LEU B 227 -4.84 11.85 -14.73
CA LEU B 227 -4.07 12.85 -13.97
C LEU B 227 -3.74 14.06 -14.88
N GLY B 228 -3.22 13.79 -16.07
CA GLY B 228 -2.88 14.84 -17.01
C GLY B 228 -4.11 15.63 -17.45
N ARG B 229 -5.30 14.96 -17.56
CA ARG B 229 -6.51 15.65 -18.02
C ARG B 229 -6.98 16.75 -17.04
N ARG B 230 -6.66 16.58 -15.74
CA ARG B 230 -6.99 17.61 -14.75
C ARG B 230 -6.13 18.87 -14.92
N HIS B 231 -4.96 18.75 -15.56
CA HIS B 231 -4.01 19.87 -15.64
C HIS B 231 -3.69 20.32 -17.06
N ASN B 232 -4.58 20.00 -18.01
CA ASN B 232 -4.45 20.39 -19.40
C ASN B 232 -5.81 20.93 -19.86
N THR B 233 -5.78 21.80 -20.86
CA THR B 233 -6.98 22.42 -21.43
C THR B 233 -6.94 22.20 -22.94
N PRO B 234 -7.37 21.00 -23.39
CA PRO B 234 -7.25 20.71 -24.82
C PRO B 234 -8.52 20.94 -25.65
N VAL B 235 -8.37 20.99 -26.97
CA VAL B 235 -9.47 21.08 -27.91
C VAL B 235 -10.17 19.68 -28.03
N ARG B 236 -9.35 18.64 -27.99
CA ARG B 236 -9.75 17.22 -28.03
C ARG B 236 -8.75 16.48 -27.17
N SER B 237 -9.07 15.25 -26.76
CA SER B 237 -8.06 14.43 -26.06
C SER B 237 -8.29 12.99 -26.42
N PHE B 238 -7.31 12.15 -26.14
CA PHE B 238 -7.49 10.74 -26.46
C PHE B 238 -6.63 9.88 -25.57
N LEU B 239 -6.96 8.60 -25.57
CA LEU B 239 -6.30 7.52 -24.82
C LEU B 239 -6.53 6.28 -25.66
N LEU B 240 -5.49 5.54 -26.04
CA LEU B 240 -5.72 4.36 -26.88
C LEU B 240 -4.71 3.27 -26.61
N GLN B 241 -5.11 2.08 -26.99
CA GLN B 241 -4.28 0.85 -26.98
C GLN B 241 -4.68 0.16 -28.26
N LEU B 242 -3.86 0.29 -29.31
CA LEU B 242 -4.27 -0.23 -30.62
C LEU B 242 -3.08 -0.81 -31.35
N GLY B 243 -3.15 -2.08 -31.72
CA GLY B 243 -2.09 -2.69 -32.51
C GLY B 243 -0.70 -2.58 -31.91
N GLY B 244 -0.61 -2.75 -30.59
CA GLY B 244 0.69 -2.71 -29.92
C GLY B 244 1.16 -1.32 -29.53
N ILE B 245 0.40 -0.29 -29.90
CA ILE B 245 0.74 1.09 -29.52
C ILE B 245 -0.15 1.53 -28.39
N ARG B 246 0.42 2.11 -27.35
CA ARG B 246 -0.37 2.82 -26.35
C ARG B 246 -0.07 4.29 -26.52
N ALA B 247 -1.09 5.13 -26.41
CA ALA B 247 -0.83 6.57 -26.49
C ALA B 247 -1.91 7.33 -25.76
N LEU B 248 -1.58 8.54 -25.35
CA LEU B 248 -2.57 9.43 -24.78
C LEU B 248 -2.14 10.85 -25.15
N GLY B 249 -3.08 11.78 -25.19
CA GLY B 249 -2.71 13.14 -25.56
C GLY B 249 -3.79 14.17 -25.35
N TYR B 250 -3.35 15.41 -25.25
CA TYR B 250 -4.23 16.56 -25.02
C TYR B 250 -4.02 17.49 -26.23
N SER B 251 -4.77 17.22 -27.27
CA SER B 251 -4.62 17.96 -28.54
CA SER B 251 -4.61 17.90 -28.55
C SER B 251 -4.93 19.42 -28.41
N PRO B 252 -3.99 20.28 -28.81
CA PRO B 252 -4.25 21.73 -28.70
C PRO B 252 -4.88 22.36 -29.93
N GLU B 253 -5.09 21.59 -31.02
CA GLU B 253 -5.53 22.24 -32.27
C GLU B 253 -6.37 21.32 -33.12
N LEU B 254 -7.47 21.86 -33.66
CA LEU B 254 -8.33 21.12 -34.56
C LEU B 254 -7.78 21.22 -35.98
N VAL B 255 -7.41 20.10 -36.57
CA VAL B 255 -6.90 20.08 -37.95
C VAL B 255 -8.08 20.33 -38.87
N THR B 256 -9.14 19.53 -38.72
CA THR B 256 -10.39 19.79 -39.46
CA THR B 256 -10.33 19.62 -39.58
C THR B 256 -11.55 19.07 -38.85
N ALA B 257 -12.73 19.68 -39.00
CA ALA B 257 -13.97 19.05 -38.61
C ALA B 257 -14.86 19.19 -39.84
N VAL B 258 -15.41 18.11 -40.34
CA VAL B 258 -16.36 18.14 -41.45
C VAL B 258 -17.67 17.67 -40.90
N ARG B 259 -18.74 18.44 -41.08
CA ARG B 259 -20.04 18.04 -40.57
C ARG B 259 -20.85 17.32 -41.63
N ALA B 260 -21.89 16.57 -41.21
CA ALA B 260 -22.78 15.90 -42.17
C ALA B 260 -23.43 16.91 -43.16
N ASP B 261 -23.65 18.16 -42.74
CA ASP B 261 -24.27 19.16 -43.62
C ASP B 261 -23.24 19.82 -44.62
N GLY B 262 -21.99 19.37 -44.59
CA GLY B 262 -20.96 19.86 -45.50
C GLY B 262 -20.13 21.02 -44.99
N VAL B 263 -20.43 21.55 -43.77
CA VAL B 263 -19.62 22.64 -43.25
C VAL B 263 -18.25 22.07 -42.83
N VAL B 264 -17.18 22.71 -43.25
CA VAL B 264 -15.81 22.35 -42.91
C VAL B 264 -15.24 23.46 -42.03
N ILE B 265 -14.58 23.09 -40.94
CA ILE B 265 -13.98 24.03 -40.03
C ILE B 265 -12.53 23.66 -39.82
N THR B 266 -11.67 24.66 -39.65
CA THR B 266 -10.27 24.43 -39.25
C THR B 266 -9.92 25.57 -38.30
N GLU B 267 -9.08 25.32 -37.28
CA GLU B 267 -8.80 26.37 -36.29
CA GLU B 267 -8.80 26.35 -36.29
C GLU B 267 -7.30 26.45 -35.99
N PRO B 268 -6.56 27.07 -36.90
CA PRO B 268 -5.10 27.17 -36.70
C PRO B 268 -4.73 28.12 -35.56
N LEU B 269 -3.70 27.74 -34.79
CA LEU B 269 -3.15 28.58 -33.72
C LEU B 269 -1.72 28.93 -34.08
N ALA B 270 -1.27 30.14 -33.77
CA ALA B 270 0.11 30.58 -34.03
C ALA B 270 0.38 31.78 -33.13
N GLY B 271 1.48 31.75 -32.39
CA GLY B 271 1.82 32.80 -31.44
C GLY B 271 1.36 32.40 -30.05
N THR B 272 2.28 32.35 -29.08
CA THR B 272 1.93 31.95 -27.72
C THR B 272 2.62 32.79 -26.64
N ARG B 273 1.94 32.91 -25.49
CA ARG B 273 2.46 33.51 -24.25
C ARG B 273 2.00 32.65 -23.07
N ALA B 274 2.68 32.78 -21.91
CA ALA B 274 2.23 32.04 -20.74
C ALA B 274 0.92 32.64 -20.21
N LEU B 275 0.18 31.82 -19.47
CA LEU B 275 -1.10 32.16 -18.84
C LEU B 275 -1.16 31.48 -17.44
N GLY B 276 -2.02 31.98 -16.56
CA GLY B 276 -2.16 31.42 -15.23
C GLY B 276 -1.16 31.96 -14.24
N ARG B 277 -0.50 33.09 -14.55
CA ARG B 277 0.49 33.72 -13.66
C ARG B 277 -0.06 34.94 -12.90
N GLY B 278 -1.38 35.09 -12.80
CA GLY B 278 -1.97 36.24 -12.13
C GLY B 278 -2.70 37.15 -13.09
N PRO B 279 -3.73 37.88 -12.63
CA PRO B 279 -4.51 38.73 -13.56
C PRO B 279 -3.69 39.86 -14.21
N ALA B 280 -2.82 40.56 -13.46
CA ALA B 280 -2.03 41.66 -14.02
C ALA B 280 -0.98 41.16 -15.02
N ILE B 281 -0.26 40.06 -14.68
CA ILE B 281 0.79 39.50 -15.52
C ILE B 281 0.19 38.86 -16.76
N ASP B 282 -0.98 38.19 -16.62
CA ASP B 282 -1.65 37.62 -17.79
C ASP B 282 -2.16 38.71 -18.72
N ARG B 283 -2.64 39.83 -18.17
CA ARG B 283 -3.09 40.95 -19.02
C ARG B 283 -1.90 41.51 -19.78
N LEU B 284 -0.75 41.68 -19.11
CA LEU B 284 0.47 42.14 -19.79
C LEU B 284 0.88 41.18 -20.93
N ALA B 285 0.88 39.86 -20.67
CA ALA B 285 1.25 38.89 -21.71
C ALA B 285 0.22 38.88 -22.84
N ARG B 286 -1.08 39.04 -22.52
CA ARG B 286 -2.16 39.07 -23.51
C ARG B 286 -1.98 40.28 -24.41
N ASP B 287 -1.69 41.43 -23.81
CA ASP B 287 -1.49 42.67 -24.54
C ASP B 287 -0.28 42.56 -25.44
N ASP B 288 0.80 41.93 -24.96
CA ASP B 288 2.02 41.73 -25.74
C ASP B 288 1.70 40.85 -26.94
N LEU B 289 1.08 39.68 -26.70
CA LEU B 289 0.73 38.76 -27.77
C LEU B 289 -0.13 39.42 -28.88
N GLU B 290 -1.16 40.17 -28.49
CA GLU B 290 -2.05 40.82 -29.47
C GLU B 290 -1.40 41.98 -30.22
N SER B 291 -0.31 42.56 -29.68
CA SER B 291 0.33 43.73 -30.31
C SER B 291 1.73 43.44 -30.88
N ASN B 292 2.22 42.22 -30.73
CA ASN B 292 3.57 41.87 -31.17
C ASN B 292 3.60 41.61 -32.66
N SER B 293 4.34 42.46 -33.41
CA SER B 293 4.41 42.30 -34.88
C SER B 293 4.89 40.92 -35.31
N LYS B 294 5.87 40.34 -34.61
CA LYS B 294 6.36 39.01 -35.00
C LYS B 294 5.26 37.94 -34.87
N GLU B 295 4.45 37.97 -33.78
CA GLU B 295 3.37 36.99 -33.63
C GLU B 295 2.25 37.23 -34.65
N ILE B 296 1.92 38.50 -34.89
CA ILE B 296 0.85 38.85 -35.84
C ILE B 296 1.20 38.38 -37.24
N VAL B 297 2.43 38.63 -37.71
CA VAL B 297 2.81 38.21 -39.07
C VAL B 297 2.74 36.67 -39.18
N GLU B 298 3.23 35.95 -38.16
CA GLU B 298 3.18 34.47 -38.21
C GLU B 298 1.74 33.94 -38.20
N HIS B 299 0.86 34.60 -37.45
CA HIS B 299 -0.52 34.21 -37.40
C HIS B 299 -1.20 34.50 -38.76
N ALA B 300 -1.00 35.71 -39.31
CA ALA B 300 -1.60 36.07 -40.61
C ALA B 300 -1.15 35.08 -41.72
N ILE B 301 0.14 34.74 -41.74
CA ILE B 301 0.68 33.83 -42.76
C ILE B 301 0.04 32.45 -42.61
N SER B 302 -0.20 32.01 -41.36
CA SER B 302 -0.80 30.69 -41.14
C SER B 302 -2.27 30.72 -41.60
N VAL B 303 -2.98 31.80 -41.28
CA VAL B 303 -4.38 31.94 -41.70
C VAL B 303 -4.47 31.94 -43.24
N ARG B 304 -3.56 32.67 -43.92
CA ARG B 304 -3.57 32.70 -45.39
C ARG B 304 -3.31 31.29 -45.96
N SER B 305 -2.38 30.54 -45.35
CA SER B 305 -2.12 29.17 -45.79
C SER B 305 -3.39 28.31 -45.64
N SER B 306 -4.08 28.38 -44.50
CA SER B 306 -5.32 27.60 -44.28
C SER B 306 -6.40 27.97 -45.31
N LEU B 307 -6.54 29.27 -45.60
CA LEU B 307 -7.53 29.71 -46.57
C LEU B 307 -7.19 29.20 -47.95
N GLU B 308 -5.90 29.25 -48.35
CA GLU B 308 -5.52 28.77 -49.67
C GLU B 308 -5.80 27.25 -49.80
N GLU B 309 -5.45 26.52 -48.73
CA GLU B 309 -5.67 25.06 -48.76
C GLU B 309 -7.17 24.73 -48.82
N ILE B 310 -7.96 25.37 -47.96
CA ILE B 310 -9.38 25.04 -47.86
C ILE B 310 -10.11 25.45 -49.15
N THR B 311 -9.65 26.50 -49.84
CA THR B 311 -10.27 26.94 -51.08
C THR B 311 -10.23 25.81 -52.14
N ASP B 312 -9.19 24.95 -52.11
CA ASP B 312 -9.06 23.86 -53.06
C ASP B 312 -10.14 22.77 -52.89
N ILE B 313 -10.76 22.68 -51.70
CA ILE B 313 -11.82 21.68 -51.48
C ILE B 313 -13.20 22.31 -51.23
N ALA B 314 -13.30 23.65 -51.28
CA ALA B 314 -14.52 24.32 -50.90
C ALA B 314 -15.37 24.74 -52.08
N GLU B 315 -16.68 24.89 -51.84
CA GLU B 315 -17.59 25.50 -52.79
C GLU B 315 -17.11 26.93 -53.05
N PRO B 316 -16.95 27.36 -54.31
CA PRO B 316 -16.44 28.73 -54.55
C PRO B 316 -17.21 29.80 -53.77
N GLY B 317 -16.46 30.70 -53.13
CA GLY B 317 -17.02 31.80 -52.38
C GLY B 317 -17.51 31.45 -50.97
N SER B 318 -17.35 30.18 -50.54
CA SER B 318 -17.84 29.78 -49.21
C SER B 318 -16.80 29.94 -48.09
N ALA B 319 -15.50 30.08 -48.42
CA ALA B 319 -14.48 30.13 -47.37
C ALA B 319 -14.49 31.48 -46.68
N ALA B 320 -14.40 31.46 -45.35
CA ALA B 320 -14.42 32.70 -44.56
C ALA B 320 -13.66 32.51 -43.26
N VAL B 321 -13.13 33.61 -42.72
CA VAL B 321 -12.51 33.59 -41.39
C VAL B 321 -13.57 34.13 -40.43
N ILE B 322 -14.04 33.30 -39.50
CA ILE B 322 -15.17 33.74 -38.65
C ILE B 322 -14.76 34.21 -37.26
N ASP B 323 -13.51 34.02 -36.90
CA ASP B 323 -12.97 34.56 -35.68
C ASP B 323 -11.52 34.77 -36.03
N PHE B 324 -11.10 36.02 -36.23
CA PHE B 324 -9.74 36.27 -36.69
C PHE B 324 -8.82 36.78 -35.61
N MET B 325 -7.72 36.03 -35.42
CA MET B 325 -6.60 36.41 -34.55
C MET B 325 -7.07 36.82 -33.15
N THR B 326 -7.83 35.93 -32.50
CA THR B 326 -8.30 36.19 -31.14
C THR B 326 -7.53 35.32 -30.15
N VAL B 327 -7.43 35.78 -28.90
CA VAL B 327 -6.70 35.04 -27.88
C VAL B 327 -7.51 33.84 -27.43
N ARG B 328 -6.88 32.66 -27.48
CA ARG B 328 -7.48 31.40 -27.07
C ARG B 328 -6.76 30.98 -25.81
N GLU B 329 -7.44 31.15 -24.67
CA GLU B 329 -6.87 30.82 -23.35
C GLU B 329 -6.89 29.31 -23.15
N ARG B 330 -5.75 28.73 -22.78
CA ARG B 330 -5.62 27.28 -22.65
C ARG B 330 -4.87 26.87 -21.39
N GLY B 331 -5.33 27.40 -20.26
CA GLY B 331 -4.74 27.05 -18.97
C GLY B 331 -3.41 27.72 -18.74
N SER B 332 -2.29 27.01 -19.01
CA SER B 332 -0.97 27.61 -18.76
C SER B 332 -0.40 28.36 -19.97
N VAL B 333 -1.10 28.36 -21.12
CA VAL B 333 -0.65 29.11 -22.28
C VAL B 333 -1.85 29.77 -22.96
N GLN B 334 -1.60 30.92 -23.60
CA GLN B 334 -2.61 31.63 -24.38
C GLN B 334 -2.04 31.75 -25.79
N HIS B 335 -2.88 31.53 -26.78
CA HIS B 335 -2.44 31.57 -28.18
C HIS B 335 -3.23 32.55 -29.01
N LEU B 336 -2.72 32.95 -30.19
CA LEU B 336 -3.58 33.64 -31.15
C LEU B 336 -4.21 32.50 -31.98
N GLY B 337 -5.51 32.57 -32.19
CA GLY B 337 -6.22 31.57 -32.98
C GLY B 337 -7.22 32.20 -33.94
N SER B 338 -7.49 31.51 -35.04
CA SER B 338 -8.52 31.91 -36.00
C SER B 338 -9.37 30.72 -36.34
N THR B 339 -10.65 30.95 -36.69
CA THR B 339 -11.52 29.86 -37.08
C THR B 339 -11.87 30.08 -38.54
N ILE B 340 -11.55 29.11 -39.40
CA ILE B 340 -11.81 29.21 -40.84
C ILE B 340 -12.95 28.23 -41.14
N ARG B 341 -13.96 28.68 -41.89
CA ARG B 341 -15.09 27.84 -42.22
C ARG B 341 -15.30 27.86 -43.73
N ALA B 342 -15.77 26.76 -44.30
CA ALA B 342 -16.12 26.71 -45.71
C ALA B 342 -17.25 25.64 -45.90
N ARG B 343 -17.75 25.49 -47.12
CA ARG B 343 -18.67 24.40 -47.41
C ARG B 343 -17.90 23.45 -48.32
N LEU B 344 -17.95 22.16 -48.05
CA LEU B 344 -17.26 21.15 -48.82
C LEU B 344 -17.85 21.11 -50.24
N ASP B 345 -17.02 21.25 -51.26
CA ASP B 345 -17.52 21.22 -52.63
C ASP B 345 -18.12 19.83 -52.93
N PRO B 346 -19.24 19.77 -53.69
CA PRO B 346 -19.81 18.46 -54.05
C PRO B 346 -18.81 17.56 -54.80
N SER B 347 -17.76 18.14 -55.44
CA SER B 347 -16.74 17.33 -56.15
C SER B 347 -15.65 16.79 -55.18
N SER B 348 -15.63 17.25 -53.94
CA SER B 348 -14.62 16.90 -52.94
C SER B 348 -15.21 15.91 -51.92
N ASP B 349 -14.46 15.60 -50.87
CA ASP B 349 -14.90 14.67 -49.83
C ASP B 349 -14.08 14.92 -48.58
N ARG B 350 -14.51 14.31 -47.44
CA ARG B 350 -13.88 14.62 -46.17
C ARG B 350 -12.40 14.27 -46.14
N MET B 351 -11.97 13.18 -46.86
CA MET B 351 -10.53 12.85 -46.85
C MET B 351 -9.74 13.88 -47.61
N ALA B 352 -10.30 14.41 -48.71
CA ALA B 352 -9.60 15.46 -49.45
C ALA B 352 -9.49 16.73 -48.57
N ALA B 353 -10.50 16.99 -47.72
CA ALA B 353 -10.44 18.14 -46.82
C ALA B 353 -9.31 17.91 -45.79
N LEU B 354 -9.23 16.70 -45.20
CA LEU B 354 -8.15 16.37 -44.26
C LEU B 354 -6.78 16.49 -44.97
N GLU B 355 -6.66 15.92 -46.17
CA GLU B 355 -5.41 15.99 -46.93
C GLU B 355 -5.01 17.42 -47.27
N ALA B 356 -5.98 18.28 -47.59
CA ALA B 356 -5.66 19.68 -47.92
C ALA B 356 -5.08 20.42 -46.69
N LEU B 357 -5.58 20.08 -45.50
CA LEU B 357 -5.20 20.80 -44.29
C LEU B 357 -4.13 20.10 -43.46
N PHE B 358 -3.55 19.03 -43.99
CA PHE B 358 -2.57 18.22 -43.31
C PHE B 358 -1.27 18.17 -44.10
N PRO B 359 -0.10 18.20 -43.46
CA PRO B 359 0.09 18.41 -42.02
C PRO B 359 -0.30 19.85 -41.64
N ALA B 360 -0.57 20.07 -40.36
CA ALA B 360 -0.88 21.45 -39.91
C ALA B 360 0.36 22.31 -40.03
N VAL B 361 0.22 23.63 -40.33
CA VAL B 361 1.37 24.54 -40.28
C VAL B 361 2.05 24.47 -38.89
N THR B 362 1.23 24.33 -37.84
CA THR B 362 1.66 24.28 -36.45
C THR B 362 2.74 23.25 -36.18
N ALA B 363 2.76 22.18 -36.94
CA ALA B 363 3.82 21.20 -36.71
C ALA B 363 4.63 20.89 -37.99
N SER B 364 4.60 21.79 -39.01
CA SER B 364 5.36 21.56 -40.24
C SER B 364 6.24 22.80 -40.54
N GLY B 365 5.66 23.81 -41.17
CA GLY B 365 6.39 25.04 -41.45
C GLY B 365 5.78 25.85 -42.58
N ILE B 366 6.52 26.85 -43.03
CA ILE B 366 6.09 27.73 -44.12
C ILE B 366 7.26 27.94 -45.05
N PRO B 367 7.11 27.72 -46.36
CA PRO B 367 5.97 27.04 -47.00
C PRO B 367 5.91 25.59 -46.44
N LYS B 368 4.73 25.01 -46.41
CA LYS B 368 4.55 23.67 -45.82
C LYS B 368 5.44 22.61 -46.48
N ALA B 369 5.54 22.65 -47.83
CA ALA B 369 6.33 21.70 -48.59
C ALA B 369 7.80 21.74 -48.16
N ALA B 370 8.37 22.95 -48.00
CA ALA B 370 9.77 23.10 -47.60
C ALA B 370 9.98 22.73 -46.13
N GLY B 371 9.00 23.02 -45.28
CA GLY B 371 9.07 22.63 -43.88
C GLY B 371 9.07 21.10 -43.73
N VAL B 372 8.20 20.42 -44.45
CA VAL B 372 8.14 18.94 -44.39
C VAL B 372 9.48 18.35 -44.92
N GLU B 373 10.00 18.91 -46.03
CA GLU B 373 11.29 18.47 -46.56
C GLU B 373 12.40 18.61 -45.50
N ALA B 374 12.41 19.75 -44.78
CA ALA B 374 13.46 20.02 -43.78
C ALA B 374 13.32 19.04 -42.60
N ILE B 375 12.09 18.73 -42.21
CA ILE B 375 11.86 17.79 -41.09
C ILE B 375 12.50 16.42 -41.39
N PHE B 376 12.46 15.94 -42.64
CA PHE B 376 13.11 14.66 -42.98
C PHE B 376 14.63 14.69 -42.66
N ARG B 377 15.25 15.85 -42.80
CA ARG B 377 16.70 15.99 -42.60
C ARG B 377 17.08 16.41 -41.16
N LEU B 378 16.25 17.26 -40.53
CA LEU B 378 16.59 17.90 -39.27
C LEU B 378 15.82 17.40 -38.05
N ASP B 379 14.90 16.41 -38.21
CA ASP B 379 14.18 15.80 -37.08
C ASP B 379 14.33 14.27 -37.07
N GLU B 380 14.00 13.59 -35.94
CA GLU B 380 14.01 12.11 -35.91
C GLU B 380 12.76 11.58 -36.63
N CYS B 381 12.98 10.90 -37.77
CA CYS B 381 11.86 10.38 -38.55
C CYS B 381 11.90 8.85 -38.64
N PRO B 382 10.73 8.20 -38.79
CA PRO B 382 9.39 8.80 -38.92
C PRO B 382 8.87 9.36 -37.60
N ARG B 383 8.07 10.45 -37.67
CA ARG B 383 7.45 11.00 -36.48
C ARG B 383 6.29 10.13 -35.98
N GLY B 384 5.66 9.40 -36.90
CA GLY B 384 4.52 8.54 -36.56
C GLY B 384 3.34 9.33 -36.05
N LEU B 385 2.84 8.99 -34.86
CA LEU B 385 1.66 9.70 -34.34
C LEU B 385 1.96 11.18 -34.04
N TYR B 386 3.18 11.49 -33.58
CA TYR B 386 3.52 12.86 -33.20
C TYR B 386 3.34 13.82 -34.40
N SER B 387 2.55 14.88 -34.19
CA SER B 387 2.21 15.90 -35.18
C SER B 387 1.32 15.34 -36.33
N GLY B 388 0.82 14.10 -36.19
CA GLY B 388 -0.21 13.54 -37.04
C GLY B 388 -1.55 13.91 -36.40
N ALA B 389 -2.58 13.08 -36.60
CA ALA B 389 -3.90 13.38 -36.02
C ALA B 389 -4.55 12.14 -35.46
N VAL B 390 -5.45 12.33 -34.52
CA VAL B 390 -6.33 11.26 -34.05
C VAL B 390 -7.71 11.63 -34.61
N VAL B 391 -8.42 10.66 -35.20
CA VAL B 391 -9.63 10.97 -35.95
C VAL B 391 -10.85 10.11 -35.52
N MET B 392 -12.02 10.69 -35.75
CA MET B 392 -13.31 10.06 -35.56
C MET B 392 -14.12 10.36 -36.79
N LEU B 393 -14.59 9.31 -37.47
CA LEU B 393 -15.38 9.45 -38.71
C LEU B 393 -16.76 8.88 -38.48
N SER B 394 -17.77 9.42 -39.15
CA SER B 394 -19.13 8.89 -39.00
CA SER B 394 -19.12 8.93 -38.97
C SER B 394 -19.75 8.58 -40.33
N ALA B 395 -20.70 7.63 -40.36
CA ALA B 395 -21.33 7.17 -41.58
C ALA B 395 -22.05 8.30 -42.32
N ASP B 396 -22.54 9.32 -41.59
CA ASP B 396 -23.25 10.42 -42.23
C ASP B 396 -22.29 11.45 -42.93
N GLY B 397 -20.99 11.16 -42.94
CA GLY B 397 -20.04 12.03 -43.63
C GLY B 397 -19.17 12.87 -42.70
N GLY B 398 -19.40 12.76 -41.39
CA GLY B 398 -18.60 13.51 -40.44
C GLY B 398 -17.15 13.07 -40.36
N LEU B 399 -16.30 14.02 -40.01
CA LEU B 399 -14.88 13.76 -39.72
CA LEU B 399 -14.89 13.77 -39.74
C LEU B 399 -14.45 14.74 -38.64
N ASP B 400 -13.72 14.26 -37.65
CA ASP B 400 -13.19 15.13 -36.61
C ASP B 400 -11.72 14.73 -36.43
N ALA B 401 -10.80 15.66 -36.67
CA ALA B 401 -9.36 15.33 -36.64
C ALA B 401 -8.61 16.32 -35.78
N ALA B 402 -7.99 15.81 -34.72
CA ALA B 402 -7.28 16.64 -33.75
C ALA B 402 -5.75 16.51 -33.94
N LEU B 403 -5.00 17.61 -33.88
CA LEU B 403 -3.54 17.53 -34.02
C LEU B 403 -2.88 16.85 -32.79
N THR B 404 -2.08 15.84 -33.02
CA THR B 404 -1.44 15.08 -31.95
C THR B 404 -0.16 15.74 -31.46
N LEU B 405 -0.31 16.51 -30.38
CA LEU B 405 0.76 17.16 -29.65
C LEU B 405 0.43 17.01 -28.17
N ARG B 406 1.44 17.17 -27.29
CA ARG B 406 1.22 17.03 -25.84
C ARG B 406 0.71 15.62 -25.54
N ALA B 407 1.45 14.67 -26.09
CA ALA B 407 1.11 13.25 -26.00
C ALA B 407 2.27 12.38 -25.53
N ALA B 408 1.93 11.20 -24.97
CA ALA B 408 2.89 10.17 -24.54
C ALA B 408 2.63 8.90 -25.36
N TYR B 409 3.68 8.10 -25.59
CA TYR B 409 3.56 6.92 -26.44
C TYR B 409 4.33 5.74 -25.87
N GLN B 410 3.85 4.54 -26.14
CA GLN B 410 4.59 3.34 -25.75
C GLN B 410 4.47 2.37 -26.90
N VAL B 411 5.62 1.87 -27.40
CA VAL B 411 5.67 0.89 -28.48
C VAL B 411 6.84 -0.04 -28.23
N GLY B 412 6.60 -1.34 -28.22
CA GLY B 412 7.65 -2.34 -28.05
C GLY B 412 8.63 -2.14 -26.93
N GLY B 413 8.11 -1.85 -25.74
CA GLY B 413 9.02 -1.71 -24.59
C GLY B 413 9.69 -0.35 -24.48
N ARG B 414 9.38 0.57 -25.39
CA ARG B 414 9.90 1.94 -25.35
C ARG B 414 8.77 2.91 -25.01
N THR B 415 8.97 3.76 -23.99
CA THR B 415 7.97 4.76 -23.61
C THR B 415 8.59 6.13 -23.81
N TRP B 416 7.88 7.05 -24.47
CA TRP B 416 8.50 8.35 -24.69
C TRP B 416 7.52 9.48 -24.78
N LEU B 417 8.06 10.69 -24.60
CA LEU B 417 7.38 11.95 -24.78
C LEU B 417 8.00 12.64 -26.03
N ARG B 418 7.36 13.67 -26.57
CA ARG B 418 7.94 14.41 -27.69
C ARG B 418 7.34 15.77 -27.75
N ALA B 419 8.19 16.79 -27.92
CA ALA B 419 7.73 18.17 -28.01
C ALA B 419 8.65 18.98 -28.93
N GLY B 420 8.07 19.95 -29.60
CA GLY B 420 8.78 20.76 -30.57
C GLY B 420 8.45 22.24 -30.50
N ALA B 421 9.03 23.02 -31.41
CA ALA B 421 8.82 24.47 -31.42
C ALA B 421 9.01 25.03 -32.84
N GLY B 422 8.29 26.11 -33.16
CA GLY B 422 8.40 26.80 -34.43
C GLY B 422 9.67 27.64 -34.49
N ILE B 423 10.48 27.42 -35.51
CA ILE B 423 11.75 28.13 -35.70
C ILE B 423 11.65 29.09 -36.87
N ILE B 424 11.98 30.36 -36.62
CA ILE B 424 11.98 31.40 -37.63
C ILE B 424 13.40 32.04 -37.67
N GLU B 425 13.65 32.99 -38.58
CA GLU B 425 14.99 33.57 -38.74
C GLU B 425 15.60 34.08 -37.42
N GLU B 426 14.78 34.65 -36.51
CA GLU B 426 15.33 35.23 -35.29
C GLU B 426 15.37 34.26 -34.09
N SER B 427 15.02 32.98 -34.28
CA SER B 427 15.00 32.03 -33.18
C SER B 427 16.38 31.74 -32.60
N GLU B 428 16.42 31.43 -31.28
CA GLU B 428 17.65 31.11 -30.56
C GLU B 428 17.55 29.70 -29.99
N PRO B 429 18.60 28.87 -30.17
CA PRO B 429 18.53 27.48 -29.71
C PRO B 429 18.20 27.30 -28.23
N GLU B 430 18.74 28.15 -27.35
CA GLU B 430 18.46 28.02 -25.92
C GLU B 430 17.00 28.30 -25.60
N ARG B 431 16.43 29.39 -26.16
CA ARG B 431 15.02 29.69 -25.93
C ARG B 431 14.12 28.58 -26.52
N GLU B 432 14.47 28.06 -27.69
CA GLU B 432 13.68 27.00 -28.32
C GLU B 432 13.72 25.71 -27.48
N PHE B 433 14.87 25.37 -26.89
CA PHE B 433 14.97 24.21 -26.02
C PHE B 433 14.09 24.42 -24.78
N GLU B 434 14.11 25.65 -24.21
CA GLU B 434 13.28 25.98 -23.06
C GLU B 434 11.79 25.84 -23.42
N GLU B 435 11.39 26.26 -24.63
CA GLU B 435 10.00 26.12 -25.09
C GLU B 435 9.59 24.65 -25.10
N THR B 436 10.50 23.74 -25.54
CA THR B 436 10.15 22.31 -25.54
C THR B 436 9.98 21.81 -24.09
N CYS B 437 10.78 22.32 -23.15
CA CYS B 437 10.65 21.96 -21.73
C CYS B 437 9.29 22.37 -21.21
N GLU B 438 8.84 23.58 -21.58
CA GLU B 438 7.54 24.08 -21.16
C GLU B 438 6.43 23.19 -21.70
N LYS B 439 6.52 22.78 -22.98
CA LYS B 439 5.49 21.92 -23.57
C LYS B 439 5.50 20.53 -22.93
N LEU B 440 6.69 20.02 -22.60
CA LEU B 440 6.77 18.71 -21.94
C LEU B 440 6.18 18.75 -20.50
N SER B 441 6.27 19.91 -19.84
CA SER B 441 5.84 20.11 -18.46
C SER B 441 4.33 19.94 -18.26
N THR B 442 3.52 19.86 -19.35
CA THR B 442 2.10 19.58 -19.13
C THR B 442 1.87 18.04 -19.04
N LEU B 443 2.93 17.22 -19.17
CA LEU B 443 2.82 15.76 -19.01
C LEU B 443 3.81 15.23 -17.97
N THR B 444 5.05 15.75 -17.97
CA THR B 444 6.12 15.24 -17.08
C THR B 444 5.73 15.19 -15.56
N PRO B 445 4.91 16.09 -14.97
CA PRO B 445 4.58 15.92 -13.53
C PRO B 445 3.47 14.90 -13.27
N TYR B 446 2.90 14.30 -14.32
CA TYR B 446 1.70 13.48 -14.21
C TYR B 446 1.85 12.07 -14.71
N LEU B 447 3.10 11.55 -14.80
CA LEU B 447 3.28 10.18 -15.26
C LEU B 447 3.07 9.20 -14.10
N VAL B 448 2.06 8.35 -14.21
CA VAL B 448 1.78 7.35 -13.21
C VAL B 448 2.47 6.08 -13.63
N ALA B 449 3.36 5.55 -12.80
CA ALA B 449 4.10 4.32 -13.13
C ALA B 449 3.15 3.14 -13.21
N ARG B 450 3.44 2.18 -14.10
CA ARG B 450 2.62 1.00 -14.29
C ARG B 450 2.57 0.19 -13.00
N GLN B 451 1.35 -0.14 -12.58
CA GLN B 451 1.01 -0.83 -11.35
C GLN B 451 1.54 -2.25 -11.34
N ALA C 15 14.61 1.49 47.99
CA ALA C 15 15.74 1.90 48.79
C ALA C 15 15.79 3.42 48.86
N SER C 16 15.70 4.17 47.73
CA SER C 16 15.72 5.64 47.79
CA SER C 16 15.72 5.64 47.83
C SER C 16 14.50 6.15 48.62
N SER C 17 13.38 5.40 48.59
CA SER C 17 12.21 5.75 49.37
C SER C 17 11.43 4.49 49.77
N SER C 18 10.72 4.54 50.88
CA SER C 18 9.78 3.52 51.27
C SER C 18 8.55 4.23 51.84
N ILE C 19 7.37 3.95 51.27
CA ILE C 19 6.13 4.56 51.67
C ILE C 19 5.17 3.49 52.13
N PRO C 20 4.61 3.61 53.36
CA PRO C 20 3.65 2.58 53.80
C PRO C 20 2.48 2.47 52.84
N MET C 21 2.03 1.25 52.59
CA MET C 21 0.87 1.01 51.74
C MET C 21 -0.37 1.56 52.43
N PRO C 22 -1.17 2.38 51.73
CA PRO C 22 -2.40 2.90 52.36
C PRO C 22 -3.39 1.77 52.66
N ALA C 23 -4.17 1.92 53.74
CA ALA C 23 -5.16 0.93 54.15
C ALA C 23 -6.23 0.73 53.07
N GLY C 24 -6.67 -0.50 52.92
CA GLY C 24 -7.73 -0.88 51.97
C GLY C 24 -7.33 -0.91 50.50
N VAL C 25 -6.03 -0.83 50.19
CA VAL C 25 -5.55 -0.82 48.81
C VAL C 25 -4.76 -2.09 48.50
N ASN C 26 -5.19 -2.82 47.48
CA ASN C 26 -4.54 -4.03 47.05
C ASN C 26 -3.30 -3.66 46.20
N PRO C 27 -2.17 -4.32 46.45
CA PRO C 27 -0.95 -4.01 45.68
C PRO C 27 -1.10 -4.15 44.17
N ALA C 28 -1.86 -5.16 43.66
CA ALA C 28 -2.02 -5.28 42.20
C ALA C 28 -2.70 -4.04 41.61
N ASP C 29 -3.69 -3.49 42.34
CA ASP C 29 -4.41 -2.30 41.90
C ASP C 29 -3.49 -1.08 41.91
N LEU C 30 -2.77 -0.87 43.02
CA LEU C 30 -1.90 0.29 43.12
C LEU C 30 -0.76 0.21 42.08
N ALA C 31 -0.16 -0.96 41.91
CA ALA C 31 0.96 -1.10 40.96
C ALA C 31 0.50 -0.83 39.52
N ALA C 32 -0.67 -1.36 39.14
CA ALA C 32 -1.20 -1.14 37.79
C ALA C 32 -1.63 0.33 37.59
N GLU C 33 -2.18 0.95 38.65
CA GLU C 33 -2.55 2.37 38.58
C GLU C 33 -1.30 3.24 38.45
N LEU C 34 -0.22 2.87 39.12
CA LEU C 34 1.04 3.61 39.03
C LEU C 34 1.60 3.51 37.61
N ALA C 35 1.51 2.32 36.98
CA ALA C 35 1.93 2.19 35.56
C ALA C 35 1.13 3.17 34.66
N ALA C 36 -0.19 3.27 34.88
CA ALA C 36 -1.02 4.20 34.11
C ALA C 36 -0.70 5.70 34.44
N VAL C 37 -0.57 6.07 35.70
CA VAL C 37 -0.30 7.47 36.14
C VAL C 37 1.04 7.94 35.60
N VAL C 38 2.05 7.09 35.74
CA VAL C 38 3.38 7.40 35.22
C VAL C 38 3.33 7.58 33.69
N THR C 39 2.62 6.71 32.94
CA THR C 39 2.43 6.79 31.48
C THR C 39 1.83 8.15 31.06
N GLU C 40 0.82 8.60 31.80
CA GLU C 40 0.12 9.86 31.51
C GLU C 40 1.02 11.07 31.75
N SER C 41 2.08 10.94 32.56
CA SER C 41 2.96 12.05 32.84
C SER C 41 4.29 11.96 32.08
N VAL C 42 4.79 10.74 31.72
CA VAL C 42 6.15 10.67 31.16
C VAL C 42 6.27 9.99 29.74
N ASP C 43 5.29 9.21 29.31
CA ASP C 43 5.30 8.57 27.98
C ASP C 43 6.44 7.54 27.82
N GLU C 44 6.75 6.79 28.88
CA GLU C 44 7.87 5.85 28.77
C GLU C 44 7.38 4.40 28.70
N ASP C 45 8.25 3.54 28.25
CA ASP C 45 7.97 2.12 28.25
C ASP C 45 8.15 1.55 29.69
N TYR C 46 7.56 0.40 29.96
CA TYR C 46 7.65 -0.19 31.31
C TYR C 46 7.29 -1.66 31.26
N LEU C 47 7.59 -2.36 32.33
CA LEU C 47 7.19 -3.74 32.49
C LEU C 47 6.92 -3.93 33.96
N LEU C 48 5.71 -4.39 34.27
CA LEU C 48 5.27 -4.67 35.63
C LEU C 48 5.25 -6.18 35.81
N TYR C 49 5.96 -6.71 36.80
CA TYR C 49 6.09 -8.16 37.03
C TYR C 49 5.74 -8.50 38.47
N GLU C 50 4.76 -9.38 38.64
CA GLU C 50 4.33 -9.88 39.94
C GLU C 50 5.07 -11.17 40.24
N CYS C 51 5.78 -11.20 41.38
CA CYS C 51 6.58 -12.34 41.79
C CYS C 51 6.57 -12.44 43.32
N ASP C 52 5.95 -13.50 43.85
CA ASP C 52 5.89 -13.81 45.27
C ASP C 52 5.50 -12.59 46.16
N GLY C 53 4.38 -11.95 45.84
CA GLY C 53 3.87 -10.85 46.65
C GLY C 53 4.45 -9.48 46.39
N GLN C 54 5.41 -9.39 45.46
CA GLN C 54 6.01 -8.12 45.06
C GLN C 54 5.63 -7.80 43.63
N TRP C 55 5.02 -6.64 43.41
CA TRP C 55 4.72 -6.13 42.08
C TRP C 55 5.83 -5.15 41.72
N VAL C 56 6.74 -5.57 40.86
CA VAL C 56 7.89 -4.75 40.50
C VAL C 56 7.62 -4.00 39.20
N LEU C 57 7.51 -2.67 39.27
CA LEU C 57 7.32 -1.85 38.10
C LEU C 57 8.68 -1.36 37.63
N ALA C 58 9.15 -1.86 36.52
CA ALA C 58 10.42 -1.47 35.91
C ALA C 58 10.09 -0.41 34.90
N ALA C 59 10.35 0.82 35.27
CA ALA C 59 9.91 1.99 34.51
C ALA C 59 11.03 2.71 33.77
N GLY C 60 10.81 2.95 32.48
CA GLY C 60 11.77 3.65 31.65
C GLY C 60 12.85 2.71 31.18
N VAL C 61 13.38 2.98 29.99
CA VAL C 61 14.42 2.10 29.43
C VAL C 61 15.75 2.81 29.47
N GLN C 62 16.63 2.34 30.34
CA GLN C 62 17.97 2.88 30.43
C GLN C 62 18.85 2.29 29.31
N ALA C 63 18.73 0.98 29.10
CA ALA C 63 19.43 0.27 28.03
C ALA C 63 18.62 -0.91 27.62
N MET C 64 18.61 -1.21 26.33
CA MET C 64 17.81 -2.26 25.75
C MET C 64 18.67 -3.26 24.99
N VAL C 65 18.43 -4.55 25.23
CA VAL C 65 19.04 -5.63 24.48
C VAL C 65 17.95 -6.19 23.59
N GLU C 66 18.15 -6.17 22.28
CA GLU C 66 17.19 -6.74 21.34
C GLU C 66 17.85 -7.90 20.62
N LEU C 67 17.39 -9.11 20.91
CA LEU C 67 17.94 -10.25 20.20
C LEU C 67 16.92 -10.68 19.15
N ASP C 68 17.30 -10.60 17.90
CA ASP C 68 16.53 -11.08 16.77
C ASP C 68 17.15 -12.35 16.18
N SER C 69 16.43 -12.99 15.25
CA SER C 69 16.93 -14.21 14.63
C SER C 69 18.27 -14.00 13.90
N ASP C 70 18.46 -12.78 13.35
CA ASP C 70 19.60 -12.47 12.49
C ASP C 70 20.50 -11.36 13.01
N GLU C 71 20.27 -10.85 14.22
CA GLU C 71 21.05 -9.73 14.73
C GLU C 71 20.82 -9.52 16.21
N LEU C 72 21.81 -8.96 16.87
CA LEU C 72 21.74 -8.57 18.26
C LEU C 72 22.03 -7.09 18.34
N ARG C 73 21.15 -6.34 18.99
CA ARG C 73 21.37 -4.89 19.14
C ARG C 73 21.38 -4.51 20.60
N VAL C 74 22.25 -3.62 21.01
CA VAL C 74 22.25 -3.10 22.37
C VAL C 74 22.16 -1.61 22.24
N ILE C 75 21.09 -0.99 22.75
CA ILE C 75 20.82 0.43 22.54
C ILE C 75 20.85 1.15 23.86
N ARG C 76 21.61 2.23 23.92
CA ARG C 76 21.70 3.02 25.12
C ARG C 76 21.94 4.46 24.73
N ASP C 77 21.03 5.37 25.11
CA ASP C 77 21.14 6.81 24.84
C ASP C 77 21.39 7.11 23.37
N GLY C 78 20.64 6.46 22.49
CA GLY C 78 20.77 6.69 21.05
C GLY C 78 21.99 6.10 20.39
N VAL C 79 22.79 5.33 21.16
CA VAL C 79 23.97 4.67 20.60
C VAL C 79 23.65 3.19 20.50
N THR C 80 23.80 2.62 19.30
CA THR C 80 23.44 1.24 19.08
C THR C 80 24.66 0.40 18.70
N ARG C 81 24.88 -0.67 19.43
CA ARG C 81 25.87 -1.69 19.08
C ARG C 81 25.06 -2.77 18.33
N ARG C 82 25.38 -3.05 17.09
CA ARG C 82 24.59 -3.98 16.27
C ARG C 82 25.53 -5.05 15.75
N GLN C 83 25.25 -6.32 16.04
CA GLN C 83 26.17 -7.37 15.69
C GLN C 83 25.47 -8.59 15.20
N GLN C 84 26.16 -9.31 14.32
CA GLN C 84 25.72 -10.63 13.95
C GLN C 84 26.01 -11.57 15.10
N TRP C 85 25.28 -12.68 15.18
CA TRP C 85 25.54 -13.69 16.20
C TRP C 85 25.29 -15.07 15.60
N SER C 86 25.94 -16.07 16.20
CA SER C 86 25.78 -17.45 15.74
C SER C 86 25.77 -18.38 16.97
N GLY C 87 25.43 -19.64 16.75
CA GLY C 87 25.38 -20.60 17.84
C GLY C 87 24.12 -20.46 18.66
N ARG C 88 24.23 -20.74 19.98
CA ARG C 88 23.04 -20.77 20.81
C ARG C 88 22.57 -19.37 21.18
N PRO C 89 21.25 -19.10 21.03
CA PRO C 89 20.74 -17.77 21.38
C PRO C 89 20.94 -17.41 22.87
N GLY C 90 20.91 -18.40 23.74
CA GLY C 90 21.15 -18.16 25.17
C GLY C 90 22.53 -17.58 25.44
N ALA C 91 23.57 -18.01 24.66
CA ALA C 91 24.92 -17.47 24.87
C ALA C 91 24.96 -15.99 24.49
N ALA C 92 24.37 -15.65 23.32
CA ALA C 92 24.35 -14.29 22.79
C ALA C 92 23.56 -13.40 23.75
N LEU C 93 22.36 -13.83 24.14
CA LEU C 93 21.53 -13.03 25.04
C LEU C 93 22.22 -12.87 26.43
N GLY C 94 22.74 -13.95 26.97
CA GLY C 94 23.38 -14.00 28.28
C GLY C 94 24.55 -13.05 28.40
N GLU C 95 25.40 -13.02 27.36
CA GLU C 95 26.57 -12.14 27.39
C GLU C 95 26.12 -10.65 27.43
N ALA C 96 25.12 -10.32 26.62
CA ALA C 96 24.61 -8.95 26.58
C ALA C 96 23.88 -8.56 27.87
N VAL C 97 23.08 -9.47 28.43
CA VAL C 97 22.31 -9.16 29.65
C VAL C 97 23.27 -9.07 30.85
N ASP C 98 24.34 -9.90 30.90
CA ASP C 98 25.35 -9.77 31.96
C ASP C 98 25.98 -8.35 31.93
N ARG C 99 26.21 -7.81 30.72
CA ARG C 99 26.77 -6.46 30.57
C ARG C 99 25.79 -5.42 31.14
N LEU C 100 24.46 -5.58 30.86
CA LEU C 100 23.47 -4.68 31.46
C LEU C 100 23.55 -4.65 32.98
N LEU C 101 23.69 -5.85 33.56
CA LEU C 101 23.67 -6.07 35.00
C LEU C 101 24.97 -5.64 35.71
N LEU C 102 26.00 -5.23 34.96
CA LEU C 102 27.16 -4.60 35.57
C LEU C 102 26.78 -3.17 36.05
N GLU C 103 25.74 -2.54 35.44
CA GLU C 103 25.36 -1.17 35.73
C GLU C 103 24.08 -1.02 36.54
N THR C 104 23.17 -2.00 36.45
CA THR C 104 21.91 -1.97 37.20
C THR C 104 21.71 -3.29 37.95
N ASP C 105 20.94 -3.27 39.04
CA ASP C 105 20.71 -4.46 39.83
C ASP C 105 19.76 -5.44 39.18
N GLN C 106 18.79 -4.97 38.37
CA GLN C 106 17.86 -5.89 37.73
C GLN C 106 17.60 -5.55 36.28
N ALA C 107 17.19 -6.56 35.52
CA ALA C 107 16.80 -6.38 34.13
C ALA C 107 15.49 -7.15 33.92
N PHE C 108 14.68 -6.70 32.95
CA PHE C 108 13.34 -7.29 32.73
C PHE C 108 13.06 -7.43 31.27
N GLY C 109 12.15 -8.32 30.91
CA GLY C 109 11.76 -8.38 29.51
C GLY C 109 10.96 -9.61 29.16
N TRP C 110 11.00 -9.94 27.89
CA TRP C 110 10.27 -11.09 27.41
C TRP C 110 11.13 -11.85 26.41
N VAL C 111 10.85 -13.14 26.34
CA VAL C 111 11.53 -14.07 25.49
C VAL C 111 10.45 -14.75 24.63
N ALA C 112 10.63 -14.71 23.32
CA ALA C 112 9.63 -15.27 22.40
C ALA C 112 9.67 -16.79 22.44
N PHE C 113 8.60 -17.44 22.01
CA PHE C 113 8.62 -18.89 21.73
C PHE C 113 9.82 -19.25 20.82
N GLU C 114 10.11 -18.36 19.83
CA GLU C 114 11.17 -18.61 18.85
C GLU C 114 12.57 -18.67 19.46
N PHE C 115 12.75 -18.15 20.68
CA PHE C 115 14.06 -18.28 21.36
C PHE C 115 14.44 -19.78 21.54
N GLY C 116 13.45 -20.65 21.63
CA GLY C 116 13.71 -22.09 21.81
C GLY C 116 13.80 -22.95 20.57
N VAL C 117 13.82 -22.36 19.35
CA VAL C 117 13.75 -23.21 18.14
C VAL C 117 15.11 -23.51 17.53
N HIS C 118 16.15 -22.75 17.90
CA HIS C 118 17.51 -23.03 17.40
C HIS C 118 17.95 -24.44 17.76
N ARG C 119 17.69 -24.83 19.04
CA ARG C 119 18.04 -26.14 19.61
C ARG C 119 17.45 -27.29 18.75
N TYR C 120 16.37 -27.03 17.97
CA TYR C 120 15.69 -28.03 17.13
C TYR C 120 15.85 -27.78 15.62
N GLY C 121 16.84 -26.97 15.24
CA GLY C 121 17.23 -26.73 13.87
C GLY C 121 16.21 -26.05 13.00
N LEU C 122 15.36 -25.19 13.60
CA LEU C 122 14.32 -24.51 12.82
C LEU C 122 14.51 -23.00 12.72
N GLN C 123 15.64 -22.45 13.21
CA GLN C 123 15.80 -20.99 13.20
C GLN C 123 15.94 -20.44 11.76
N GLN C 124 16.39 -21.24 10.80
CA GLN C 124 16.49 -20.80 9.40
C GLN C 124 15.10 -20.49 8.78
N ARG C 125 14.01 -21.03 9.36
CA ARG C 125 12.66 -20.73 8.85
C ARG C 125 12.13 -19.34 9.27
N LEU C 126 12.81 -18.70 10.23
CA LEU C 126 12.36 -17.42 10.71
C LEU C 126 12.68 -16.34 9.71
N ALA C 127 11.71 -15.45 9.48
CA ALA C 127 11.92 -14.33 8.58
C ALA C 127 12.95 -13.40 9.16
N PRO C 128 13.64 -12.59 8.33
CA PRO C 128 14.58 -11.61 8.90
C PRO C 128 13.91 -10.75 9.97
N HIS C 129 14.67 -10.38 10.98
CA HIS C 129 14.24 -9.51 12.05
C HIS C 129 13.16 -10.16 12.93
N THR C 130 13.11 -11.49 13.01
CA THR C 130 12.13 -12.13 13.91
C THR C 130 12.62 -11.97 15.36
N PRO C 131 11.83 -11.35 16.23
CA PRO C 131 12.29 -11.16 17.62
C PRO C 131 12.43 -12.48 18.36
N LEU C 132 13.53 -12.59 19.10
CA LEU C 132 13.75 -13.71 20.02
C LEU C 132 13.66 -13.24 21.48
N ALA C 133 14.11 -12.03 21.79
CA ALA C 133 14.05 -11.54 23.17
C ALA C 133 14.22 -10.05 23.20
N ARG C 134 13.59 -9.45 24.20
CA ARG C 134 13.76 -8.02 24.49
C ARG C 134 14.02 -7.93 25.98
N VAL C 135 15.20 -7.48 26.40
CA VAL C 135 15.54 -7.39 27.84
C VAL C 135 16.15 -6.01 28.11
N PHE C 136 15.61 -5.31 29.12
CA PHE C 136 16.10 -3.95 29.38
C PHE C 136 16.45 -3.70 30.82
N SER C 137 17.37 -2.75 31.02
N SER C 137 17.35 -2.75 31.02
CA SER C 137 17.69 -2.21 32.34
CA SER C 137 17.66 -2.23 32.35
C SER C 137 16.74 -1.02 32.52
C SER C 137 16.75 -1.02 32.52
N PRO C 138 15.91 -1.02 33.56
CA PRO C 138 14.99 0.14 33.75
C PRO C 138 15.74 1.36 34.29
N ARG C 139 15.16 2.54 34.10
CA ARG C 139 15.72 3.73 34.75
C ARG C 139 15.33 3.77 36.24
N THR C 140 14.16 3.24 36.56
CA THR C 140 13.60 3.31 37.90
C THR C 140 12.86 2.01 38.22
N ARG C 141 12.81 1.64 39.50
CA ARG C 141 12.00 0.50 39.90
C ARG C 141 11.11 0.89 41.04
N ILE C 142 9.83 0.54 40.96
CA ILE C 142 8.90 0.77 42.05
C ILE C 142 8.36 -0.57 42.48
N MET C 143 8.61 -0.96 43.72
CA MET C 143 8.15 -2.28 44.19
C MET C 143 6.98 -2.10 45.12
N VAL C 144 5.86 -2.72 44.80
CA VAL C 144 4.65 -2.58 45.58
C VAL C 144 4.29 -3.90 46.22
N SER C 145 4.17 -3.92 47.52
CA SER C 145 3.75 -5.11 48.26
C SER C 145 2.54 -4.76 49.15
N GLU C 146 1.97 -5.75 49.87
CA GLU C 146 0.87 -5.47 50.79
C GLU C 146 1.28 -4.44 51.85
N LYS C 147 2.57 -4.39 52.21
CA LYS C 147 3.06 -3.54 53.29
C LYS C 147 3.58 -2.18 52.85
N GLU C 148 4.31 -2.10 51.73
CA GLU C 148 4.90 -0.81 51.36
C GLU C 148 5.22 -0.67 49.89
N ILE C 149 5.51 0.57 49.50
CA ILE C 149 5.93 0.96 48.17
C ILE C 149 7.39 1.39 48.25
N ARG C 150 8.29 0.67 47.61
CA ARG C 150 9.72 1.01 47.64
C ARG C 150 10.11 1.63 46.31
N LEU C 151 10.81 2.75 46.34
CA LEU C 151 11.25 3.45 45.14
C LEU C 151 12.75 3.34 44.99
N PHE C 152 13.22 2.97 43.81
CA PHE C 152 14.63 2.85 43.47
C PHE C 152 14.94 3.76 42.29
N ASP C 153 15.87 4.72 42.46
CA ASP C 153 16.33 5.63 41.40
C ASP C 153 15.16 6.39 40.77
N ALA C 154 14.21 6.83 41.61
CA ALA C 154 13.05 7.58 41.08
C ALA C 154 13.38 9.08 40.99
N GLY C 155 13.22 9.66 39.80
CA GLY C 155 13.40 11.11 39.60
C GLY C 155 12.18 11.89 40.05
N ILE C 156 12.22 13.20 39.89
CA ILE C 156 11.16 14.07 40.37
C ILE C 156 9.78 13.75 39.77
N ARG C 157 9.65 13.48 38.43
CA ARG C 157 8.32 13.20 37.85
C ARG C 157 7.73 11.93 38.39
N HIS C 158 8.57 10.90 38.57
CA HIS C 158 8.10 9.64 39.11
C HIS C 158 7.70 9.82 40.58
N ARG C 159 8.50 10.51 41.39
CA ARG C 159 8.12 10.71 42.80
C ARG C 159 6.80 11.50 42.92
N GLU C 160 6.65 12.55 42.09
CA GLU C 160 5.44 13.35 42.11
C GLU C 160 4.20 12.55 41.62
N ALA C 161 4.39 11.64 40.66
CA ALA C 161 3.25 10.82 40.17
C ALA C 161 2.77 9.88 41.27
N ILE C 162 3.70 9.28 42.01
CA ILE C 162 3.35 8.40 43.12
C ILE C 162 2.60 9.19 44.19
N ASP C 163 3.10 10.38 44.53
CA ASP C 163 2.43 11.21 45.53
C ASP C 163 1.02 11.58 45.07
N ARG C 164 0.83 11.94 43.80
CA ARG C 164 -0.51 12.28 43.30
C ARG C 164 -1.46 11.07 43.37
N LEU C 165 -0.97 9.87 43.04
CA LEU C 165 -1.79 8.66 43.09
C LEU C 165 -2.17 8.33 44.52
N LEU C 166 -1.24 8.47 45.48
CA LEU C 166 -1.57 8.23 46.88
C LEU C 166 -2.62 9.25 47.39
N ALA C 167 -2.61 10.48 46.84
CA ALA C 167 -3.58 11.50 47.25
C ALA C 167 -4.96 11.28 46.63
N THR C 168 -5.05 10.83 45.36
CA THR C 168 -6.35 10.63 44.71
C THR C 168 -6.94 9.24 44.95
N GLY C 169 -6.06 8.25 45.13
CA GLY C 169 -6.49 6.87 45.25
C GLY C 169 -6.64 6.23 43.89
N VAL C 170 -6.82 4.90 43.86
CA VAL C 170 -6.96 4.19 42.58
C VAL C 170 -8.33 4.46 41.95
N ARG C 171 -8.40 4.47 40.62
CA ARG C 171 -9.64 4.67 39.88
C ARG C 171 -10.54 3.47 40.03
N GLU C 172 -11.86 3.70 39.99
CA GLU C 172 -12.80 2.59 39.95
C GLU C 172 -12.67 1.89 38.59
N VAL C 173 -12.66 0.56 38.55
CA VAL C 173 -12.55 -0.15 37.28
C VAL C 173 -13.89 -0.11 36.58
N PRO C 174 -13.93 0.40 35.33
CA PRO C 174 -15.21 0.43 34.60
C PRO C 174 -15.75 -0.94 34.24
N GLN C 175 -17.01 -1.00 33.80
CA GLN C 175 -17.64 -2.25 33.36
C GLN C 175 -16.86 -2.80 32.14
N SER C 176 -16.78 -4.12 32.04
CA SER C 176 -16.06 -4.73 30.92
C SER C 176 -16.96 -4.84 29.68
N ARG C 177 -16.35 -5.02 28.51
CA ARG C 177 -17.05 -5.13 27.24
C ARG C 177 -16.82 -6.54 26.66
N SER C 178 -17.90 -7.23 26.32
CA SER C 178 -17.81 -8.61 25.86
C SER C 178 -17.15 -8.81 24.48
N VAL C 179 -16.64 -10.02 24.25
CA VAL C 179 -16.04 -10.43 22.98
C VAL C 179 -16.53 -11.82 22.63
N ASP C 180 -16.73 -12.06 21.34
CA ASP C 180 -17.18 -13.35 20.87
C ASP C 180 -15.99 -14.22 20.55
N VAL C 181 -15.89 -15.41 21.15
CA VAL C 181 -14.78 -16.33 20.86
C VAL C 181 -15.24 -17.60 20.11
N SER C 182 -16.50 -17.66 19.67
CA SER C 182 -17.08 -18.86 19.07
C SER C 182 -16.71 -19.06 17.61
N ASP C 183 -16.21 -18.02 16.91
CA ASP C 183 -15.86 -18.21 15.50
C ASP C 183 -14.51 -18.93 15.37
N ASP C 184 -14.28 -19.61 14.23
CA ASP C 184 -13.01 -20.32 14.04
C ASP C 184 -12.35 -19.92 12.68
N PRO C 185 -11.95 -18.64 12.52
CA PRO C 185 -11.38 -18.22 11.22
C PRO C 185 -10.07 -18.92 10.81
N SER C 186 -9.27 -19.35 11.78
CA SER C 186 -7.99 -20.01 11.48
C SER C 186 -8.12 -21.55 11.34
N GLY C 187 -9.35 -22.09 11.38
CA GLY C 187 -9.58 -23.51 11.22
C GLY C 187 -8.88 -24.36 12.25
N PHE C 188 -8.94 -23.93 13.54
CA PHE C 188 -8.37 -24.69 14.64
C PHE C 188 -8.90 -26.13 14.68
N ARG C 189 -10.20 -26.34 14.47
CA ARG C 189 -10.77 -27.70 14.47
C ARG C 189 -10.11 -28.59 13.41
N ARG C 190 -9.86 -28.06 12.18
CA ARG C 190 -9.17 -28.84 11.13
CA ARG C 190 -9.19 -28.87 11.16
C ARG C 190 -7.71 -29.08 11.54
N ARG C 191 -7.03 -28.06 12.06
CA ARG C 191 -5.63 -28.18 12.48
C ARG C 191 -5.47 -29.24 13.59
N VAL C 192 -6.42 -29.31 14.54
CA VAL C 192 -6.42 -30.37 15.56
C VAL C 192 -6.54 -31.76 14.89
N ALA C 193 -7.48 -31.91 13.94
CA ALA C 193 -7.69 -33.20 13.24
C ALA C 193 -6.41 -33.63 12.53
N VAL C 194 -5.69 -32.69 11.90
CA VAL C 194 -4.46 -33.02 11.21
C VAL C 194 -3.40 -33.50 12.23
N ALA C 195 -3.27 -32.81 13.37
CA ALA C 195 -2.33 -33.21 14.41
C ALA C 195 -2.71 -34.59 14.98
N VAL C 196 -3.99 -34.86 15.17
CA VAL C 196 -4.46 -36.16 15.68
C VAL C 196 -4.04 -37.27 14.72
N ASP C 197 -4.14 -37.02 13.41
CA ASP C 197 -3.73 -37.97 12.37
C ASP C 197 -2.21 -38.20 12.42
N GLU C 198 -1.43 -37.11 12.60
CA GLU C 198 0.03 -37.22 12.68
C GLU C 198 0.44 -38.03 13.93
N ILE C 199 -0.25 -37.82 15.04
CA ILE C 199 0.03 -38.57 16.28
C ILE C 199 -0.33 -40.05 16.10
N ALA C 200 -1.48 -40.35 15.46
CA ALA C 200 -1.90 -41.73 15.19
C ALA C 200 -0.88 -42.44 14.27
N ALA C 201 -0.20 -41.68 13.39
CA ALA C 201 0.85 -42.20 12.52
C ALA C 201 2.21 -42.36 13.24
N GLY C 202 2.32 -41.92 14.50
CA GLY C 202 3.52 -42.05 15.30
C GLY C 202 4.54 -40.97 15.05
N ARG C 203 4.13 -39.83 14.47
CA ARG C 203 5.08 -38.72 14.22
C ARG C 203 5.57 -38.09 15.51
N TYR C 204 4.70 -38.04 16.52
CA TYR C 204 4.97 -37.48 17.85
C TYR C 204 3.83 -37.91 18.80
N HIS C 205 3.99 -37.69 20.07
CA HIS C 205 3.04 -38.11 21.09
C HIS C 205 2.00 -37.03 21.40
N LYS C 206 2.45 -35.76 21.44
CA LYS C 206 1.58 -34.67 21.85
C LYS C 206 2.06 -33.34 21.25
N VAL C 207 1.12 -32.46 20.93
CA VAL C 207 1.48 -31.11 20.46
C VAL C 207 0.44 -30.13 21.00
N ILE C 208 0.84 -28.91 21.30
CA ILE C 208 -0.08 -27.87 21.71
C ILE C 208 -0.29 -26.98 20.49
N LEU C 209 -1.54 -26.91 20.01
CA LEU C 209 -1.87 -25.98 18.94
C LEU C 209 -2.76 -24.87 19.54
N SER C 210 -2.82 -23.73 18.89
CA SER C 210 -3.54 -22.58 19.46
C SER C 210 -4.31 -21.80 18.40
N ARG C 211 -5.13 -20.85 18.84
CA ARG C 211 -5.83 -19.97 17.91
C ARG C 211 -5.86 -18.56 18.48
N CYS C 212 -5.75 -17.57 17.61
CA CYS C 212 -5.89 -16.17 17.99
C CYS C 212 -7.35 -15.79 17.91
N VAL C 213 -7.75 -14.87 18.76
CA VAL C 213 -9.09 -14.29 18.75
C VAL C 213 -8.92 -12.79 18.67
N GLU C 214 -9.39 -12.14 17.58
CA GLU C 214 -9.24 -10.70 17.48
C GLU C 214 -10.19 -9.98 18.43
N VAL C 215 -9.71 -8.96 19.13
CA VAL C 215 -10.57 -8.12 19.96
C VAL C 215 -10.92 -6.93 19.09
N PRO C 216 -12.21 -6.75 18.68
CA PRO C 216 -12.52 -5.69 17.72
C PRO C 216 -12.56 -4.26 18.27
N PHE C 217 -12.07 -4.04 19.47
CA PHE C 217 -12.03 -2.71 20.07
C PHE C 217 -10.72 -2.56 20.84
N ALA C 218 -10.26 -1.33 21.01
CA ALA C 218 -9.03 -1.09 21.76
C ALA C 218 -9.32 -1.24 23.27
N ILE C 219 -8.41 -1.88 24.02
CA ILE C 219 -8.60 -2.05 25.44
C ILE C 219 -7.63 -1.20 26.23
N ASP C 220 -7.98 -0.93 27.49
CA ASP C 220 -7.13 -0.26 28.45
C ASP C 220 -6.36 -1.35 29.16
N PHE C 221 -5.05 -1.48 28.86
CA PHE C 221 -4.26 -2.58 29.43
C PHE C 221 -4.16 -2.50 30.96
N PRO C 222 -3.82 -1.38 31.62
CA PRO C 222 -3.74 -1.39 33.10
C PRO C 222 -5.09 -1.72 33.79
N LEU C 223 -6.21 -1.17 33.27
CA LEU C 223 -7.52 -1.44 33.88
C LEU C 223 -7.95 -2.90 33.65
N THR C 224 -7.67 -3.44 32.44
CA THR C 224 -7.99 -4.84 32.14
C THR C 224 -7.15 -5.74 33.06
N TYR C 225 -5.86 -5.40 33.23
CA TYR C 225 -4.97 -6.14 34.11
C TYR C 225 -5.56 -6.22 35.54
N ARG C 226 -5.98 -5.08 36.09
CA ARG C 226 -6.57 -5.04 37.43
C ARG C 226 -7.81 -5.89 37.53
N LEU C 227 -8.71 -5.81 36.54
CA LEU C 227 -9.95 -6.54 36.59
C LEU C 227 -9.71 -8.05 36.49
N GLY C 228 -8.85 -8.47 35.54
CA GLY C 228 -8.52 -9.88 35.38
C GLY C 228 -7.80 -10.43 36.59
N ARG C 229 -6.94 -9.61 37.21
CA ARG C 229 -6.17 -10.04 38.38
C ARG C 229 -7.07 -10.35 39.60
N ARG C 230 -8.23 -9.69 39.71
CA ARG C 230 -9.19 -10.03 40.78
C ARG C 230 -9.81 -11.40 40.63
N HIS C 231 -9.82 -11.95 39.41
CA HIS C 231 -10.49 -13.22 39.13
C HIS C 231 -9.57 -14.35 38.70
N ASN C 232 -8.26 -14.17 38.86
CA ASN C 232 -7.26 -15.17 38.52
C ASN C 232 -6.31 -15.33 39.70
N THR C 233 -5.75 -16.52 39.89
CA THR C 233 -4.72 -16.75 40.91
C THR C 233 -3.53 -17.35 40.18
N PRO C 234 -2.71 -16.50 39.53
CA PRO C 234 -1.62 -17.04 38.72
C PRO C 234 -0.33 -17.31 39.49
N VAL C 235 0.61 -18.04 38.87
CA VAL C 235 1.93 -18.24 39.49
C VAL C 235 2.74 -16.90 39.45
N ARG C 236 2.61 -16.19 38.35
CA ARG C 236 3.20 -14.86 38.11
C ARG C 236 2.21 -14.07 37.26
N SER C 237 2.38 -12.76 37.16
CA SER C 237 1.57 -11.98 36.23
C SER C 237 2.38 -10.80 35.73
N PHE C 238 1.92 -10.19 34.64
CA PHE C 238 2.65 -9.06 34.10
C PHE C 238 1.71 -8.12 33.36
N LEU C 239 2.25 -6.92 33.07
CA LEU C 239 1.61 -5.85 32.36
C LEU C 239 2.77 -5.05 31.75
N LEU C 240 2.78 -4.85 30.45
CA LEU C 240 3.92 -4.12 29.86
C LEU C 240 3.51 -3.25 28.67
N GLN C 241 4.38 -2.29 28.40
CA GLN C 241 4.30 -1.45 27.21
C GLN C 241 5.74 -1.29 26.82
N LEU C 242 6.19 -2.04 25.81
CA LEU C 242 7.63 -2.07 25.48
C LEU C 242 7.79 -2.18 23.99
N GLY C 243 8.50 -1.22 23.38
CA GLY C 243 8.81 -1.25 21.95
C GLY C 243 7.60 -1.43 21.05
N GLY C 244 6.51 -0.75 21.36
CA GLY C 244 5.31 -0.82 20.51
C GLY C 244 4.38 -1.99 20.83
N ILE C 245 4.76 -2.82 21.79
CA ILE C 245 3.91 -3.95 22.20
C ILE C 245 3.30 -3.65 23.52
N ARG C 246 1.97 -3.80 23.64
CA ARG C 246 1.32 -3.79 24.94
C ARG C 246 0.93 -5.22 25.21
N ALA C 247 1.10 -5.69 26.44
CA ALA C 247 0.67 -7.04 26.78
C ALA C 247 0.36 -7.15 28.24
N LEU C 248 -0.48 -8.11 28.59
CA LEU C 248 -0.75 -8.40 30.02
C LEU C 248 -1.02 -9.89 30.10
N GLY C 249 -0.79 -10.50 31.25
CA GLY C 249 -1.06 -11.94 31.32
C GLY C 249 -1.00 -12.50 32.72
N TYR C 250 -1.61 -13.66 32.88
CA TYR C 250 -1.70 -14.37 34.18
C TYR C 250 -1.06 -15.72 33.96
N SER C 251 0.26 -15.74 34.12
CA SER C 251 1.05 -16.95 33.87
CA SER C 251 1.06 -16.92 33.85
C SER C 251 0.69 -18.09 34.78
N PRO C 252 0.36 -19.24 34.18
CA PRO C 252 -0.01 -20.41 35.01
C PRO C 252 1.16 -21.32 35.40
N GLU C 253 2.39 -21.01 34.96
CA GLU C 253 3.51 -21.92 35.20
C GLU C 253 4.85 -21.20 35.22
N LEU C 254 5.74 -21.65 36.08
CA LEU C 254 7.09 -21.14 36.18
C LEU C 254 8.00 -21.97 35.24
N VAL C 255 8.58 -21.34 34.19
CA VAL C 255 9.50 -22.04 33.29
C VAL C 255 10.75 -22.41 34.07
N THR C 256 11.31 -21.42 34.78
CA THR C 256 12.43 -21.66 35.66
C THR C 256 12.70 -20.48 36.56
N ALA C 257 13.26 -20.80 37.72
CA ALA C 257 13.74 -19.78 38.63
C ALA C 257 15.15 -20.20 39.05
N VAL C 258 16.12 -19.28 38.96
CA VAL C 258 17.50 -19.51 39.38
C VAL C 258 17.76 -18.55 40.53
N ARG C 259 18.21 -19.03 41.69
CA ARG C 259 18.49 -18.14 42.83
C ARG C 259 19.94 -17.69 42.83
N ALA C 260 20.25 -16.62 43.56
CA ALA C 260 21.64 -16.15 43.72
C ALA C 260 22.58 -17.24 44.21
N ASP C 261 22.08 -18.18 45.06
CA ASP C 261 22.95 -19.23 45.58
C ASP C 261 23.14 -20.42 44.60
N GLY C 262 22.58 -20.31 43.39
CA GLY C 262 22.71 -21.31 42.35
C GLY C 262 21.59 -22.33 42.28
N VAL C 263 20.64 -22.33 43.24
CA VAL C 263 19.55 -23.30 43.22
C VAL C 263 18.62 -23.01 42.05
N VAL C 264 18.37 -24.01 41.19
CA VAL C 264 17.51 -23.86 40.01
C VAL C 264 16.25 -24.71 40.22
N ILE C 265 15.10 -24.14 39.89
CA ILE C 265 13.81 -24.81 40.05
C ILE C 265 13.04 -24.76 38.73
N THR C 266 12.30 -25.81 38.40
CA THR C 266 11.36 -25.80 37.28
C THR C 266 10.13 -26.56 37.78
N GLU C 267 8.92 -26.05 37.49
CA GLU C 267 7.70 -26.67 37.99
C GLU C 267 6.71 -26.96 36.87
N PRO C 268 6.94 -28.07 36.14
CA PRO C 268 6.00 -28.44 35.08
C PRO C 268 4.64 -28.91 35.62
N LEU C 269 3.58 -28.51 34.93
CA LEU C 269 2.22 -28.93 35.24
C LEU C 269 1.69 -29.70 34.05
N ALA C 270 1.09 -30.86 34.28
CA ALA C 270 0.52 -31.71 33.23
C ALA C 270 -0.64 -32.49 33.81
N GLY C 271 -1.78 -32.41 33.15
CA GLY C 271 -3.00 -33.05 33.60
C GLY C 271 -3.85 -32.07 34.37
N THR C 272 -5.10 -31.83 33.94
CA THR C 272 -5.95 -30.85 34.61
C THR C 272 -7.40 -31.32 34.72
N ARG C 273 -8.07 -30.87 35.79
CA ARG C 273 -9.50 -31.11 36.08
C ARG C 273 -10.14 -29.83 36.64
N ALA C 274 -11.48 -29.72 36.59
CA ALA C 274 -12.16 -28.55 37.13
C ALA C 274 -12.11 -28.55 38.66
N ALA C 285 -13.16 -35.25 41.09
CA ALA C 285 -12.24 -34.86 40.03
C ALA C 285 -10.79 -35.05 40.45
N ARG C 286 -10.48 -34.80 41.75
CA ARG C 286 -9.13 -34.98 42.26
C ARG C 286 -8.74 -36.46 42.22
N ASP C 287 -9.67 -37.34 42.62
CA ASP C 287 -9.45 -38.79 42.60
C ASP C 287 -9.24 -39.29 41.18
N ASP C 288 -10.02 -38.75 40.23
CA ASP C 288 -9.90 -39.12 38.82
C ASP C 288 -8.54 -38.69 38.29
N LEU C 289 -8.14 -37.44 38.52
CA LEU C 289 -6.86 -36.90 38.07
C LEU C 289 -5.67 -37.72 38.59
N GLU C 290 -5.69 -38.07 39.87
CA GLU C 290 -4.59 -38.83 40.48
C GLU C 290 -4.56 -40.30 40.05
N SER C 291 -5.67 -40.85 39.53
CA SER C 291 -5.70 -42.27 39.14
C SER C 291 -5.80 -42.48 37.62
N ASN C 292 -5.87 -41.40 36.82
CA ASN C 292 -6.04 -41.51 35.38
C ASN C 292 -4.70 -41.83 34.72
N SER C 293 -4.60 -43.02 34.09
CA SER C 293 -3.39 -43.49 33.43
C SER C 293 -2.88 -42.49 32.40
N LYS C 294 -3.79 -41.89 31.60
CA LYS C 294 -3.40 -40.92 30.59
C LYS C 294 -2.74 -39.69 31.24
N GLU C 295 -3.31 -39.15 32.35
CA GLU C 295 -2.70 -37.98 32.99
C GLU C 295 -1.35 -38.33 33.64
N ILE C 296 -1.27 -39.52 34.25
CA ILE C 296 -0.04 -39.96 34.91
C ILE C 296 1.11 -40.11 33.91
N VAL C 297 0.86 -40.76 32.76
CA VAL C 297 1.91 -40.96 31.78
C VAL C 297 2.39 -39.59 31.23
N GLU C 298 1.45 -38.67 30.92
CA GLU C 298 1.82 -37.34 30.41
C GLU C 298 2.66 -36.57 31.43
N HIS C 299 2.29 -36.70 32.72
CA HIS C 299 3.02 -36.01 33.76
C HIS C 299 4.42 -36.59 33.92
N ALA C 300 4.53 -37.93 34.01
CA ALA C 300 5.82 -38.60 34.18
C ALA C 300 6.78 -38.27 33.02
N ILE C 301 6.28 -38.27 31.79
CA ILE C 301 7.09 -37.95 30.60
C ILE C 301 7.61 -36.51 30.70
N SER C 302 6.74 -35.58 31.13
CA SER C 302 7.15 -34.17 31.20
C SER C 302 8.20 -34.00 32.33
N VAL C 303 8.01 -34.69 33.46
CA VAL C 303 8.95 -34.61 34.56
C VAL C 303 10.31 -35.16 34.13
N ARG C 304 10.32 -36.30 33.43
CA ARG C 304 11.59 -36.87 32.96
C ARG C 304 12.29 -35.94 31.98
N SER C 305 11.53 -35.31 31.08
CA SER C 305 12.10 -34.37 30.10
C SER C 305 12.77 -33.19 30.83
N SER C 306 12.08 -32.60 31.82
CA SER C 306 12.61 -31.47 32.58
C SER C 306 13.82 -31.88 33.39
N LEU C 307 13.78 -33.06 33.98
CA LEU C 307 14.89 -33.55 34.79
C LEU C 307 16.10 -33.77 33.91
N GLU C 308 15.93 -34.34 32.70
CA GLU C 308 17.05 -34.54 31.80
C GLU C 308 17.64 -33.19 31.38
N GLU C 309 16.78 -32.21 31.06
CA GLU C 309 17.27 -30.90 30.64
C GLU C 309 18.02 -30.20 31.79
N ILE C 310 17.48 -30.23 33.02
CA ILE C 310 18.09 -29.59 34.18
C ILE C 310 19.42 -30.31 34.53
N THR C 311 19.46 -31.65 34.46
CA THR C 311 20.66 -32.41 34.77
C THR C 311 21.84 -32.02 33.87
N ASP C 312 21.58 -31.62 32.61
CA ASP C 312 22.62 -31.21 31.67
C ASP C 312 23.33 -29.91 32.08
N ILE C 313 22.64 -29.04 32.82
CA ILE C 313 23.23 -27.77 33.24
C ILE C 313 23.51 -27.75 34.78
N ALA C 314 23.21 -28.83 35.50
CA ALA C 314 23.36 -28.92 36.94
C ALA C 314 24.66 -29.56 37.40
N GLU C 315 25.07 -29.23 38.64
CA GLU C 315 26.17 -29.86 39.35
C GLU C 315 25.84 -31.34 39.50
N PRO C 316 26.78 -32.26 39.20
CA PRO C 316 26.45 -33.69 39.28
C PRO C 316 25.89 -34.10 40.64
N GLY C 317 24.80 -34.86 40.62
CA GLY C 317 24.18 -35.33 41.86
C GLY C 317 23.31 -34.32 42.58
N SER C 318 23.11 -33.12 42.01
CA SER C 318 22.31 -32.09 42.68
C SER C 318 20.84 -32.10 42.27
N ALA C 319 20.50 -32.77 41.15
CA ALA C 319 19.15 -32.75 40.61
C ALA C 319 18.24 -33.72 41.35
N ALA C 320 17.01 -33.28 41.61
CA ALA C 320 16.03 -34.10 42.30
C ALA C 320 14.61 -33.64 41.99
N VAL C 321 13.65 -34.57 42.10
CA VAL C 321 12.24 -34.24 41.96
C VAL C 321 11.68 -34.15 43.37
N ILE C 322 11.14 -33.00 43.73
CA ILE C 322 10.50 -32.74 45.01
C ILE C 322 8.97 -32.65 44.76
N ASP C 323 8.14 -33.13 45.68
CA ASP C 323 6.67 -33.10 45.56
C ASP C 323 6.17 -33.72 44.23
N PHE C 324 6.73 -34.85 43.83
CA PHE C 324 6.38 -35.54 42.58
C PHE C 324 4.90 -35.87 42.45
N MET C 325 4.30 -35.45 41.33
CA MET C 325 2.93 -35.71 40.90
C MET C 325 1.92 -35.43 42.03
N THR C 326 1.91 -34.20 42.54
CA THR C 326 0.97 -33.81 43.58
C THR C 326 -0.07 -32.85 43.00
N VAL C 327 -1.29 -32.88 43.53
CA VAL C 327 -2.36 -32.01 43.07
C VAL C 327 -2.12 -30.57 43.51
N ARG C 328 -2.09 -29.64 42.55
CA ARG C 328 -1.87 -28.22 42.76
C ARG C 328 -3.17 -27.45 42.56
N VAL C 333 -9.18 -24.46 38.38
CA VAL C 333 -8.68 -25.74 37.89
C VAL C 333 -7.61 -26.31 38.82
N GLN C 334 -7.54 -27.64 38.86
CA GLN C 334 -6.54 -28.35 39.63
C GLN C 334 -5.63 -29.12 38.66
N HIS C 335 -4.33 -29.12 38.92
CA HIS C 335 -3.37 -29.78 38.04
C HIS C 335 -2.49 -30.80 38.76
N LEU C 336 -1.86 -31.73 38.02
CA LEU C 336 -0.80 -32.54 38.58
C LEU C 336 0.46 -31.71 38.39
N GLY C 337 1.25 -31.59 39.44
CA GLY C 337 2.48 -30.82 39.37
C GLY C 337 3.65 -31.50 40.04
N SER C 338 4.85 -31.17 39.57
CA SER C 338 6.10 -31.64 40.15
C SER C 338 7.08 -30.51 40.20
N THR C 339 7.99 -30.55 41.16
CA THR C 339 9.01 -29.53 41.28
C THR C 339 10.36 -30.19 41.06
N ILE C 340 11.12 -29.74 40.07
CA ILE C 340 12.46 -30.25 39.84
C ILE C 340 13.43 -29.22 40.38
N ARG C 341 14.38 -29.64 41.23
CA ARG C 341 15.33 -28.72 41.84
C ARG C 341 16.75 -29.21 41.63
N ALA C 342 17.69 -28.30 41.36
CA ALA C 342 19.10 -28.66 41.16
C ALA C 342 20.01 -27.47 41.54
N ARG C 343 21.34 -27.59 41.40
CA ARG C 343 22.31 -26.52 41.62
C ARG C 343 22.98 -26.25 40.27
N LEU C 344 23.07 -24.99 39.84
CA LEU C 344 23.66 -24.64 38.55
C LEU C 344 25.16 -24.99 38.49
N ASP C 345 25.61 -25.76 37.49
CA ASP C 345 27.00 -26.16 37.37
C ASP C 345 27.91 -24.97 37.09
N PRO C 346 29.12 -24.92 37.67
CA PRO C 346 30.02 -23.78 37.38
C PRO C 346 30.33 -23.61 35.87
N SER C 347 30.21 -24.68 35.07
CA SER C 347 30.46 -24.58 33.62
C SER C 347 29.23 -24.08 32.82
N SER C 348 28.08 -23.93 33.49
CA SER C 348 26.85 -23.47 32.86
C SER C 348 26.47 -22.05 33.36
N ASP C 349 25.32 -21.54 32.92
CA ASP C 349 24.83 -20.24 33.34
C ASP C 349 23.27 -20.19 33.22
N ARG C 350 22.63 -19.16 33.81
CA ARG C 350 21.17 -19.04 33.84
C ARG C 350 20.56 -18.99 32.43
N MET C 351 21.27 -18.45 31.42
CA MET C 351 20.70 -18.42 30.06
C MET C 351 20.72 -19.76 29.42
N ALA C 352 21.78 -20.54 29.65
CA ALA C 352 21.87 -21.92 29.18
C ALA C 352 20.75 -22.74 29.84
N ALA C 353 20.44 -22.46 31.13
CA ALA C 353 19.38 -23.14 31.84
C ALA C 353 18.03 -22.76 31.21
N LEU C 354 17.77 -21.46 30.95
CA LEU C 354 16.50 -21.04 30.33
C LEU C 354 16.34 -21.66 28.95
N GLU C 355 17.42 -21.60 28.13
CA GLU C 355 17.37 -22.21 26.80
C GLU C 355 17.18 -23.72 26.86
N ALA C 356 17.86 -24.40 27.80
CA ALA C 356 17.75 -25.85 27.98
C ALA C 356 16.32 -26.28 28.29
N LEU C 357 15.55 -25.43 28.97
CA LEU C 357 14.18 -25.75 29.34
C LEU C 357 13.13 -25.18 28.37
N PHE C 358 13.57 -24.54 27.30
CA PHE C 358 12.71 -23.87 26.36
C PHE C 358 12.57 -24.62 25.00
N PRO C 359 11.42 -24.45 24.34
CA PRO C 359 10.17 -23.91 24.92
C PRO C 359 9.64 -24.91 25.97
N ALA C 360 8.77 -24.44 26.87
CA ALA C 360 8.19 -25.32 27.90
C ALA C 360 7.42 -26.50 27.25
N VAL C 361 7.49 -27.72 27.83
CA VAL C 361 6.70 -28.86 27.26
C VAL C 361 5.20 -28.50 27.27
N THR C 362 4.75 -27.78 28.31
CA THR C 362 3.36 -27.38 28.52
C THR C 362 2.75 -26.74 27.31
N ALA C 363 3.55 -25.97 26.56
CA ALA C 363 3.02 -25.28 25.41
C ALA C 363 3.74 -25.64 24.10
N SER C 364 4.45 -26.80 24.04
CA SER C 364 5.12 -27.20 22.79
C SER C 364 4.65 -28.63 22.44
N GLY C 365 5.31 -29.65 22.95
CA GLY C 365 4.91 -31.03 22.69
C GLY C 365 5.96 -32.04 23.09
N ILE C 366 5.63 -33.30 22.80
CA ILE C 366 6.46 -34.45 23.12
C ILE C 366 6.56 -35.34 21.92
N PRO C 367 7.77 -35.76 21.49
CA PRO C 367 9.08 -35.21 21.85
C PRO C 367 9.12 -33.74 21.40
N LYS C 368 9.94 -32.91 22.09
CA LYS C 368 9.93 -31.48 21.80
C LYS C 368 10.31 -31.18 20.37
N ALA C 369 11.33 -31.87 19.79
CA ALA C 369 11.74 -31.53 18.41
C ALA C 369 10.60 -31.67 17.41
N ALA C 370 9.86 -32.80 17.45
CA ALA C 370 8.76 -33.00 16.50
C ALA C 370 7.57 -32.10 16.85
N GLY C 371 7.34 -31.83 18.14
CA GLY C 371 6.24 -30.97 18.57
C GLY C 371 6.48 -29.54 18.08
N VAL C 372 7.72 -29.04 18.22
CA VAL C 372 8.07 -27.67 17.77
C VAL C 372 7.94 -27.62 16.25
N GLU C 373 8.45 -28.65 15.54
CA GLU C 373 8.30 -28.66 14.07
C GLU C 373 6.81 -28.66 13.66
N ALA C 374 5.95 -29.42 14.38
CA ALA C 374 4.52 -29.46 14.06
C ALA C 374 3.88 -28.08 14.30
N ILE C 375 4.29 -27.37 15.33
CA ILE C 375 3.79 -26.02 15.60
C ILE C 375 4.16 -25.07 14.44
N PHE C 376 5.38 -25.15 13.90
CA PHE C 376 5.79 -24.33 12.76
C PHE C 376 4.86 -24.57 11.55
N ARG C 377 4.37 -25.81 11.37
CA ARG C 377 3.50 -26.10 10.23
C ARG C 377 2.04 -25.82 10.50
N LEU C 378 1.54 -26.18 11.69
CA LEU C 378 0.11 -26.20 12.00
C LEU C 378 -0.41 -25.07 12.89
N ASP C 379 0.48 -24.15 13.33
CA ASP C 379 0.06 -23.00 14.12
C ASP C 379 0.45 -21.70 13.44
N GLU C 380 -0.15 -20.57 13.86
CA GLU C 380 0.21 -19.28 13.28
C GLU C 380 1.57 -18.88 13.86
N CYS C 381 2.60 -18.86 13.01
CA CYS C 381 3.94 -18.51 13.42
C CYS C 381 4.44 -17.25 12.71
N PRO C 382 5.33 -16.47 13.37
CA PRO C 382 5.89 -16.71 14.72
C PRO C 382 4.87 -16.49 15.84
N ARG C 383 5.03 -17.27 16.93
CA ARG C 383 4.16 -17.11 18.09
C ARG C 383 4.49 -15.84 18.88
N GLY C 384 5.76 -15.40 18.84
CA GLY C 384 6.17 -14.20 19.57
C GLY C 384 6.06 -14.41 21.07
N LEU C 385 5.36 -13.50 21.77
CA LEU C 385 5.25 -13.62 23.23
C LEU C 385 4.50 -14.87 23.66
N TYR C 386 3.47 -15.24 22.90
CA TYR C 386 2.65 -16.40 23.30
C TYR C 386 3.50 -17.69 23.40
N SER C 387 3.42 -18.36 24.57
CA SER C 387 4.14 -19.58 24.92
C SER C 387 5.68 -19.34 25.09
N GLY C 388 6.10 -18.08 25.08
CA GLY C 388 7.45 -17.69 25.44
C GLY C 388 7.45 -17.43 26.95
N ALA C 389 8.26 -16.47 27.42
CA ALA C 389 8.30 -16.17 28.85
C ALA C 389 8.46 -14.68 29.09
N VAL C 390 8.03 -14.23 30.26
CA VAL C 390 8.33 -12.89 30.78
C VAL C 390 9.34 -13.12 31.91
N VAL C 391 10.42 -12.33 31.93
CA VAL C 391 11.56 -12.60 32.80
C VAL C 391 11.99 -11.39 33.64
N MET C 392 12.58 -11.71 34.78
CA MET C 392 13.18 -10.78 35.70
C MET C 392 14.52 -11.37 36.08
N LEU C 393 15.61 -10.63 35.83
CA LEU C 393 16.97 -11.08 36.12
C LEU C 393 17.61 -10.16 37.14
N SER C 394 18.52 -10.69 37.96
CA SER C 394 19.20 -9.87 38.95
C SER C 394 20.73 -10.00 38.79
N ALA C 395 21.46 -8.97 39.20
CA ALA C 395 22.91 -8.92 39.08
C ALA C 395 23.57 -10.03 39.88
N ASP C 396 22.93 -10.51 40.95
CA ASP C 396 23.52 -11.59 41.77
C ASP C 396 23.36 -12.99 41.11
N GLY C 397 22.82 -13.06 39.89
CA GLY C 397 22.64 -14.34 39.21
C GLY C 397 21.21 -14.85 39.15
N GLY C 398 20.30 -14.14 39.81
CA GLY C 398 18.90 -14.54 39.84
C GLY C 398 18.21 -14.45 38.49
N LEU C 399 17.23 -15.34 38.31
CA LEU C 399 16.41 -15.37 37.11
C LEU C 399 15.04 -15.89 37.50
N ASP C 400 13.97 -15.25 37.03
CA ASP C 400 12.61 -15.69 37.26
C ASP C 400 11.91 -15.61 35.93
N ALA C 401 11.43 -16.74 35.40
CA ALA C 401 10.83 -16.75 34.06
C ALA C 401 9.47 -17.42 34.08
N ALA C 402 8.41 -16.64 33.80
CA ALA C 402 7.03 -17.12 33.83
C ALA C 402 6.55 -17.50 32.41
N LEU C 403 5.88 -18.64 32.26
CA LEU C 403 5.38 -19.05 30.95
C LEU C 403 4.21 -18.17 30.49
N THR C 404 4.33 -17.57 29.33
CA THR C 404 3.33 -16.63 28.84
C THR C 404 2.16 -17.31 28.17
N LEU C 405 1.11 -17.51 28.96
CA LEU C 405 -0.18 -18.03 28.53
C LEU C 405 -1.25 -17.20 29.26
N ARG C 406 -2.50 -17.23 28.75
CA ARG C 406 -3.59 -16.47 29.39
C ARG C 406 -3.24 -14.98 29.39
N ALA C 407 -2.87 -14.52 28.19
CA ALA C 407 -2.38 -13.18 27.97
C ALA C 407 -3.11 -12.48 26.81
N ALA C 408 -3.11 -11.15 26.81
CA ALA C 408 -3.66 -10.30 25.77
C ALA C 408 -2.56 -9.42 25.19
N TYR C 409 -2.66 -9.10 23.90
CA TYR C 409 -1.61 -8.35 23.22
C TYR C 409 -2.16 -7.27 22.34
N GLN C 410 -1.37 -6.22 22.13
CA GLN C 410 -1.72 -5.19 21.19
C GLN C 410 -0.44 -4.75 20.50
N VAL C 411 -0.43 -4.86 19.17
CA VAL C 411 0.70 -4.46 18.33
C VAL C 411 0.11 -3.78 17.10
N GLY C 412 0.50 -2.53 16.89
CA GLY C 412 -0.01 -1.70 15.80
C GLY C 412 -1.48 -1.44 16.03
N GLY C 413 -2.27 -1.70 15.02
CA GLY C 413 -3.71 -1.52 15.16
C GLY C 413 -4.42 -2.75 15.69
N ARG C 414 -3.67 -3.82 16.04
CA ARG C 414 -4.30 -5.09 16.34
C ARG C 414 -4.27 -5.47 17.80
N THR C 415 -5.43 -5.86 18.36
CA THR C 415 -5.54 -6.36 19.73
C THR C 415 -6.05 -7.79 19.66
N TRP C 416 -5.40 -8.72 20.38
CA TRP C 416 -5.86 -10.10 20.30
C TRP C 416 -5.57 -10.90 21.55
N LEU C 417 -6.29 -12.02 21.65
CA LEU C 417 -6.13 -13.05 22.65
C LEU C 417 -5.58 -14.29 21.97
N ARG C 418 -5.02 -15.23 22.73
CA ARG C 418 -4.53 -16.46 22.13
C ARG C 418 -4.55 -17.57 23.13
N ALA C 419 -5.13 -18.71 22.74
CA ALA C 419 -5.18 -19.85 23.65
C ALA C 419 -5.07 -21.14 22.87
N GLY C 420 -4.48 -22.13 23.50
CA GLY C 420 -4.26 -23.42 22.87
C GLY C 420 -4.60 -24.59 23.78
N ALA C 421 -4.39 -25.80 23.26
CA ALA C 421 -4.69 -27.00 24.01
C ALA C 421 -3.76 -28.13 23.60
N GLY C 422 -3.46 -29.00 24.55
CA GLY C 422 -2.63 -30.17 24.29
C GLY C 422 -3.42 -31.21 23.56
N ILE C 423 -2.89 -31.64 22.42
CA ILE C 423 -3.51 -32.62 21.55
C ILE C 423 -2.76 -33.92 21.66
N ILE C 424 -3.48 -35.01 21.95
CA ILE C 424 -2.92 -36.35 22.03
C ILE C 424 -3.73 -37.28 21.08
N GLU C 425 -3.34 -38.56 20.96
CA GLU C 425 -3.98 -39.48 20.02
C GLU C 425 -5.52 -39.54 20.15
N GLU C 426 -6.04 -39.46 21.37
CA GLU C 426 -7.48 -39.57 21.61
C GLU C 426 -8.24 -38.23 21.53
N SER C 427 -7.57 -37.12 21.22
CA SER C 427 -8.22 -35.82 21.22
C SER C 427 -9.29 -35.66 20.14
N GLU C 428 -10.29 -34.82 20.41
CA GLU C 428 -11.38 -34.54 19.48
C GLU C 428 -11.43 -33.05 19.19
N PRO C 429 -11.53 -32.66 17.91
CA PRO C 429 -11.53 -31.22 17.57
C PRO C 429 -12.55 -30.37 18.30
N GLU C 430 -13.79 -30.89 18.51
CA GLU C 430 -14.80 -30.11 19.20
C GLU C 430 -14.44 -29.87 20.67
N ARG C 431 -14.02 -30.93 21.39
CA ARG C 431 -13.61 -30.79 22.79
C ARG C 431 -12.39 -29.85 22.90
N GLU C 432 -11.43 -29.96 21.97
CA GLU C 432 -10.24 -29.11 21.99
C GLU C 432 -10.60 -27.65 21.77
N PHE C 433 -11.56 -27.38 20.86
CA PHE C 433 -12.01 -26.00 20.63
C PHE C 433 -12.66 -25.45 21.92
N GLU C 434 -13.45 -26.29 22.61
CA GLU C 434 -14.08 -25.91 23.86
C GLU C 434 -13.02 -25.62 24.94
N GLU C 435 -11.93 -26.42 24.98
CA GLU C 435 -10.85 -26.19 25.94
C GLU C 435 -10.21 -24.79 25.71
N THR C 436 -10.05 -24.38 24.44
CA THR C 436 -9.49 -23.05 24.16
C THR C 436 -10.49 -21.98 24.64
N CYS C 437 -11.82 -22.22 24.53
CA CYS C 437 -12.80 -21.26 25.04
C CYS C 437 -12.69 -21.11 26.54
N GLU C 438 -12.51 -22.22 27.25
CA GLU C 438 -12.35 -22.22 28.70
C GLU C 438 -11.11 -21.42 29.10
N LYS C 439 -9.98 -21.62 28.38
CA LYS C 439 -8.76 -20.89 28.69
C LYS C 439 -8.91 -19.40 28.37
N LEU C 440 -9.63 -19.06 27.29
CA LEU C 440 -9.88 -17.67 26.93
C LEU C 440 -10.76 -16.95 28.00
N SER C 441 -11.62 -17.71 28.68
CA SER C 441 -12.52 -17.21 29.73
C SER C 441 -11.75 -16.61 30.95
N THR C 442 -10.42 -16.81 31.03
CA THR C 442 -9.58 -16.14 32.04
C THR C 442 -9.57 -14.61 31.80
N LEU C 443 -9.76 -14.19 30.55
CA LEU C 443 -9.68 -12.82 30.12
C LEU C 443 -10.95 -12.26 29.49
N THR C 444 -11.66 -13.06 28.66
CA THR C 444 -12.80 -12.54 27.92
C THR C 444 -13.89 -11.83 28.78
N PRO C 445 -14.19 -12.18 30.06
CA PRO C 445 -15.21 -11.40 30.80
C PRO C 445 -14.65 -10.11 31.41
N TYR C 446 -13.31 -9.83 31.25
CA TYR C 446 -12.65 -8.75 31.97
C TYR C 446 -11.96 -7.72 31.08
N LEU C 447 -12.35 -7.61 29.81
CA LEU C 447 -11.73 -6.65 28.91
C LEU C 447 -12.34 -5.26 29.11
N VAL C 448 -11.52 -4.30 29.55
CA VAL C 448 -11.98 -2.94 29.75
C VAL C 448 -11.66 -2.16 28.50
N ALA C 449 -12.68 -1.59 27.83
CA ALA C 449 -12.43 -0.80 26.62
C ALA C 449 -11.62 0.47 26.94
N ARG C 450 -10.81 0.90 25.97
CA ARG C 450 -9.99 2.10 26.13
C ARG C 450 -10.86 3.36 26.23
N ALA D 15 24.44 35.30 35.10
CA ALA D 15 25.72 34.77 34.63
C ALA D 15 25.56 33.37 33.99
N SER D 16 26.51 33.00 33.13
CA SER D 16 26.46 31.71 32.45
C SER D 16 27.83 31.26 31.94
N SER D 17 28.06 29.94 31.91
CA SER D 17 29.28 29.37 31.33
C SER D 17 29.07 29.21 29.84
N SER D 18 30.14 29.20 29.05
CA SER D 18 30.06 29.06 27.61
C SER D 18 31.03 28.02 27.09
N ILE D 19 30.61 27.23 26.11
CA ILE D 19 31.41 26.23 25.44
C ILE D 19 31.39 26.53 23.97
N PRO D 20 32.55 26.72 23.31
CA PRO D 20 32.52 26.99 21.87
C PRO D 20 31.87 25.84 21.11
N MET D 21 31.08 26.17 20.10
CA MET D 21 30.42 25.18 19.29
C MET D 21 31.45 24.58 18.34
N PRO D 22 31.58 23.24 18.31
CA PRO D 22 32.55 22.64 17.38
C PRO D 22 32.10 22.80 15.92
N ALA D 23 33.05 22.82 15.00
CA ALA D 23 32.88 23.09 13.56
C ALA D 23 31.73 22.34 12.81
N GLY D 24 31.69 21.00 12.75
CA GLY D 24 30.67 20.30 11.96
C GLY D 24 29.37 19.96 12.67
N VAL D 25 28.98 20.76 13.66
CA VAL D 25 27.79 20.45 14.46
C VAL D 25 26.70 21.48 14.26
N ASN D 26 25.53 21.02 13.84
CA ASN D 26 24.40 21.90 13.63
C ASN D 26 23.68 22.18 14.96
N PRO D 27 23.40 23.46 15.28
CA PRO D 27 22.74 23.77 16.56
C PRO D 27 21.36 23.12 16.76
N ALA D 28 20.52 23.04 15.71
CA ALA D 28 19.20 22.39 15.87
C ALA D 28 19.38 20.91 16.24
N ASP D 29 20.36 20.25 15.61
CA ASP D 29 20.60 18.84 15.91
C ASP D 29 21.11 18.66 17.32
N LEU D 30 22.12 19.45 17.72
CA LEU D 30 22.68 19.30 19.07
C LEU D 30 21.62 19.62 20.14
N ALA D 31 20.85 20.70 19.95
CA ALA D 31 19.86 21.09 20.94
C ALA D 31 18.79 20.03 21.10
N ALA D 32 18.29 19.45 19.98
CA ALA D 32 17.25 18.41 20.05
C ALA D 32 17.80 17.13 20.65
N GLU D 33 19.08 16.79 20.34
CA GLU D 33 19.70 15.59 20.91
C GLU D 33 19.88 15.76 22.42
N LEU D 34 20.32 16.95 22.85
CA LEU D 34 20.53 17.27 24.25
C LEU D 34 19.20 17.18 24.99
N ALA D 35 18.15 17.74 24.42
CA ALA D 35 16.80 17.67 24.99
C ALA D 35 16.37 16.20 25.18
N ALA D 36 16.57 15.37 24.15
CA ALA D 36 16.18 13.97 24.24
C ALA D 36 16.97 13.22 25.30
N VAL D 37 18.30 13.32 25.29
CA VAL D 37 19.09 12.46 26.15
C VAL D 37 19.07 12.93 27.58
N VAL D 38 19.37 14.22 27.81
CA VAL D 38 19.55 14.68 29.18
C VAL D 38 18.27 14.61 29.97
N THR D 39 17.16 15.02 29.37
CA THR D 39 15.91 15.07 30.12
C THR D 39 15.40 13.69 30.41
N GLU D 40 15.65 12.71 29.53
CA GLU D 40 15.20 11.35 29.84
C GLU D 40 16.07 10.79 30.98
N SER D 41 17.38 11.06 30.96
CA SER D 41 18.27 10.53 32.01
C SER D 41 17.98 11.17 33.37
N VAL D 42 17.68 12.50 33.42
CA VAL D 42 17.43 13.10 34.74
C VAL D 42 15.93 13.07 35.17
N ASP D 43 15.04 12.67 34.27
CA ASP D 43 13.61 12.53 34.54
C ASP D 43 12.94 13.90 34.64
N GLU D 44 12.96 14.64 33.55
CA GLU D 44 12.33 15.96 33.57
C GLU D 44 11.70 16.35 32.24
N ASP D 45 10.66 17.15 32.35
CA ASP D 45 9.97 17.76 31.24
C ASP D 45 10.87 18.89 30.66
N TYR D 46 10.53 19.38 29.46
CA TYR D 46 11.35 20.42 28.84
C TYR D 46 10.59 21.11 27.73
N LEU D 47 11.12 22.25 27.33
CA LEU D 47 10.62 22.97 26.17
C LEU D 47 11.84 23.58 25.47
N LEU D 48 12.01 23.26 24.21
CA LEU D 48 13.08 23.78 23.36
C LEU D 48 12.47 24.79 22.42
N TYR D 49 13.00 26.02 22.41
CA TYR D 49 12.43 27.11 21.60
C TYR D 49 13.52 27.74 20.75
N GLU D 50 13.33 27.75 19.44
CA GLU D 50 14.28 28.38 18.51
C GLU D 50 13.84 29.82 18.26
N CYS D 51 14.72 30.77 18.55
CA CYS D 51 14.42 32.18 18.40
C CYS D 51 15.68 32.92 17.92
N ASP D 52 15.64 33.43 16.69
CA ASP D 52 16.69 34.23 16.08
C ASP D 52 18.11 33.59 16.21
N GLY D 53 18.23 32.32 15.82
CA GLY D 53 19.53 31.64 15.84
C GLY D 53 19.92 31.01 17.16
N GLN D 54 19.09 31.18 18.20
CA GLN D 54 19.35 30.58 19.51
C GLN D 54 18.35 29.48 19.77
N TRP D 55 18.83 28.28 20.09
CA TRP D 55 17.95 27.18 20.46
C TRP D 55 17.98 27.13 21.97
N VAL D 56 16.93 27.60 22.61
CA VAL D 56 16.89 27.68 24.07
C VAL D 56 16.22 26.46 24.66
N LEU D 57 16.98 25.62 25.36
CA LEU D 57 16.42 24.45 26.01
C LEU D 57 16.10 24.79 27.46
N ALA D 58 14.82 24.82 27.81
CA ALA D 58 14.37 25.07 29.17
C ALA D 58 14.06 23.71 29.74
N ALA D 59 14.90 23.22 30.63
CA ALA D 59 14.76 21.86 31.15
C ALA D 59 14.43 21.84 32.65
N GLY D 60 13.49 20.97 33.01
CA GLY D 60 13.11 20.81 34.40
C GLY D 60 12.10 21.87 34.80
N VAL D 61 11.26 21.57 35.77
CA VAL D 61 10.22 22.51 36.19
C VAL D 61 10.51 23.01 37.61
N GLN D 62 10.86 24.27 37.74
CA GLN D 62 11.08 24.88 39.06
C GLN D 62 9.68 25.17 39.67
N ALA D 63 8.81 25.80 38.88
CA ALA D 63 7.43 26.09 39.24
C ALA D 63 6.59 26.10 37.95
N MET D 64 5.34 25.69 38.07
CA MET D 64 4.43 25.57 36.92
C MET D 64 3.16 26.37 37.18
N VAL D 65 2.75 27.16 36.20
CA VAL D 65 1.50 27.90 36.24
C VAL D 65 0.55 27.18 35.26
N GLU D 66 -0.63 26.78 35.73
CA GLU D 66 -1.61 26.13 34.87
C GLU D 66 -2.86 26.95 34.85
N LEU D 67 -3.17 27.57 33.72
CA LEU D 67 -4.41 28.31 33.60
C LEU D 67 -5.43 27.49 32.83
N ASP D 68 -6.55 27.21 33.47
CA ASP D 68 -7.71 26.54 32.86
C ASP D 68 -8.88 27.52 32.79
N SER D 69 -9.93 27.15 32.07
CA SER D 69 -11.10 28.01 31.93
C SER D 69 -11.75 28.33 33.27
N ASP D 70 -11.63 27.42 34.26
CA ASP D 70 -12.33 27.56 35.54
C ASP D 70 -11.41 27.62 36.77
N GLU D 71 -10.09 27.60 36.59
CA GLU D 71 -9.18 27.58 37.73
C GLU D 71 -7.78 27.95 37.29
N LEU D 72 -7.01 28.53 38.22
CA LEU D 72 -5.61 28.83 38.02
C LEU D 72 -4.85 28.11 39.12
N ARG D 73 -3.81 27.37 38.75
CA ARG D 73 -3.00 26.64 39.71
C ARG D 73 -1.55 27.04 39.60
N VAL D 74 -0.86 27.14 40.74
CA VAL D 74 0.58 27.38 40.73
C VAL D 74 1.16 26.25 41.56
N ILE D 75 2.02 25.44 40.94
CA ILE D 75 2.57 24.24 41.54
C ILE D 75 4.07 24.38 41.71
N ARG D 76 4.54 24.16 42.94
CA ARG D 76 5.96 24.22 43.23
C ARG D 76 6.28 23.24 44.32
N ASP D 77 7.28 22.38 44.11
CA ASP D 77 7.74 21.36 45.08
C ASP D 77 6.60 20.49 45.61
N GLY D 78 5.72 20.10 44.68
CA GLY D 78 4.59 19.22 44.99
C GLY D 78 3.43 19.88 45.70
N VAL D 79 3.48 21.21 45.83
CA VAL D 79 2.42 21.93 46.52
C VAL D 79 1.68 22.72 45.50
N THR D 80 0.36 22.53 45.44
CA THR D 80 -0.49 23.23 44.49
C THR D 80 -1.35 24.28 45.17
N ARG D 81 -1.29 25.50 44.67
CA ARG D 81 -2.16 26.56 45.13
C ARG D 81 -3.18 26.77 44.04
N ARG D 82 -4.46 26.53 44.37
CA ARG D 82 -5.56 26.66 43.42
C ARG D 82 -6.34 27.91 43.70
N GLN D 83 -6.73 28.62 42.65
CA GLN D 83 -7.49 29.84 42.81
C GLN D 83 -8.52 29.97 41.74
N GLN D 84 -9.69 30.50 42.11
CA GLN D 84 -10.68 30.88 41.13
C GLN D 84 -10.19 32.19 40.53
N TRP D 85 -10.47 32.42 39.24
CA TRP D 85 -10.05 33.66 38.61
C TRP D 85 -11.19 34.25 37.83
N SER D 86 -11.14 35.55 37.70
CA SER D 86 -12.15 36.31 37.00
C SER D 86 -11.50 37.35 36.08
N GLY D 87 -12.28 37.93 35.19
CA GLY D 87 -11.80 38.92 34.25
C GLY D 87 -11.01 38.30 33.11
N ARG D 88 -10.01 39.02 32.63
CA ARG D 88 -9.22 38.58 31.49
C ARG D 88 -8.28 37.44 31.84
N PRO D 89 -8.23 36.39 31.00
CA PRO D 89 -7.28 35.29 31.27
C PRO D 89 -5.83 35.78 31.27
N GLY D 90 -5.51 36.76 30.43
CA GLY D 90 -4.18 37.33 30.39
C GLY D 90 -3.76 37.98 31.69
N ALA D 91 -4.69 38.65 32.40
CA ALA D 91 -4.37 39.31 33.67
C ALA D 91 -4.04 38.25 34.74
N ALA D 92 -4.86 37.18 34.79
CA ALA D 92 -4.65 36.08 35.73
C ALA D 92 -3.30 35.39 35.43
N LEU D 93 -3.04 35.07 34.15
CA LEU D 93 -1.80 34.41 33.76
C LEU D 93 -0.59 35.32 34.00
N GLY D 94 -0.72 36.58 33.61
CA GLY D 94 0.33 37.56 33.74
C GLY D 94 0.79 37.78 35.16
N GLU D 95 -0.16 37.86 36.11
CA GLU D 95 0.21 38.06 37.52
C GLU D 95 1.03 36.88 38.03
N ALA D 96 0.61 35.65 37.67
CA ALA D 96 1.30 34.44 38.11
C ALA D 96 2.69 34.31 37.45
N VAL D 97 2.79 34.60 36.15
CA VAL D 97 4.05 34.51 35.41
C VAL D 97 5.02 35.61 35.88
N ASP D 98 4.52 36.82 36.20
CA ASP D 98 5.39 37.88 36.74
C ASP D 98 6.05 37.40 38.04
N ARG D 99 5.31 36.65 38.88
CA ARG D 99 5.83 36.11 40.12
C ARG D 99 6.93 35.06 39.84
N LEU D 100 6.75 34.21 38.82
CA LEU D 100 7.80 33.25 38.43
C LEU D 100 9.09 33.98 38.07
N LEU D 101 8.94 35.10 37.32
CA LEU D 101 10.05 35.87 36.79
C LEU D 101 10.77 36.72 37.84
N LEU D 102 10.24 36.80 39.07
CA LEU D 102 10.99 37.45 40.14
C LEU D 102 12.17 36.51 40.57
N GLU D 103 12.08 35.20 40.29
CA GLU D 103 13.10 34.23 40.75
C GLU D 103 13.94 33.63 39.63
N THR D 104 13.43 33.64 38.40
CA THR D 104 14.14 33.10 37.23
C THR D 104 14.11 34.15 36.10
N ASP D 105 15.12 34.15 35.23
CA ASP D 105 15.22 35.16 34.18
C ASP D 105 14.24 34.90 33.04
N GLN D 106 13.84 33.65 32.81
CA GLN D 106 12.92 33.35 31.72
C GLN D 106 11.89 32.28 32.08
N ALA D 107 10.74 32.35 31.45
CA ALA D 107 9.67 31.37 31.59
C ALA D 107 9.23 30.94 30.20
N PHE D 108 8.69 29.72 30.08
CA PHE D 108 8.34 29.17 28.78
C PHE D 108 7.03 28.42 28.85
N GLY D 109 6.37 28.27 27.72
CA GLY D 109 5.20 27.41 27.70
C GLY D 109 4.37 27.56 26.47
N TRP D 110 3.10 27.18 26.62
CA TRP D 110 2.18 27.24 25.50
C TRP D 110 0.86 27.85 25.95
N VAL D 111 0.16 28.45 24.98
CA VAL D 111 -1.12 29.08 25.14
C VAL D 111 -2.06 28.50 24.11
N ALA D 112 -3.20 27.98 24.55
CA ALA D 112 -4.16 27.34 23.66
C ALA D 112 -4.87 28.35 22.81
N PHE D 113 -5.45 27.91 21.66
CA PHE D 113 -6.37 28.73 20.88
C PHE D 113 -7.49 29.29 21.79
N GLU D 114 -8.00 28.43 22.74
CA GLU D 114 -9.09 28.81 23.64
C GLU D 114 -8.77 29.98 24.58
N PHE D 115 -7.48 30.32 24.79
CA PHE D 115 -7.11 31.51 25.57
C PHE D 115 -7.70 32.80 24.94
N GLY D 116 -7.97 32.80 23.62
CA GLY D 116 -8.45 34.01 22.96
C GLY D 116 -9.96 34.16 22.84
N VAL D 117 -10.75 33.29 23.50
CA VAL D 117 -12.22 33.39 23.30
C VAL D 117 -12.90 34.33 24.31
N HIS D 118 -12.29 34.51 25.51
CA HIS D 118 -12.82 35.36 26.57
C HIS D 118 -13.01 36.80 26.10
N ARG D 119 -12.04 37.33 25.33
CA ARG D 119 -12.09 38.70 24.81
C ARG D 119 -13.38 38.95 24.01
N TYR D 120 -13.92 37.90 23.39
CA TYR D 120 -15.13 37.98 22.57
C TYR D 120 -16.42 37.50 23.28
N GLY D 121 -16.34 37.27 24.59
CA GLY D 121 -17.50 36.85 25.38
C GLY D 121 -18.00 35.45 25.03
N LEU D 122 -17.11 34.59 24.50
CA LEU D 122 -17.49 33.24 24.06
C LEU D 122 -17.05 32.15 25.05
N GLN D 123 -16.59 32.52 26.24
CA GLN D 123 -16.07 31.55 27.20
C GLN D 123 -17.12 30.54 27.70
N GLN D 124 -18.45 30.83 27.64
CA GLN D 124 -19.42 29.80 28.05
C GLN D 124 -19.38 28.58 27.05
N ARG D 125 -18.82 28.76 25.84
CA ARG D 125 -18.73 27.67 24.87
C ARG D 125 -17.62 26.65 25.23
N LEU D 126 -16.73 26.99 26.16
CA LEU D 126 -15.65 26.09 26.54
C LEU D 126 -16.15 25.00 27.45
N ALA D 127 -15.66 23.78 27.27
CA ALA D 127 -16.02 22.69 28.16
C ALA D 127 -15.38 22.96 29.53
N PRO D 128 -15.93 22.37 30.62
CA PRO D 128 -15.28 22.53 31.93
C PRO D 128 -13.82 22.07 31.90
N HIS D 129 -12.95 22.72 32.68
CA HIS D 129 -11.53 22.35 32.82
C HIS D 129 -10.77 22.47 31.50
N THR D 130 -11.18 23.43 30.61
CA THR D 130 -10.46 23.56 29.33
C THR D 130 -9.12 24.20 29.59
N PRO D 131 -8.00 23.57 29.18
CA PRO D 131 -6.69 24.21 29.34
C PRO D 131 -6.56 25.46 28.48
N LEU D 132 -6.07 26.54 29.08
CA LEU D 132 -5.83 27.80 28.38
C LEU D 132 -4.34 28.07 28.21
N ALA D 133 -3.52 27.73 29.22
CA ALA D 133 -2.08 27.98 29.14
C ALA D 133 -1.32 27.16 30.17
N ARG D 134 -0.08 26.84 29.83
CA ARG D 134 0.85 26.16 30.73
C ARG D 134 2.17 26.90 30.62
N VAL D 135 2.63 27.53 31.72
CA VAL D 135 3.88 28.30 31.66
C VAL D 135 4.73 27.91 32.85
N PHE D 136 6.01 27.60 32.62
CA PHE D 136 6.87 27.18 33.72
C PHE D 136 8.18 27.93 33.75
N SER D 137 8.78 28.00 34.95
CA SER D 137 10.14 28.48 35.09
C SER D 137 11.00 27.22 35.08
N PRO D 138 12.03 27.18 34.26
CA PRO D 138 12.86 25.97 34.20
C PRO D 138 13.88 25.90 35.33
N ARG D 139 14.36 24.69 35.60
CA ARG D 139 15.45 24.52 36.57
C ARG D 139 16.81 24.83 35.90
N THR D 140 16.92 24.54 34.61
CA THR D 140 18.15 24.72 33.83
C THR D 140 17.85 25.30 32.46
N ARG D 141 18.76 26.13 31.94
CA ARG D 141 18.60 26.61 30.56
C ARG D 141 19.89 26.40 29.80
N ILE D 142 19.80 25.82 28.61
CA ILE D 142 20.98 25.64 27.77
C ILE D 142 20.67 26.31 26.46
N MET D 143 21.49 27.29 26.04
CA MET D 143 21.24 27.97 24.77
C MET D 143 22.29 27.53 23.74
N VAL D 144 21.83 26.99 22.61
CA VAL D 144 22.72 26.49 21.59
C VAL D 144 22.62 27.35 20.35
N SER D 145 23.76 27.85 19.89
CA SER D 145 23.80 28.63 18.65
C SER D 145 24.95 28.11 17.76
N GLU D 146 25.08 28.62 16.51
CA GLU D 146 26.22 28.25 15.65
C GLU D 146 27.56 28.60 16.32
N LYS D 147 27.57 29.62 17.19
CA LYS D 147 28.80 30.10 17.84
C LYS D 147 29.16 29.35 19.12
N GLU D 148 28.17 29.14 20.02
CA GLU D 148 28.50 28.55 21.31
C GLU D 148 27.29 27.93 22.01
N ILE D 149 27.59 27.19 23.09
CA ILE D 149 26.61 26.62 23.99
C ILE D 149 26.71 27.39 25.30
N ARG D 150 25.66 28.07 25.71
CA ARG D 150 25.66 28.80 26.97
C ARG D 150 24.85 28.03 28.01
N LEU D 151 25.41 27.86 29.21
CA LEU D 151 24.75 27.10 30.26
C LEU D 151 24.32 28.01 31.39
N PHE D 152 23.06 27.85 31.82
CA PHE D 152 22.46 28.61 32.92
C PHE D 152 21.91 27.63 33.97
N ASP D 153 22.49 27.65 35.18
CA ASP D 153 22.07 26.78 36.29
C ASP D 153 22.12 25.31 35.88
N ALA D 154 23.15 24.93 35.11
CA ALA D 154 23.28 23.54 34.68
C ALA D 154 24.13 22.79 35.67
N GLY D 155 23.54 21.81 36.33
CA GLY D 155 24.27 21.02 37.32
C GLY D 155 25.14 19.94 36.69
N ILE D 156 25.68 19.10 37.52
CA ILE D 156 26.62 18.05 37.13
C ILE D 156 26.10 17.13 35.99
N ARG D 157 24.88 16.61 36.13
CA ARG D 157 24.32 15.69 35.15
C ARG D 157 23.99 16.36 33.82
N HIS D 158 23.54 17.63 33.86
CA HIS D 158 23.28 18.34 32.62
C HIS D 158 24.61 18.65 31.91
N ARG D 159 25.63 19.05 32.67
CA ARG D 159 26.93 19.32 32.08
CA ARG D 159 26.94 19.33 32.10
C ARG D 159 27.55 18.05 31.51
N GLU D 160 27.36 16.90 32.17
CA GLU D 160 27.90 15.64 31.69
C GLU D 160 27.21 15.26 30.38
N ALA D 161 25.89 15.52 30.23
CA ALA D 161 25.21 15.18 28.99
C ALA D 161 25.76 15.99 27.82
N ILE D 162 26.01 17.28 28.05
CA ILE D 162 26.55 18.17 27.01
C ILE D 162 27.95 17.69 26.62
N ASP D 163 28.79 17.38 27.62
CA ASP D 163 30.14 16.91 27.35
C ASP D 163 30.12 15.60 26.59
N ARG D 164 29.25 14.66 26.97
CA ARG D 164 29.19 13.36 26.28
C ARG D 164 28.74 13.55 24.84
N LEU D 165 27.76 14.45 24.60
CA LEU D 165 27.30 14.70 23.24
C LEU D 165 28.36 15.34 22.38
N LEU D 166 29.15 16.26 22.94
CA LEU D 166 30.24 16.89 22.18
C LEU D 166 31.34 15.86 21.85
N ALA D 167 31.53 14.86 22.71
CA ALA D 167 32.55 13.84 22.50
C ALA D 167 32.10 12.76 21.49
N THR D 168 30.83 12.36 21.51
CA THR D 168 30.34 11.33 20.60
C THR D 168 29.78 11.86 19.29
N GLY D 169 29.23 13.07 19.34
CA GLY D 169 28.52 13.62 18.18
C GLY D 169 27.05 13.20 18.21
N VAL D 170 26.20 13.90 17.45
CA VAL D 170 24.76 13.57 17.41
C VAL D 170 24.50 12.27 16.68
N ARG D 171 23.39 11.60 17.00
CA ARG D 171 23.07 10.36 16.32
C ARG D 171 22.54 10.62 14.93
N GLU D 172 22.69 9.62 14.06
CA GLU D 172 22.14 9.72 12.72
C GLU D 172 20.61 9.61 12.81
N VAL D 173 19.90 10.41 12.01
CA VAL D 173 18.45 10.36 11.99
C VAL D 173 18.00 9.14 11.19
N PRO D 174 17.17 8.26 11.76
CA PRO D 174 16.67 7.10 11.00
C PRO D 174 15.76 7.49 9.83
N GLN D 175 15.46 6.53 8.96
CA GLN D 175 14.53 6.75 7.85
C GLN D 175 13.12 7.06 8.40
N SER D 176 12.37 7.91 7.69
CA SER D 176 11.04 8.27 8.09
C SER D 176 10.01 7.19 7.66
N ARG D 177 8.81 7.24 8.24
CA ARG D 177 7.73 6.32 7.94
C ARG D 177 6.57 7.13 7.41
N SER D 178 6.04 6.73 6.25
CA SER D 178 4.98 7.46 5.58
C SER D 178 3.63 7.43 6.33
N VAL D 179 2.82 8.45 6.07
CA VAL D 179 1.48 8.55 6.61
C VAL D 179 0.55 8.95 5.46
N ASP D 180 -0.64 8.37 5.40
CA ASP D 180 -1.62 8.72 4.39
C ASP D 180 -2.49 9.88 4.89
N VAL D 181 -2.51 10.99 4.15
CA VAL D 181 -3.34 12.14 4.51
C VAL D 181 -4.47 12.38 3.50
N SER D 182 -4.70 11.46 2.54
CA SER D 182 -5.70 11.65 1.51
C SER D 182 -7.14 11.37 1.96
N ASP D 183 -7.34 10.66 3.08
CA ASP D 183 -8.69 10.41 3.56
C ASP D 183 -9.26 11.64 4.26
N ASP D 184 -10.59 11.74 4.32
CA ASP D 184 -11.25 12.89 4.94
C ASP D 184 -12.28 12.44 5.99
N PRO D 185 -11.87 11.78 7.09
CA PRO D 185 -12.84 11.29 8.08
C PRO D 185 -13.62 12.37 8.82
N SER D 186 -13.07 13.58 8.96
CA SER D 186 -13.77 14.65 9.67
C SER D 186 -14.67 15.51 8.73
N GLY D 187 -14.78 15.15 7.45
CA GLY D 187 -15.62 15.86 6.49
C GLY D 187 -15.20 17.30 6.27
N PHE D 188 -13.89 17.55 6.16
CA PHE D 188 -13.35 18.88 5.90
C PHE D 188 -13.97 19.50 4.64
N ARG D 189 -14.06 18.76 3.52
CA ARG D 189 -14.65 19.30 2.29
C ARG D 189 -16.11 19.78 2.53
N ARG D 190 -16.90 19.01 3.28
CA ARG D 190 -18.27 19.36 3.61
C ARG D 190 -18.31 20.62 4.51
N ARG D 191 -17.42 20.67 5.50
CA ARG D 191 -17.34 21.79 6.45
C ARG D 191 -16.94 23.07 5.72
N VAL D 192 -16.03 22.99 4.72
CA VAL D 192 -15.67 24.14 3.89
C VAL D 192 -16.92 24.66 3.15
N ALA D 193 -17.69 23.76 2.54
CA ALA D 193 -18.91 24.16 1.82
C ALA D 193 -19.92 24.87 2.74
N VAL D 194 -20.08 24.41 4.00
CA VAL D 194 -20.97 25.08 4.96
C VAL D 194 -20.42 26.50 5.26
N ALA D 195 -19.10 26.63 5.49
CA ALA D 195 -18.49 27.95 5.74
C ALA D 195 -18.65 28.88 4.54
N VAL D 196 -18.46 28.36 3.30
CA VAL D 196 -18.63 29.16 2.08
C VAL D 196 -20.07 29.69 2.00
N ASP D 197 -21.05 28.86 2.39
CA ASP D 197 -22.46 29.27 2.40
C ASP D 197 -22.73 30.35 3.42
N GLU D 198 -22.11 30.23 4.62
CA GLU D 198 -22.26 31.21 5.70
C GLU D 198 -21.65 32.54 5.28
N ILE D 199 -20.50 32.51 4.59
CA ILE D 199 -19.85 33.72 4.08
C ILE D 199 -20.73 34.36 2.99
N ALA D 200 -21.28 33.56 2.06
CA ALA D 200 -22.17 34.07 1.00
C ALA D 200 -23.42 34.73 1.60
N ALA D 201 -23.88 34.26 2.77
CA ALA D 201 -25.02 34.83 3.49
C ALA D 201 -24.65 36.09 4.32
N GLY D 202 -23.37 36.46 4.36
CA GLY D 202 -22.89 37.64 5.07
C GLY D 202 -22.67 37.45 6.55
N ARG D 203 -22.50 36.19 7.01
CA ARG D 203 -22.26 35.94 8.44
C ARG D 203 -20.87 36.45 8.87
N TYR D 204 -19.89 36.30 7.99
CA TYR D 204 -18.51 36.73 8.20
C TYR D 204 -17.79 36.74 6.84
N HIS D 205 -16.58 37.27 6.81
CA HIS D 205 -15.80 37.40 5.57
C HIS D 205 -14.88 36.22 5.34
N LYS D 206 -14.29 35.69 6.43
CA LYS D 206 -13.31 34.63 6.31
C LYS D 206 -13.23 33.80 7.59
N VAL D 207 -12.96 32.51 7.43
CA VAL D 207 -12.74 31.64 8.58
C VAL D 207 -11.66 30.64 8.20
N ILE D 208 -10.80 30.27 9.16
CA ILE D 208 -9.83 29.23 8.92
C ILE D 208 -10.43 27.94 9.52
N LEU D 209 -10.62 26.92 8.68
CA LEU D 209 -11.07 25.63 9.17
C LEU D 209 -9.92 24.65 9.00
N SER D 210 -9.90 23.57 9.78
CA SER D 210 -8.77 22.66 9.78
C SER D 210 -9.23 21.20 9.89
N ARG D 211 -8.28 20.28 9.73
CA ARG D 211 -8.57 18.88 9.89
C ARG D 211 -7.41 18.22 10.61
N CYS D 212 -7.74 17.33 11.52
CA CYS D 212 -6.75 16.50 12.19
C CYS D 212 -6.45 15.31 11.30
N VAL D 213 -5.22 14.83 11.38
CA VAL D 213 -4.82 13.60 10.70
C VAL D 213 -4.23 12.74 11.76
N GLU D 214 -4.84 11.59 12.07
CA GLU D 214 -4.28 10.69 13.08
C GLU D 214 -3.04 10.00 12.52
N VAL D 215 -1.95 9.97 13.29
CA VAL D 215 -0.76 9.23 12.91
C VAL D 215 -0.93 7.86 13.56
N PRO D 216 -1.06 6.76 12.77
CA PRO D 216 -1.36 5.45 13.40
C PRO D 216 -0.18 4.76 14.06
N PHE D 217 0.91 5.48 14.31
CA PHE D 217 2.07 4.92 14.97
C PHE D 217 2.69 6.00 15.85
N ALA D 218 3.37 5.58 16.93
CA ALA D 218 4.02 6.53 17.81
C ALA D 218 5.27 7.10 17.13
N ILE D 219 5.51 8.40 17.25
CA ILE D 219 6.70 8.99 16.65
C ILE D 219 7.71 9.40 17.71
N ASP D 220 8.96 9.57 17.27
CA ASP D 220 10.04 10.07 18.12
C ASP D 220 10.08 11.55 17.89
N PHE D 221 9.62 12.33 18.89
CA PHE D 221 9.50 13.76 18.70
C PHE D 221 10.86 14.44 18.43
N PRO D 222 11.95 14.22 19.21
CA PRO D 222 13.21 14.92 18.90
C PRO D 222 13.79 14.57 17.53
N LEU D 223 13.71 13.29 17.12
CA LEU D 223 14.26 12.90 15.81
C LEU D 223 13.41 13.47 14.68
N THR D 224 12.05 13.47 14.87
CA THR D 224 11.15 14.05 13.86
C THR D 224 11.42 15.56 13.76
N TYR D 225 11.60 16.21 14.91
CA TYR D 225 11.93 17.65 14.94
C TYR D 225 13.20 17.94 14.10
N ARG D 226 14.27 17.19 14.34
CA ARG D 226 15.53 17.36 13.64
C ARG D 226 15.35 17.16 12.13
N LEU D 227 14.62 16.11 11.74
CA LEU D 227 14.46 15.81 10.32
C LEU D 227 13.63 16.89 9.61
N GLY D 228 12.50 17.28 10.20
CA GLY D 228 11.66 18.33 9.63
C GLY D 228 12.36 19.67 9.59
N ARG D 229 13.23 19.94 10.60
CA ARG D 229 13.94 21.23 10.66
C ARG D 229 14.96 21.39 9.51
N ARG D 230 15.47 20.27 8.95
CA ARG D 230 16.36 20.35 7.78
C ARG D 230 15.63 20.78 6.51
N HIS D 231 14.30 20.63 6.48
CA HIS D 231 13.53 20.91 5.27
C HIS D 231 12.51 22.03 5.42
N ASN D 232 12.61 22.83 6.47
CA ASN D 232 11.74 23.97 6.76
C ASN D 232 12.62 25.17 7.17
N THR D 233 12.22 26.40 6.85
CA THR D 233 12.94 27.59 7.36
C THR D 233 11.84 28.42 8.06
N PRO D 234 11.54 28.09 9.35
CA PRO D 234 10.41 28.76 10.03
C PRO D 234 10.79 30.08 10.72
N VAL D 235 9.79 30.86 11.15
CA VAL D 235 10.06 32.10 11.91
C VAL D 235 10.56 31.74 13.31
N ARG D 236 9.96 30.68 13.91
CA ARG D 236 10.36 30.10 15.21
C ARG D 236 10.12 28.61 15.10
N SER D 237 10.70 27.83 16.04
CA SER D 237 10.34 26.40 16.06
C SER D 237 10.39 25.94 17.49
N PHE D 238 9.80 24.76 17.74
CA PHE D 238 9.82 24.27 19.12
C PHE D 238 9.73 22.77 19.14
N LEU D 239 10.07 22.22 20.29
CA LEU D 239 10.02 20.79 20.62
C LEU D 239 9.80 20.73 22.12
N LEU D 240 8.75 20.03 22.58
CA LEU D 240 8.50 19.99 24.04
C LEU D 240 7.94 18.66 24.49
N GLN D 241 8.11 18.42 25.78
CA GLN D 241 7.53 17.32 26.55
C GLN D 241 7.15 17.95 27.86
N LEU D 242 5.86 18.27 28.04
CA LEU D 242 5.45 19.03 29.20
C LEU D 242 4.07 18.57 29.68
N GLY D 243 3.98 18.15 30.93
CA GLY D 243 2.71 17.74 31.52
C GLY D 243 1.96 16.67 30.75
N GLY D 244 2.69 15.69 30.21
CA GLY D 244 2.07 14.59 29.47
C GLY D 244 1.79 14.89 28.00
N ILE D 245 2.17 16.09 27.53
CA ILE D 245 2.02 16.42 26.11
C ILE D 245 3.37 16.41 25.46
N ARG D 246 3.49 15.81 24.27
CA ARG D 246 4.65 16.03 23.42
C ARG D 246 4.19 16.85 22.21
N ALA D 247 5.01 17.79 21.76
CA ALA D 247 4.67 18.55 20.57
C ALA D 247 5.94 19.07 19.91
N LEU D 248 5.85 19.35 18.63
CA LEU D 248 6.94 19.99 17.89
C LEU D 248 6.30 20.82 16.79
N GLY D 249 6.99 21.83 16.32
CA GLY D 249 6.38 22.66 15.27
C GLY D 249 7.32 23.62 14.62
N TYR D 250 6.94 24.07 13.43
CA TYR D 250 7.73 25.03 12.62
C TYR D 250 6.82 26.22 12.36
N SER D 251 6.80 27.13 13.31
CA SER D 251 5.90 28.28 13.28
CA SER D 251 5.90 28.26 13.31
C SER D 251 6.18 29.20 12.14
N PRO D 252 5.15 29.48 11.33
CA PRO D 252 5.35 30.39 10.19
C PRO D 252 5.12 31.87 10.49
N GLU D 253 4.71 32.22 11.75
CA GLU D 253 4.37 33.60 12.03
C GLU D 253 4.52 33.93 13.48
N LEU D 254 4.99 35.11 13.73
CA LEU D 254 5.09 35.70 15.04
C LEU D 254 3.72 36.29 15.45
N VAL D 255 3.10 35.79 16.53
CA VAL D 255 1.84 36.39 17.02
C VAL D 255 2.18 37.81 17.52
N THR D 256 3.21 37.88 18.38
CA THR D 256 3.74 39.14 18.84
C THR D 256 5.08 38.98 19.54
N ALA D 257 5.85 40.05 19.52
CA ALA D 257 7.08 40.14 20.27
C ALA D 257 7.03 41.46 21.02
N VAL D 258 7.31 41.42 22.32
CA VAL D 258 7.39 42.60 23.18
C VAL D 258 8.84 42.68 23.63
N ARG D 259 9.49 43.81 23.40
CA ARG D 259 10.88 43.98 23.81
C ARG D 259 10.96 44.59 25.21
N ALA D 260 12.11 44.44 25.87
CA ALA D 260 12.34 45.03 27.19
C ALA D 260 12.15 46.56 27.18
N ASP D 261 12.37 47.24 26.03
CA ASP D 261 12.19 48.69 25.98
C ASP D 261 10.70 49.12 25.73
N GLY D 262 9.80 48.13 25.67
CA GLY D 262 8.37 48.38 25.47
C GLY D 262 7.87 48.35 24.03
N VAL D 263 8.78 48.18 23.06
CA VAL D 263 8.36 48.13 21.65
C VAL D 263 7.63 46.81 21.40
N VAL D 264 6.41 46.89 20.83
CA VAL D 264 5.58 45.74 20.50
C VAL D 264 5.54 45.60 18.99
N ILE D 265 5.71 44.36 18.49
CA ILE D 265 5.70 44.08 17.06
C ILE D 265 4.77 42.93 16.75
N THR D 266 4.04 43.02 15.63
CA THR D 266 3.25 41.90 15.12
C THR D 266 3.47 41.94 13.60
N GLU D 267 3.67 40.77 12.99
CA GLU D 267 3.96 40.70 11.57
C GLU D 267 3.00 39.74 10.89
N PRO D 268 1.81 40.24 10.57
CA PRO D 268 0.84 39.38 9.89
C PRO D 268 1.22 39.10 8.45
N LEU D 269 1.02 37.85 8.04
CA LEU D 269 1.26 37.40 6.67
C LEU D 269 -0.08 36.96 6.09
N ALA D 270 -0.41 37.35 4.84
CA ALA D 270 -1.73 36.96 4.33
C ALA D 270 -1.73 36.14 3.00
N GLY D 271 -1.15 36.64 1.91
CA GLY D 271 -1.13 35.93 0.64
C GLY D 271 0.18 35.20 0.43
N THR D 272 0.19 34.07 -0.30
CA THR D 272 1.42 33.31 -0.50
C THR D 272 1.59 32.81 -1.95
N ARG D 273 2.86 32.71 -2.37
CA ARG D 273 3.30 32.20 -3.67
C ARG D 273 4.54 31.31 -3.47
N LEU D 284 7.16 37.80 -12.36
CA LEU D 284 7.45 36.63 -11.54
C LEU D 284 6.30 36.36 -10.55
N ALA D 285 6.43 35.34 -9.69
CA ALA D 285 5.43 35.08 -8.66
C ALA D 285 5.39 36.28 -7.65
N ARG D 286 6.52 36.96 -7.43
CA ARG D 286 6.61 38.14 -6.56
C ARG D 286 5.75 39.28 -7.15
N ASP D 287 5.87 39.50 -8.47
CA ASP D 287 5.11 40.53 -9.18
C ASP D 287 3.61 40.21 -9.12
N ASP D 288 3.25 38.92 -9.24
CA ASP D 288 1.84 38.52 -9.17
C ASP D 288 1.31 38.80 -7.78
N LEU D 289 2.02 38.36 -6.74
CA LEU D 289 1.59 38.54 -5.37
C LEU D 289 1.39 40.02 -5.02
N GLU D 290 2.30 40.91 -5.47
CA GLU D 290 2.19 42.34 -5.19
C GLU D 290 1.10 43.05 -6.00
N SER D 291 0.62 42.46 -7.10
CA SER D 291 -0.41 43.09 -7.93
C SER D 291 -1.76 42.37 -7.90
N ASN D 292 -1.90 41.26 -7.16
CA ASN D 292 -3.13 40.49 -7.13
C ASN D 292 -4.15 41.13 -6.18
N SER D 293 -5.29 41.58 -6.73
CA SER D 293 -6.36 42.23 -5.97
C SER D 293 -6.85 41.39 -4.80
N LYS D 294 -7.03 40.08 -5.00
CA LYS D 294 -7.52 39.21 -3.93
C LYS D 294 -6.53 39.17 -2.76
N GLU D 295 -5.23 39.07 -3.04
CA GLU D 295 -4.22 39.04 -1.96
C GLU D 295 -4.13 40.39 -1.27
N ILE D 296 -4.22 41.48 -2.03
CA ILE D 296 -4.14 42.83 -1.48
C ILE D 296 -5.30 43.10 -0.51
N VAL D 297 -6.54 42.75 -0.89
CA VAL D 297 -7.69 43.03 -0.01
C VAL D 297 -7.57 42.22 1.30
N GLU D 298 -7.19 40.93 1.20
CA GLU D 298 -7.07 40.09 2.39
C GLU D 298 -5.93 40.59 3.28
N HIS D 299 -4.84 41.06 2.68
CA HIS D 299 -3.74 41.59 3.46
C HIS D 299 -4.14 42.88 4.16
N ALA D 300 -4.77 43.84 3.44
CA ALA D 300 -5.16 45.12 4.03
C ALA D 300 -6.14 44.91 5.22
N ILE D 301 -7.10 44.01 5.06
CA ILE D 301 -8.08 43.71 6.11
C ILE D 301 -7.36 43.15 7.37
N SER D 302 -6.38 42.26 7.17
CA SER D 302 -5.64 41.68 8.29
C SER D 302 -4.77 42.76 8.97
N VAL D 303 -4.13 43.62 8.19
CA VAL D 303 -3.30 44.69 8.74
C VAL D 303 -4.16 45.63 9.58
N ARG D 304 -5.34 46.00 9.07
CA ARG D 304 -6.22 46.89 9.82
C ARG D 304 -6.67 46.26 11.12
N SER D 305 -6.99 44.96 11.10
CA SER D 305 -7.40 44.25 12.30
C SER D 305 -6.28 44.28 13.36
N SER D 306 -5.03 43.99 12.95
CA SER D 306 -3.90 43.96 13.88
C SER D 306 -3.61 45.34 14.42
N LEU D 307 -3.71 46.36 13.56
CA LEU D 307 -3.47 47.72 13.97
C LEU D 307 -4.51 48.17 14.98
N GLU D 308 -5.78 47.78 14.80
CA GLU D 308 -6.84 48.15 15.74
C GLU D 308 -6.58 47.50 17.10
N GLU D 309 -6.19 46.22 17.08
CA GLU D 309 -5.93 45.51 18.33
C GLU D 309 -4.71 46.10 19.06
N ILE D 310 -3.62 46.38 18.32
CA ILE D 310 -2.41 46.90 18.95
C ILE D 310 -2.65 48.32 19.50
N THR D 311 -3.46 49.12 18.80
CA THR D 311 -3.75 50.48 19.23
C THR D 311 -4.45 50.49 20.63
N ASP D 312 -5.22 49.44 20.95
CA ASP D 312 -5.90 49.32 22.24
C ASP D 312 -4.93 49.14 23.43
N ILE D 313 -3.74 48.60 23.20
CA ILE D 313 -2.76 48.42 24.29
C ILE D 313 -1.54 49.35 24.16
N ALA D 314 -1.50 50.20 23.12
CA ALA D 314 -0.38 51.05 22.85
C ALA D 314 -0.49 52.43 23.44
N GLU D 315 0.67 53.07 23.64
CA GLU D 315 0.78 54.49 23.98
C GLU D 315 0.14 55.29 22.86
N PRO D 316 -0.74 56.25 23.15
CA PRO D 316 -1.40 57.00 22.07
C PRO D 316 -0.40 57.60 21.06
N GLY D 317 -0.67 57.40 19.78
CA GLY D 317 0.17 57.93 18.71
C GLY D 317 1.42 57.11 18.40
N SER D 318 1.65 55.99 19.12
CA SER D 318 2.86 55.20 18.90
C SER D 318 2.69 54.08 17.85
N ALA D 319 1.45 53.73 17.47
CA ALA D 319 1.25 52.63 16.52
C ALA D 319 1.49 53.07 15.09
N ALA D 320 2.15 52.19 14.34
CA ALA D 320 2.45 52.44 12.93
C ALA D 320 2.64 51.15 12.15
N VAL D 321 2.38 51.20 10.85
CA VAL D 321 2.64 50.12 9.93
C VAL D 321 3.94 50.45 9.22
N ILE D 322 4.93 49.59 9.37
CA ILE D 322 6.23 49.76 8.73
C ILE D 322 6.34 48.70 7.60
N ASP D 323 6.97 49.06 6.47
CA ASP D 323 7.10 48.16 5.31
C ASP D 323 5.75 47.54 4.87
N PHE D 324 4.72 48.37 4.76
CA PHE D 324 3.38 47.95 4.39
C PHE D 324 3.33 47.16 3.09
N MET D 325 2.71 45.96 3.16
CA MET D 325 2.44 45.07 2.05
C MET D 325 3.67 44.86 1.16
N THR D 326 4.75 44.36 1.76
CA THR D 326 5.98 44.05 1.02
C THR D 326 6.18 42.55 1.00
N VAL D 327 6.88 42.06 -0.03
CA VAL D 327 7.13 40.63 -0.17
C VAL D 327 8.20 40.17 0.81
N ARG D 328 7.89 39.14 1.59
CA ARG D 328 8.77 38.55 2.56
C ARG D 328 9.20 37.18 2.07
N GLU D 329 10.47 37.02 1.71
CA GLU D 329 10.95 35.73 1.22
C GLU D 329 12.22 35.30 1.96
N VAL D 333 8.70 29.69 0.64
CA VAL D 333 7.55 30.38 0.07
C VAL D 333 7.63 31.87 0.37
N GLN D 334 7.03 32.68 -0.51
CA GLN D 334 7.04 34.12 -0.33
C GLN D 334 5.65 34.60 0.04
N HIS D 335 5.58 35.61 0.90
CA HIS D 335 4.31 36.12 1.40
C HIS D 335 4.21 37.64 1.35
N LEU D 336 2.99 38.17 1.41
CA LEU D 336 2.80 39.59 1.63
C LEU D 336 2.87 39.77 3.12
N GLY D 337 3.64 40.74 3.54
CA GLY D 337 3.78 41.01 4.96
C GLY D 337 3.81 42.48 5.26
N SER D 338 3.38 42.80 6.45
CA SER D 338 3.43 44.13 7.01
C SER D 338 3.90 44.00 8.43
N THR D 339 4.62 45.03 8.89
CA THR D 339 5.10 45.03 10.26
C THR D 339 4.36 46.08 11.01
N ILE D 340 3.60 45.71 12.03
CA ILE D 340 2.90 46.68 12.86
C ILE D 340 3.74 46.86 14.13
N ARG D 341 4.09 48.10 14.45
CA ARG D 341 4.92 48.38 15.62
C ARG D 341 4.24 49.43 16.49
N ALA D 342 4.43 49.34 17.80
CA ALA D 342 3.86 50.31 18.73
C ALA D 342 4.71 50.30 20.04
N ARG D 343 4.40 51.18 21.00
CA ARG D 343 5.01 51.18 22.33
C ARG D 343 3.93 50.77 23.31
N LEU D 344 4.23 49.85 24.19
CA LEU D 344 3.27 49.37 25.19
C LEU D 344 2.85 50.50 26.15
N ASP D 345 1.53 50.74 26.32
CA ASP D 345 1.07 51.80 27.21
C ASP D 345 1.43 51.49 28.67
N PRO D 346 1.81 52.49 29.49
CA PRO D 346 2.14 52.20 30.90
C PRO D 346 0.98 51.57 31.68
N SER D 347 -0.28 51.75 31.23
CA SER D 347 -1.43 51.12 31.90
C SER D 347 -1.66 49.66 31.45
N SER D 348 -0.97 49.22 30.39
CA SER D 348 -1.08 47.90 29.82
C SER D 348 0.15 47.03 30.23
N ASP D 349 0.20 45.79 29.75
CA ASP D 349 1.29 44.86 30.04
CA ASP D 349 1.23 44.81 30.08
C ASP D 349 1.42 43.85 28.88
N ARG D 350 2.53 43.07 28.84
CA ARG D 350 2.80 42.12 27.76
C ARG D 350 1.68 41.06 27.61
N MET D 351 1.01 40.65 28.70
CA MET D 351 -0.07 39.66 28.58
C MET D 351 -1.29 40.30 27.96
N ALA D 352 -1.56 41.58 28.25
CA ALA D 352 -2.68 42.28 27.62
C ALA D 352 -2.37 42.44 26.12
N ALA D 353 -1.09 42.64 25.75
CA ALA D 353 -0.70 42.72 24.33
C ALA D 353 -0.94 41.35 23.65
N LEU D 354 -0.50 40.25 24.28
CA LEU D 354 -0.72 38.92 23.71
C LEU D 354 -2.23 38.63 23.57
N GLU D 355 -2.97 38.88 24.64
CA GLU D 355 -4.42 38.67 24.63
C GLU D 355 -5.15 39.55 23.60
N ALA D 356 -4.70 40.82 23.41
CA ALA D 356 -5.28 41.74 22.43
C ALA D 356 -5.11 41.23 21.02
N LEU D 357 -4.00 40.52 20.74
CA LEU D 357 -3.75 40.03 19.40
C LEU D 357 -4.16 38.56 19.20
N PHE D 358 -4.87 37.98 20.18
CA PHE D 358 -5.23 36.57 20.17
C PHE D 358 -6.70 36.34 19.94
N PRO D 359 -7.08 35.23 19.29
CA PRO D 359 -6.21 34.35 18.48
C PRO D 359 -5.72 35.11 17.23
N ALA D 360 -4.62 34.68 16.61
CA ALA D 360 -4.12 35.35 15.40
C ALA D 360 -5.16 35.34 14.27
N VAL D 361 -5.32 36.44 13.48
CA VAL D 361 -6.26 36.46 12.32
C VAL D 361 -5.92 35.33 11.39
N THR D 362 -4.61 35.06 11.20
CA THR D 362 -4.08 34.06 10.29
C THR D 362 -4.75 32.71 10.46
N ALA D 363 -5.12 32.37 11.72
CA ALA D 363 -5.70 31.06 11.95
C ALA D 363 -7.09 31.14 12.63
N SER D 364 -7.78 32.31 12.55
CA SER D 364 -9.13 32.41 13.13
C SER D 364 -10.10 32.89 12.02
N GLY D 365 -10.21 34.20 11.79
CA GLY D 365 -11.09 34.69 10.76
C GLY D 365 -11.35 36.18 10.85
N ILE D 366 -12.21 36.65 9.97
CA ILE D 366 -12.59 38.05 9.87
C ILE D 366 -14.10 38.16 9.71
N PRO D 367 -14.81 38.92 10.54
CA PRO D 367 -14.35 39.54 11.80
C PRO D 367 -13.94 38.42 12.77
N LYS D 368 -12.98 38.71 13.64
CA LYS D 368 -12.44 37.70 14.54
C LYS D 368 -13.47 37.02 15.42
N ALA D 369 -14.39 37.78 16.04
CA ALA D 369 -15.42 37.20 16.91
C ALA D 369 -16.28 36.16 16.15
N ALA D 370 -16.72 36.47 14.92
CA ALA D 370 -17.56 35.55 14.15
C ALA D 370 -16.73 34.35 13.64
N GLY D 371 -15.46 34.57 13.33
CA GLY D 371 -14.59 33.51 12.89
C GLY D 371 -14.34 32.52 14.03
N VAL D 372 -14.08 33.02 15.24
CA VAL D 372 -13.90 32.17 16.41
C VAL D 372 -15.21 31.39 16.69
N GLU D 373 -16.37 32.06 16.61
CA GLU D 373 -17.65 31.37 16.86
C GLU D 373 -17.86 30.27 15.79
N ALA D 374 -17.53 30.55 14.52
CA ALA D 374 -17.68 29.56 13.45
C ALA D 374 -16.78 28.37 13.66
N ILE D 375 -15.56 28.59 14.18
CA ILE D 375 -14.64 27.49 14.47
C ILE D 375 -15.24 26.56 15.57
N PHE D 376 -15.93 27.11 16.57
CA PHE D 376 -16.60 26.25 17.59
C PHE D 376 -17.62 25.29 16.92
N ARG D 377 -18.28 25.72 15.84
CA ARG D 377 -19.29 24.89 15.18
C ARG D 377 -18.76 24.03 14.04
N LEU D 378 -17.80 24.53 13.30
CA LEU D 378 -17.35 23.89 12.07
C LEU D 378 -15.97 23.26 12.13
N ASP D 379 -15.31 23.27 13.31
CA ASP D 379 -14.00 22.64 13.48
C ASP D 379 -14.03 21.67 14.67
N GLU D 380 -13.05 20.76 14.76
CA GLU D 380 -12.94 19.84 15.91
C GLU D 380 -12.42 20.65 17.10
N CYS D 381 -13.24 20.81 18.14
CA CYS D 381 -12.86 21.60 19.30
C CYS D 381 -12.78 20.77 20.57
N PRO D 382 -11.90 21.14 21.53
CA PRO D 382 -11.00 22.31 21.49
C PRO D 382 -9.81 22.10 20.57
N ARG D 383 -9.30 23.21 20.00
CA ARG D 383 -8.11 23.13 19.16
C ARG D 383 -6.86 22.89 20.01
N GLY D 384 -6.85 23.40 21.25
CA GLY D 384 -5.71 23.24 22.13
C GLY D 384 -4.50 23.99 21.62
N LEU D 385 -3.36 23.29 21.47
CA LEU D 385 -2.15 23.97 21.02
C LEU D 385 -2.27 24.49 19.59
N TYR D 386 -2.97 23.74 18.72
CA TYR D 386 -3.11 24.15 17.32
C TYR D 386 -3.74 25.53 17.19
N SER D 387 -3.05 26.43 16.50
CA SER D 387 -3.44 27.83 16.27
C SER D 387 -3.38 28.69 17.56
N GLY D 388 -2.79 28.15 18.64
CA GLY D 388 -2.46 28.92 19.83
C GLY D 388 -1.03 29.44 19.65
N ALA D 389 -0.25 29.53 20.75
CA ALA D 389 1.12 30.00 20.64
C ALA D 389 2.05 29.23 21.57
N VAL D 390 3.33 29.23 21.22
CA VAL D 390 4.40 28.75 22.10
C VAL D 390 5.14 30.03 22.50
N VAL D 391 5.42 30.22 23.81
CA VAL D 391 5.92 31.49 24.29
C VAL D 391 7.18 31.37 25.12
N MET D 392 7.97 32.48 25.08
CA MET D 392 9.18 32.65 25.88
C MET D 392 9.09 34.05 26.48
N LEU D 393 9.11 34.14 27.82
CA LEU D 393 9.00 35.41 28.53
C LEU D 393 10.28 35.67 29.30
N SER D 394 10.64 36.95 29.45
CA SER D 394 11.86 37.30 30.17
C SER D 394 11.55 38.27 31.30
N ALA D 395 12.34 38.22 32.37
CA ALA D 395 12.15 39.06 33.55
C ALA D 395 12.21 40.55 33.21
N ASP D 396 12.96 40.93 32.17
CA ASP D 396 13.05 42.35 31.79
C ASP D 396 11.79 42.86 31.03
N GLY D 397 10.74 42.05 30.92
CA GLY D 397 9.52 42.45 30.23
C GLY D 397 9.34 41.87 28.85
N GLY D 398 10.36 41.15 28.35
CA GLY D 398 10.27 40.55 27.03
C GLY D 398 9.24 39.45 26.89
N LEU D 399 8.69 39.33 25.69
CA LEU D 399 7.74 38.27 25.33
CA LEU D 399 7.73 38.29 25.33
C LEU D 399 7.96 37.92 23.87
N ASP D 400 8.02 36.64 23.56
CA ASP D 400 8.16 36.17 22.19
C ASP D 400 7.11 35.08 22.03
N ALA D 401 6.14 35.27 21.13
CA ALA D 401 5.05 34.29 20.98
C ALA D 401 4.90 33.88 19.54
N ALA D 402 5.14 32.59 19.25
CA ALA D 402 5.09 32.02 17.92
C ALA D 402 3.72 31.36 17.66
N LEU D 403 3.12 31.59 16.49
CA LEU D 403 1.83 30.98 16.14
C LEU D 403 2.02 29.49 15.87
N THR D 404 1.29 28.63 16.60
CA THR D 404 1.46 27.18 16.48
C THR D 404 0.69 26.61 15.29
N LEU D 405 1.40 26.43 14.19
CA LEU D 405 0.94 25.80 12.96
C LEU D 405 2.09 24.95 12.44
N ARG D 406 1.80 23.98 11.54
CA ARG D 406 2.84 23.06 11.01
C ARG D 406 3.50 22.33 12.19
N ALA D 407 2.63 21.74 13.02
CA ALA D 407 3.04 21.08 14.24
C ALA D 407 2.44 19.68 14.39
N ALA D 408 3.11 18.84 15.19
CA ALA D 408 2.65 17.51 15.54
C ALA D 408 2.45 17.45 17.06
N TYR D 409 1.51 16.62 17.51
CA TYR D 409 1.15 16.51 18.92
C TYR D 409 0.95 15.08 19.34
N GLN D 410 1.20 14.82 20.62
CA GLN D 410 0.91 13.52 21.19
C GLN D 410 0.36 13.74 22.58
N VAL D 411 -0.86 13.25 22.84
CA VAL D 411 -1.51 13.36 24.15
C VAL D 411 -2.36 12.15 24.36
N GLY D 412 -2.29 11.53 25.54
CA GLY D 412 -3.10 10.37 25.88
C GLY D 412 -3.08 9.22 24.90
N GLY D 413 -1.89 8.85 24.39
CA GLY D 413 -1.76 7.73 23.46
C GLY D 413 -2.16 8.05 22.02
N ARG D 414 -2.56 9.31 21.77
CA ARG D 414 -3.00 9.74 20.45
C ARG D 414 -1.95 10.66 19.82
N THR D 415 -1.55 10.39 18.59
CA THR D 415 -0.60 11.23 17.86
C THR D 415 -1.30 11.82 16.65
N TRP D 416 -1.16 13.12 16.44
CA TRP D 416 -1.83 13.71 15.32
C TRP D 416 -1.14 14.92 14.76
N LEU D 417 -1.48 15.17 13.49
CA LEU D 417 -1.13 16.33 12.74
C LEU D 417 -2.39 17.19 12.58
N ARG D 418 -2.24 18.46 12.19
CA ARG D 418 -3.41 19.29 11.98
C ARG D 418 -3.07 20.43 11.09
N ALA D 419 -3.87 20.62 10.04
CA ALA D 419 -3.63 21.72 9.12
C ALA D 419 -4.96 22.28 8.63
N GLY D 420 -4.96 23.56 8.35
CA GLY D 420 -6.15 24.27 7.91
C GLY D 420 -5.90 25.22 6.78
N ALA D 421 -6.95 25.93 6.37
CA ALA D 421 -6.86 26.87 5.28
C ALA D 421 -7.87 28.01 5.47
N GLY D 422 -7.55 29.18 4.94
CA GLY D 422 -8.43 30.33 4.98
C GLY D 422 -9.53 30.18 3.94
N ILE D 423 -10.77 30.25 4.39
CA ILE D 423 -11.94 30.11 3.53
C ILE D 423 -12.61 31.44 3.35
N ILE D 424 -12.83 31.85 2.09
CA ILE D 424 -13.48 33.09 1.72
C ILE D 424 -14.64 32.75 0.76
N GLU D 425 -15.42 33.74 0.34
CA GLU D 425 -16.61 33.51 -0.49
C GLU D 425 -16.29 32.66 -1.76
N GLU D 426 -15.11 32.85 -2.36
CA GLU D 426 -14.78 32.17 -3.62
C GLU D 426 -14.09 30.83 -3.45
N SER D 427 -13.85 30.38 -2.19
CA SER D 427 -13.14 29.12 -1.93
C SER D 427 -13.88 27.89 -2.43
N GLU D 428 -13.11 26.87 -2.81
CA GLU D 428 -13.66 25.60 -3.30
C GLU D 428 -13.17 24.47 -2.40
N PRO D 429 -14.07 23.58 -1.96
CA PRO D 429 -13.68 22.52 -1.03
C PRO D 429 -12.50 21.66 -1.49
N GLU D 430 -12.44 21.31 -2.78
CA GLU D 430 -11.35 20.48 -3.28
C GLU D 430 -10.01 21.20 -3.21
N ARG D 431 -9.95 22.47 -3.64
CA ARG D 431 -8.70 23.25 -3.57
C ARG D 431 -8.29 23.43 -2.09
N GLU D 432 -9.25 23.67 -1.21
CA GLU D 432 -8.95 23.87 0.21
C GLU D 432 -8.40 22.59 0.83
N PHE D 433 -8.92 21.42 0.43
CA PHE D 433 -8.41 20.14 0.93
C PHE D 433 -6.95 19.96 0.44
N GLU D 434 -6.68 20.31 -0.83
CA GLU D 434 -5.34 20.24 -1.39
C GLU D 434 -4.38 21.19 -0.62
N GLU D 435 -4.86 22.38 -0.24
CA GLU D 435 -4.03 23.32 0.53
C GLU D 435 -3.64 22.72 1.87
N THR D 436 -4.57 21.98 2.53
CA THR D 436 -4.21 21.32 3.80
C THR D 436 -3.16 20.23 3.56
N CYS D 437 -3.22 19.51 2.41
CA CYS D 437 -2.22 18.50 2.07
C CYS D 437 -0.84 19.16 1.92
N GLU D 438 -0.79 20.33 1.27
CA GLU D 438 0.45 21.08 1.08
C GLU D 438 1.01 21.49 2.44
N LYS D 439 0.16 21.99 3.34
CA LYS D 439 0.63 22.40 4.66
C LYS D 439 1.08 21.18 5.50
N LEU D 440 0.39 20.05 5.36
CA LEU D 440 0.78 18.84 6.07
C LEU D 440 2.13 18.30 5.57
N SER D 441 2.47 18.55 4.30
CA SER D 441 3.71 18.10 3.65
C SER D 441 4.96 18.72 4.30
N THR D 442 4.81 19.73 5.17
CA THR D 442 5.91 20.26 5.99
C THR D 442 6.42 19.18 6.95
N LEU D 443 5.53 18.24 7.36
CA LEU D 443 5.83 17.20 8.34
C LEU D 443 5.69 15.77 7.82
N THR D 444 4.68 15.49 6.96
CA THR D 444 4.39 14.11 6.54
C THR D 444 5.59 13.34 5.94
N PRO D 445 6.56 13.92 5.20
CA PRO D 445 7.69 13.10 4.70
C PRO D 445 8.78 12.87 5.77
N TYR D 446 8.63 13.44 6.99
CA TYR D 446 9.69 13.47 8.00
C TYR D 446 9.31 12.88 9.34
N LEU D 447 8.30 12.02 9.39
CA LEU D 447 7.91 11.41 10.67
C LEU D 447 8.79 10.22 11.00
N VAL D 448 9.55 10.30 12.09
CA VAL D 448 10.42 9.21 12.51
C VAL D 448 9.66 8.40 13.54
N ALA D 449 9.44 7.12 13.27
CA ALA D 449 8.74 6.25 14.20
C ALA D 449 9.52 6.07 15.50
N ARG D 450 8.81 5.92 16.61
CA ARG D 450 9.41 5.64 17.89
C ARG D 450 9.97 4.22 17.90
N GLN D 451 11.14 3.99 18.51
CA GLN D 451 11.66 2.62 18.65
C GLN D 451 11.06 1.98 19.92
OAD 0GA E . 8.90 -34.30 -14.55
CAL 0GA E . 7.96 -35.08 -14.26
OAB 0GA E . 8.07 -36.14 -13.54
CAN 0GA E . 6.61 -34.68 -14.79
CAG 0GA E . 5.59 -35.48 -14.55
CAA 0GA E . 4.18 -35.29 -15.05
OAK 0GA E . 6.68 -33.37 -15.22
CAP 0GA E . 6.48 -32.31 -14.33
CAI 0GA E . 6.63 -32.47 -12.96
CAH 0GA E . 6.81 -31.35 -12.15
CAJ 0GA E . 6.82 -30.07 -12.70
CAO 0GA E . 6.48 -31.02 -14.90
OAF 0GA E . 6.32 -30.90 -16.23
CAQ 0GA E . 6.65 -29.90 -14.07
CAM 0GA E . 6.56 -28.51 -14.67
OAC 0GA E . 6.63 -27.53 -13.88
OAE 0GA E . 6.45 -28.39 -15.91
C1 GOL F . 3.64 -7.52 -22.00
O1 GOL F . 2.98 -6.41 -21.42
C2 GOL F . 3.54 -8.72 -21.09
O2 GOL F . 2.14 -8.98 -20.85
C3 GOL F . 4.25 -8.49 -19.77
O3 GOL F . 4.56 -9.73 -19.12
CAC FLC G . -28.27 -16.83 -28.36
CA FLC G . -27.43 -15.64 -28.80
CB FLC G . -26.02 -16.02 -29.31
CBC FLC G . -26.15 -16.63 -30.72
CG FLC G . -25.18 -14.75 -29.43
CGC FLC G . -25.09 -13.95 -28.14
OA1 FLC G . -28.64 -17.64 -29.24
OA2 FLC G . -28.56 -16.92 -27.14
OB1 FLC G . -25.49 -17.66 -30.96
OB2 FLC G . -26.88 -16.01 -31.52
OG1 FLC G . -25.31 -12.70 -28.17
OG2 FLC G . -24.78 -14.59 -27.12
OHB FLC G . -25.43 -16.95 -28.40
C1 GOL H . -22.54 -7.40 -28.78
O1 GOL H . -23.58 -8.36 -28.86
C2 GOL H . -21.40 -7.78 -29.68
O2 GOL H . -21.85 -7.98 -31.03
C3 GOL H . -20.24 -6.83 -29.62
O3 GOL H . -19.06 -7.61 -29.61
OAD 0GA I . 2.17 27.60 -31.29
CAL 0GA I . 2.28 26.65 -30.47
OAB 0GA I . 3.23 26.51 -29.65
CAN 0GA I . 1.24 25.54 -30.41
CAG 0GA I . 0.20 25.56 -31.22
CAA 0GA I . -0.93 24.56 -31.23
OAK 0GA I . 1.78 24.51 -29.69
CAP 0GA I . 2.57 23.55 -30.32
CAI 0GA I . 3.19 23.78 -31.55
CAH 0GA I . 4.20 22.94 -31.99
CAJ 0GA I . 4.61 21.86 -31.21
CAO 0GA I . 2.99 22.49 -29.52
OAF 0GA I . 2.43 22.34 -28.31
CAQ 0GA I . 4.02 21.62 -29.97
CAM 0GA I . 4.42 20.42 -29.15
OAC 0GA I . 5.25 19.63 -29.64
OAE 0GA I . 3.89 20.27 -28.02
C1 GOL J . 10.60 1.10 -19.53
O1 GOL J . 10.84 -0.18 -20.07
C2 GOL J . 10.26 2.08 -20.64
O2 GOL J . 9.17 1.56 -21.41
C3 GOL J . 11.45 2.37 -21.53
O3 GOL J . 11.30 3.61 -22.23
N NH4 K . -18.22 17.84 -19.63
OAD 0GA L . -2.31 -28.15 31.18
CAL 0GA L . -2.76 -27.03 30.87
OAB 0GA L . -3.80 -26.84 30.18
CAN 0GA L . -2.03 -25.80 31.30
CAG 0GA L . -0.90 -25.95 31.96
CAA 0GA L . -0.07 -24.84 32.54
OAK 0GA L . -2.60 -24.73 30.65
CAP 0GA L . -2.14 -24.33 29.38
CAI 0GA L . -1.43 -25.18 28.55
CAH 0GA L . -1.32 -24.91 27.19
CAJ 0GA L . -1.90 -23.76 26.66
CAO 0GA L . -2.73 -23.17 28.86
OAF 0GA L . -3.41 -22.35 29.69
CAQ 0GA L . -2.60 -22.88 27.48
CAM 0GA L . -3.18 -21.59 26.92
OAC 0GA L . -2.96 -21.31 25.72
OAE 0GA L . -3.88 -20.87 27.67
C1 GOL M . -9.32 -2.12 17.57
O1 GOL M . -8.69 -1.30 16.61
C2 GOL M . -8.49 -3.36 17.84
O2 GOL M . -7.16 -2.95 18.19
C3 GOL M . -8.43 -4.29 16.65
O3 GOL M . -8.02 -5.60 17.03
N NH4 N . 11.50 7.94 30.82
N NH4 O . 9.24 19.54 41.80
OAD 0GA P . -1.58 29.99 4.60
CAL 0GA P . -1.21 31.07 5.12
OAB 0GA P . -1.54 32.22 4.74
CAN 0GA P . -0.34 30.95 6.33
CAG 0GA P . 0.02 32.03 6.98
CAA 0GA P . 0.97 32.08 8.15
OAK 0GA P . -0.32 29.61 6.65
CAP 0GA P . -1.26 29.08 7.57
CAI 0GA P . -2.48 29.70 7.80
CAH 0GA P . -3.52 28.97 8.36
CAJ 0GA P . -3.35 27.64 8.71
CAO 0GA P . -1.07 27.74 7.91
OAF 0GA P . 0.14 27.18 7.70
CAQ 0GA P . -2.13 27.01 8.48
CAM 0GA P . -1.92 25.58 8.93
OAC 0GA P . -2.86 25.00 9.52
OAE 0GA P . -0.82 25.03 8.70
C1 GOL Q . 0.29 7.19 18.21
O1 GOL Q . 0.04 7.55 19.55
C2 GOL Q . -0.71 6.18 17.72
O2 GOL Q . -0.58 4.99 18.50
C3 GOL Q . -2.14 6.69 17.75
O3 GOL Q . -2.29 7.96 17.11
CAC FLC R . 21.06 19.83 40.10
CA FLC R . 20.79 18.39 39.73
CB FLC R . 20.69 18.11 38.22
CBC FLC R . 22.11 18.08 37.61
CG FLC R . 20.05 16.73 37.98
CGC FLC R . 18.71 16.52 38.66
OA1 FLC R . 22.13 20.35 39.71
OA2 FLC R . 20.18 20.44 40.75
OB1 FLC R . 22.30 18.68 36.55
OB2 FLC R . 22.94 17.38 38.22
OG1 FLC R . 18.53 15.44 39.28
OG2 FLC R . 17.86 17.44 38.57
OHB FLC R . 19.90 19.12 37.61
#